data_1CE0
# 
_entry.id   1CE0 
# 
_audit_conform.dict_name       mmcif_pdbx.dic 
_audit_conform.dict_version    5.375 
_audit_conform.dict_location   http://mmcif.pdb.org/dictionaries/ascii/mmcif_pdbx.dic 
# 
loop_
_database_2.database_id 
_database_2.database_code 
_database_2.pdbx_database_accession 
_database_2.pdbx_DOI 
PDB   1CE0         pdb_00001ce0 10.2210/pdb1ce0/pdb 
RCSB  RCSB000636   ?            ?                   
WWPDB D_1000000636 ?            ?                   
# 
_pdbx_database_status.status_code                     REL 
_pdbx_database_status.entry_id                        1CE0 
_pdbx_database_status.recvd_initial_deposition_date   1999-03-12 
_pdbx_database_status.deposit_site                    BNL 
_pdbx_database_status.process_site                    RCSB 
_pdbx_database_status.SG_entry                        . 
_pdbx_database_status.pdb_format_compatible           Y 
_pdbx_database_status.status_code_mr                  ? 
_pdbx_database_status.status_code_sf                  ? 
_pdbx_database_status.status_code_cs                  ? 
_pdbx_database_status.methods_development_category    ? 
_pdbx_database_status.status_code_nmr_data            ? 
# 
loop_
_audit_author.name 
_audit_author.pdbx_ordinal 
'Shu, W.' 1 
'Ji, H.'  2 
'Lu, M.'  3 
# 
loop_
_citation.id 
_citation.title 
_citation.journal_abbrev 
_citation.journal_volume 
_citation.page_first 
_citation.page_last 
_citation.year 
_citation.journal_id_ASTM 
_citation.country 
_citation.journal_id_ISSN 
_citation.journal_id_CSD 
_citation.book_publisher 
_citation.pdbx_database_id_PubMed 
_citation.pdbx_database_id_DOI 
primary 'Trimerization specificity in HIV-1 gp41: analysis with a GCN4 leucine zipper model.' Biochemistry           38  5378  
5385  1999 BICHAW US 0006-2960 0033 ? 10220324 10.1021/bi990199w        
1       'X-ray structure of the GCN4 leucine zipper, a two-stranded, parallel coiled coil.'   Science                254 539   544 
1991 SCIEAS US 0036-8075 0038 ? 1948029  10.1126/science.1948029  
2       'Atomic structure of a thermostable subdomain of HIV-1 gp41.'                         Proc.Natl.Acad.Sci.USA 94  12303 
12308 1997 PNASA6 US 0027-8424 0040 ? 9356444  10.1073/pnas.94.23.12303 
# 
loop_
_citation_author.citation_id 
_citation_author.name 
_citation_author.ordinal 
_citation_author.identifier_ORCID 
primary 'Shu, W.'      1  ? 
primary 'Ji, H.'       2  ? 
primary 'Lu, M.'       3  ? 
1       
;O'Shea, E.K.
;
4  ? 
1       'Klemm, J.D.'  5  ? 
1       'Kim, P.S.'    6  ? 
1       'Alber, T.'    7  ? 
2       'Tan, K.'      8  ? 
2       'Liu, J.'      9  ? 
2       'Wang, J.'     10 ? 
2       'Shen, S.'     11 ? 
2       'Lu, M.'       12 ? 
# 
_cell.entry_id           1CE0 
_cell.length_a           50.785 
_cell.length_b           50.785 
_cell.length_c           119.251 
_cell.angle_alpha        90.00 
_cell.angle_beta         90.00 
_cell.angle_gamma        120.00 
_cell.Z_PDB              18 
_cell.pdbx_unique_axis   ? 
# 
_symmetry.entry_id                         1CE0 
_symmetry.space_group_name_H-M             'P 61' 
_symmetry.pdbx_full_space_group_name_H-M   ? 
_symmetry.cell_setting                     hexagonal 
_symmetry.Int_Tables_number                169 
# 
loop_
_entity.id 
_entity.type 
_entity.src_method 
_entity.pdbx_description 
_entity.formula_weight 
_entity.pdbx_number_of_molecules 
_entity.pdbx_ec 
_entity.pdbx_mutation 
_entity.pdbx_fragment 
_entity.details 
1 polymer man 'PROTEIN (LEUCINE ZIPPER MODEL H38-P1)' 4529.289 3  ? ? ? ? 
2 water   nat water                                   18.015   78 ? ? ? ? 
# 
_entity_poly.entity_id                      1 
_entity_poly.type                           'polypeptide(L)' 
_entity_poly.nstd_linkage                   no 
_entity_poly.nstd_monomer                   no 
_entity_poly.pdbx_seq_one_letter_code       RLLQRIKQQEDKLEETLSKIYHLENEIARVKKLLGER 
_entity_poly.pdbx_seq_one_letter_code_can   RLLQRIKQQEDKLEETLSKIYHLENEIARVKKLLGER 
_entity_poly.pdbx_strand_id                 A,B,C 
_entity_poly.pdbx_target_identifier         ? 
# 
loop_
_entity_poly_seq.entity_id 
_entity_poly_seq.num 
_entity_poly_seq.mon_id 
_entity_poly_seq.hetero 
1 1  ARG n 
1 2  LEU n 
1 3  LEU n 
1 4  GLN n 
1 5  ARG n 
1 6  ILE n 
1 7  LYS n 
1 8  GLN n 
1 9  GLN n 
1 10 GLU n 
1 11 ASP n 
1 12 LYS n 
1 13 LEU n 
1 14 GLU n 
1 15 GLU n 
1 16 THR n 
1 17 LEU n 
1 18 SER n 
1 19 LYS n 
1 20 ILE n 
1 21 TYR n 
1 22 HIS n 
1 23 LEU n 
1 24 GLU n 
1 25 ASN n 
1 26 GLU n 
1 27 ILE n 
1 28 ALA n 
1 29 ARG n 
1 30 VAL n 
1 31 LYS n 
1 32 LYS n 
1 33 LEU n 
1 34 LEU n 
1 35 GLY n 
1 36 GLU n 
1 37 ARG n 
# 
_entity_src_gen.entity_id                          1 
_entity_src_gen.pdbx_src_id                        1 
_entity_src_gen.pdbx_alt_source_flag               sample 
_entity_src_gen.pdbx_seq_type                      ? 
_entity_src_gen.pdbx_beg_seq_num                   ? 
_entity_src_gen.pdbx_end_seq_num                   ? 
_entity_src_gen.gene_src_common_name               ? 
_entity_src_gen.gene_src_genus                     Lentivirus 
_entity_src_gen.pdbx_gene_src_gene                 ? 
_entity_src_gen.gene_src_species                   ? 
_entity_src_gen.gene_src_strain                    ? 
_entity_src_gen.gene_src_tissue                    ? 
_entity_src_gen.gene_src_tissue_fraction           ? 
_entity_src_gen.gene_src_details                   ? 
_entity_src_gen.pdbx_gene_src_fragment             ? 
_entity_src_gen.pdbx_gene_src_scientific_name      'Human immunodeficiency virus 1' 
_entity_src_gen.pdbx_gene_src_ncbi_taxonomy_id     11676 
_entity_src_gen.pdbx_gene_src_variant              ? 
_entity_src_gen.pdbx_gene_src_cell_line            ? 
_entity_src_gen.pdbx_gene_src_atcc                 ? 
_entity_src_gen.pdbx_gene_src_organ                ? 
_entity_src_gen.pdbx_gene_src_organelle            ? 
_entity_src_gen.pdbx_gene_src_cell                 ? 
_entity_src_gen.pdbx_gene_src_cellular_location    ? 
_entity_src_gen.host_org_common_name               ? 
_entity_src_gen.pdbx_host_org_scientific_name      'Escherichia coli' 
_entity_src_gen.pdbx_host_org_ncbi_taxonomy_id     562 
_entity_src_gen.host_org_genus                     Escherichia 
_entity_src_gen.pdbx_host_org_gene                 ? 
_entity_src_gen.pdbx_host_org_organ                ? 
_entity_src_gen.host_org_species                   ? 
_entity_src_gen.pdbx_host_org_tissue               ? 
_entity_src_gen.pdbx_host_org_tissue_fraction      ? 
_entity_src_gen.pdbx_host_org_strain               'BL21(PLYS)' 
_entity_src_gen.pdbx_host_org_variant              ? 
_entity_src_gen.pdbx_host_org_cell_line            ? 
_entity_src_gen.pdbx_host_org_atcc                 ? 
_entity_src_gen.pdbx_host_org_culture_collection   ? 
_entity_src_gen.pdbx_host_org_cell                 ? 
_entity_src_gen.pdbx_host_org_organelle            ? 
_entity_src_gen.pdbx_host_org_cellular_location    ? 
_entity_src_gen.pdbx_host_org_vector_type          ? 
_entity_src_gen.pdbx_host_org_vector               ? 
_entity_src_gen.host_org_details                   ? 
_entity_src_gen.expression_system_id               ? 
_entity_src_gen.plasmid_name                       PH38-P1 
_entity_src_gen.plasmid_details                    ? 
_entity_src_gen.pdbx_description                   'SYNTHETIC GENE' 
# 
_struct_ref.id                         1 
_struct_ref.db_name                    UNP 
_struct_ref.db_code                    Q7SIH0_9HIV1 
_struct_ref.pdbx_db_accession          Q7SIH0 
_struct_ref.entity_id                  1 
_struct_ref.pdbx_align_begin           1 
_struct_ref.pdbx_db_isoform            ? 
_struct_ref.pdbx_seq_one_letter_code   ? 
# 
loop_
_struct_ref_seq.align_id 
_struct_ref_seq.ref_id 
_struct_ref_seq.pdbx_PDB_id_code 
_struct_ref_seq.pdbx_strand_id 
_struct_ref_seq.seq_align_beg 
_struct_ref_seq.pdbx_seq_align_beg_ins_code 
_struct_ref_seq.seq_align_end 
_struct_ref_seq.pdbx_seq_align_end_ins_code 
_struct_ref_seq.pdbx_db_accession 
_struct_ref_seq.db_align_beg 
_struct_ref_seq.pdbx_db_align_beg_ins_code 
_struct_ref_seq.db_align_end 
_struct_ref_seq.pdbx_db_align_end_ins_code 
_struct_ref_seq.pdbx_auth_seq_align_beg 
_struct_ref_seq.pdbx_auth_seq_align_end 
1 1 1CE0 A 1 ? 37 ? Q7SIH0 1 ? 37 ? 1 37 
2 1 1CE0 B 1 ? 37 ? Q7SIH0 1 ? 37 ? 1 37 
3 1 1CE0 C 1 ? 37 ? Q7SIH0 1 ? 37 ? 1 37 
# 
loop_
_chem_comp.id 
_chem_comp.type 
_chem_comp.mon_nstd_flag 
_chem_comp.name 
_chem_comp.pdbx_synonyms 
_chem_comp.formula 
_chem_comp.formula_weight 
ALA 'L-peptide linking' y ALANINE         ? 'C3 H7 N O2'     89.093  
ARG 'L-peptide linking' y ARGININE        ? 'C6 H15 N4 O2 1' 175.209 
ASN 'L-peptide linking' y ASPARAGINE      ? 'C4 H8 N2 O3'    132.118 
ASP 'L-peptide linking' y 'ASPARTIC ACID' ? 'C4 H7 N O4'     133.103 
GLN 'L-peptide linking' y GLUTAMINE       ? 'C5 H10 N2 O3'   146.144 
GLU 'L-peptide linking' y 'GLUTAMIC ACID' ? 'C5 H9 N O4'     147.129 
GLY 'peptide linking'   y GLYCINE         ? 'C2 H5 N O2'     75.067  
HIS 'L-peptide linking' y HISTIDINE       ? 'C6 H10 N3 O2 1' 156.162 
HOH non-polymer         . WATER           ? 'H2 O'           18.015  
ILE 'L-peptide linking' y ISOLEUCINE      ? 'C6 H13 N O2'    131.173 
LEU 'L-peptide linking' y LEUCINE         ? 'C6 H13 N O2'    131.173 
LYS 'L-peptide linking' y LYSINE          ? 'C6 H15 N2 O2 1' 147.195 
SER 'L-peptide linking' y SERINE          ? 'C3 H7 N O3'     105.093 
THR 'L-peptide linking' y THREONINE       ? 'C4 H9 N O3'     119.119 
TYR 'L-peptide linking' y TYROSINE        ? 'C9 H11 N O3'    181.189 
VAL 'L-peptide linking' y VALINE          ? 'C5 H11 N O2'    117.146 
# 
_exptl.entry_id          1CE0 
_exptl.method            'X-RAY DIFFRACTION' 
_exptl.crystals_number   1 
# 
_exptl_crystal.id                    1 
_exptl_crystal.density_meas          ? 
_exptl_crystal.density_Matthews      3.27 
_exptl_crystal.density_percent_sol   69.7 
_exptl_crystal.description           ? 
# 
_exptl_crystal_grow.crystal_id      1 
_exptl_crystal_grow.method          ? 
_exptl_crystal_grow.temp            ? 
_exptl_crystal_grow.temp_details    ? 
_exptl_crystal_grow.pH              7.5 
_exptl_crystal_grow.pdbx_details    'pH 7.5' 
_exptl_crystal_grow.pdbx_pH_range   . 
# 
_diffrn.id                     1 
_diffrn.ambient_temp           100 
_diffrn.ambient_temp_details   ? 
_diffrn.crystal_id             1 
# 
_diffrn_detector.diffrn_id              1 
_diffrn_detector.detector               'IMAGE PLATE' 
_diffrn_detector.type                   MARRESEARCH 
_diffrn_detector.pdbx_collection_date   1998-10-15 
_diffrn_detector.details                'REFOCUSSING MIRROR, RH WORKING SURFACE' 
# 
_diffrn_radiation.diffrn_id                        1 
_diffrn_radiation.wavelength_id                    1 
_diffrn_radiation.pdbx_monochromatic_or_laue_m_l   M 
_diffrn_radiation.monochromator                    'DOUBLE-CRYSTAL, FIXED-EXIT SI-III MONOCHROMATOR' 
_diffrn_radiation.pdbx_diffrn_protocol             'SINGLE WAVELENGTH' 
_diffrn_radiation.pdbx_scattering_type             x-ray 
# 
_diffrn_radiation_wavelength.id           1 
_diffrn_radiation_wavelength.wavelength   0.978 
_diffrn_radiation_wavelength.wt           1.0 
# 
_diffrn_source.diffrn_id                   1 
_diffrn_source.source                      SYNCHROTRON 
_diffrn_source.type                        'NSLS BEAMLINE X12B' 
_diffrn_source.pdbx_synchrotron_site       NSLS 
_diffrn_source.pdbx_synchrotron_beamline   X12B 
_diffrn_source.pdbx_wavelength             0.978 
_diffrn_source.pdbx_wavelength_list        ? 
# 
_reflns.entry_id                     1CE0 
_reflns.observed_criterion_sigma_I   -3 
_reflns.observed_criterion_sigma_F   ? 
_reflns.d_resolution_low             30.0 
_reflns.d_resolution_high            2.4 
_reflns.number_obs                   6765 
_reflns.number_all                   ? 
_reflns.percent_possible_obs         98.8 
_reflns.pdbx_Rmerge_I_obs            0.039 
_reflns.pdbx_Rsym_value              0.039 
_reflns.pdbx_netI_over_sigmaI        20.4 
_reflns.B_iso_Wilson_estimate        ? 
_reflns.pdbx_redundancy              3.3 
_reflns.R_free_details               ? 
_reflns.pdbx_diffrn_id               1 
_reflns.pdbx_ordinal                 1 
# 
_reflns_shell.d_res_high             2.4 
_reflns_shell.d_res_low              2.49 
_reflns_shell.percent_possible_all   99.8 
_reflns_shell.Rmerge_I_obs           0.097 
_reflns_shell.pdbx_Rsym_value        0.097 
_reflns_shell.meanI_over_sigI_obs    10.5 
_reflns_shell.pdbx_redundancy        3.3 
_reflns_shell.percent_possible_obs   ? 
_reflns_shell.number_unique_all      ? 
_reflns_shell.pdbx_diffrn_id         ? 
_reflns_shell.pdbx_ordinal           1 
# 
_refine.entry_id                                 1CE0 
_refine.ls_number_reflns_obs                     6559 
_refine.ls_number_reflns_all                     ? 
_refine.pdbx_ls_sigma_I                          ? 
_refine.pdbx_ls_sigma_F                          2.0 
_refine.pdbx_data_cutoff_high_absF               ? 
_refine.pdbx_data_cutoff_low_absF                ? 
_refine.pdbx_data_cutoff_high_rms_absF           ? 
_refine.ls_d_res_low                             8.0 
_refine.ls_d_res_high                            2.4 
_refine.ls_percent_reflns_obs                    95.8 
_refine.ls_R_factor_obs                          ? 
_refine.ls_R_factor_all                          ? 
_refine.ls_R_factor_R_work                       0.2210000 
_refine.ls_R_factor_R_free                       0.2940000 
_refine.ls_R_factor_R_free_error                 ? 
_refine.ls_R_factor_R_free_error_details         ? 
_refine.ls_percent_reflns_R_free                 7.0 
_refine.ls_number_reflns_R_free                  500 
_refine.ls_number_parameters                     ? 
_refine.ls_number_restraints                     ? 
_refine.occupancy_min                            ? 
_refine.occupancy_max                            ? 
_refine.B_iso_mean                               37.5 
_refine.aniso_B[1][1]                            ? 
_refine.aniso_B[2][2]                            ? 
_refine.aniso_B[3][3]                            ? 
_refine.aniso_B[1][2]                            ? 
_refine.aniso_B[1][3]                            ? 
_refine.aniso_B[2][3]                            ? 
_refine.solvent_model_details                    ? 
_refine.solvent_model_param_ksol                 ? 
_refine.solvent_model_param_bsol                 ? 
_refine.pdbx_ls_cross_valid_method               THROUGHOUT 
_refine.details                                  ? 
_refine.pdbx_starting_model                      'PDB ENTRY 1GCM' 
_refine.pdbx_method_to_determine_struct          'MOLECULAR REPLACEMENT' 
_refine.pdbx_isotropic_thermal_model             ? 
_refine.pdbx_stereochemistry_target_values       ? 
_refine.pdbx_stereochem_target_val_spec_case     ? 
_refine.pdbx_R_Free_selection_details            RANDOM 
_refine.pdbx_overall_ESU_R                       ? 
_refine.pdbx_overall_ESU_R_Free                  ? 
_refine.overall_SU_ML                            ? 
_refine.overall_SU_B                             ? 
_refine.ls_redundancy_reflns_obs                 ? 
_refine.pdbx_refine_id                           'X-RAY DIFFRACTION' 
_refine.pdbx_diffrn_id                           1 
_refine.pdbx_TLS_residual_ADP_flag               ? 
_refine.correlation_coeff_Fo_to_Fc               ? 
_refine.correlation_coeff_Fo_to_Fc_free          ? 
_refine.pdbx_solvent_vdw_probe_radii             ? 
_refine.pdbx_solvent_ion_probe_radii             ? 
_refine.pdbx_solvent_shrinkage_radii             ? 
_refine.pdbx_overall_phase_error                 ? 
_refine.overall_SU_R_Cruickshank_DPI             ? 
_refine.pdbx_overall_SU_R_free_Cruickshank_DPI   ? 
_refine.pdbx_overall_SU_R_Blow_DPI               ? 
_refine.pdbx_overall_SU_R_free_Blow_DPI          ? 
# 
_refine_hist.pdbx_refine_id                   'X-RAY DIFFRACTION' 
_refine_hist.cycle_id                         LAST 
_refine_hist.pdbx_number_atoms_protein        895 
_refine_hist.pdbx_number_atoms_nucleic_acid   0 
_refine_hist.pdbx_number_atoms_ligand         0 
_refine_hist.number_atoms_solvent             78 
_refine_hist.number_atoms_total               973 
_refine_hist.d_res_high                       2.4 
_refine_hist.d_res_low                        8.0 
# 
loop_
_refine_ls_restr.type 
_refine_ls_restr.dev_ideal 
_refine_ls_restr.dev_ideal_target 
_refine_ls_restr.weight 
_refine_ls_restr.number 
_refine_ls_restr.pdbx_refine_id 
_refine_ls_restr.pdbx_restraint_function 
x_bond_d                0.006 ? ? ? 'X-RAY DIFFRACTION' ? 
x_bond_d_na             ?     ? ? ? 'X-RAY DIFFRACTION' ? 
x_bond_d_prot           ?     ? ? ? 'X-RAY DIFFRACTION' ? 
x_angle_d               ?     ? ? ? 'X-RAY DIFFRACTION' ? 
x_angle_d_na            ?     ? ? ? 'X-RAY DIFFRACTION' ? 
x_angle_d_prot          ?     ? ? ? 'X-RAY DIFFRACTION' ? 
x_angle_deg             1.303 ? ? ? 'X-RAY DIFFRACTION' ? 
x_angle_deg_na          ?     ? ? ? 'X-RAY DIFFRACTION' ? 
x_angle_deg_prot        ?     ? ? ? 'X-RAY DIFFRACTION' ? 
x_dihedral_angle_d      21.90 ? ? ? 'X-RAY DIFFRACTION' ? 
x_dihedral_angle_d_na   ?     ? ? ? 'X-RAY DIFFRACTION' ? 
x_dihedral_angle_d_prot ?     ? ? ? 'X-RAY DIFFRACTION' ? 
x_improper_angle_d      0.516 ? ? ? 'X-RAY DIFFRACTION' ? 
x_improper_angle_d_na   ?     ? ? ? 'X-RAY DIFFRACTION' ? 
x_improper_angle_d_prot ?     ? ? ? 'X-RAY DIFFRACTION' ? 
x_mcbond_it             ?     ? ? ? 'X-RAY DIFFRACTION' ? 
x_mcangle_it            ?     ? ? ? 'X-RAY DIFFRACTION' ? 
x_scbond_it             ?     ? ? ? 'X-RAY DIFFRACTION' ? 
x_scangle_it            ?     ? ? ? 'X-RAY DIFFRACTION' ? 
# 
_struct.entry_id                  1CE0 
_struct.title                     'TRIMERIZATION SPECIFICITY IN HIV-1 GP41: ANALYSIS WITH A GCN4 LEUCINE ZIPPER MODEL' 
_struct.pdbx_model_details        ? 
_struct.pdbx_CASP_flag            ? 
_struct.pdbx_model_type_details   ? 
# 
_struct_keywords.entry_id        1CE0 
_struct_keywords.pdbx_keywords   'HIV-1 ENVELOPE PROTEIN' 
_struct_keywords.text            'HIV-1 ENVELOPE PROTEIN, GP41, PROTEIN OLIGOMERIZATION, COILED COIL, LEUCINE ZIPPER' 
# 
loop_
_struct_asym.id 
_struct_asym.pdbx_blank_PDB_chainid_flag 
_struct_asym.pdbx_modified 
_struct_asym.entity_id 
_struct_asym.details 
A N N 1 ? 
B N N 1 ? 
C N N 1 ? 
D N N 2 ? 
E N N 2 ? 
F N N 2 ? 
# 
_struct_biol.id   1 
# 
loop_
_struct_conf.conf_type_id 
_struct_conf.id 
_struct_conf.pdbx_PDB_helix_id 
_struct_conf.beg_label_comp_id 
_struct_conf.beg_label_asym_id 
_struct_conf.beg_label_seq_id 
_struct_conf.pdbx_beg_PDB_ins_code 
_struct_conf.end_label_comp_id 
_struct_conf.end_label_asym_id 
_struct_conf.end_label_seq_id 
_struct_conf.pdbx_end_PDB_ins_code 
_struct_conf.beg_auth_comp_id 
_struct_conf.beg_auth_asym_id 
_struct_conf.beg_auth_seq_id 
_struct_conf.end_auth_comp_id 
_struct_conf.end_auth_asym_id 
_struct_conf.end_auth_seq_id 
_struct_conf.pdbx_PDB_helix_class 
_struct_conf.details 
_struct_conf.pdbx_PDB_helix_length 
HELX_P HELX_P1 1 LEU A 2 ? VAL A 30 ? LEU A 2 VAL A 30 1 ? 29 
HELX_P HELX_P2 2 LEU B 2 ? LEU B 34 ? LEU B 2 LEU B 34 1 ? 33 
HELX_P HELX_P3 3 LEU C 2 ? LEU C 33 ? LEU C 2 LEU C 33 1 ? 32 
# 
_struct_conf_type.id          HELX_P 
_struct_conf_type.criteria    ? 
_struct_conf_type.reference   ? 
# 
_atom_sites.entry_id                    1CE0 
_atom_sites.fract_transf_matrix[1][1]   -0.00152590 
_atom_sites.fract_transf_matrix[1][2]   0.00152220 
_atom_sites.fract_transf_matrix[1][3]   0.02263452 
_atom_sites.fract_transf_matrix[2][1]   0.01569817 
_atom_sites.fract_transf_matrix[2][2]   -0.00988960 
_atom_sites.fract_transf_matrix[2][3]   0.01314285 
_atom_sites.fract_transf_matrix[3][1]   0.00456753 
_atom_sites.fract_transf_matrix[3][2]   0.00703104 
_atom_sites.fract_transf_matrix[3][3]   -0.00016493 
_atom_sites.fract_transf_vector[1]      0.955914 
_atom_sites.fract_transf_vector[2]      0.895590 
_atom_sites.fract_transf_vector[3]      -0.105441 
# 
loop_
_atom_type.symbol 
C 
N 
O 
# 
loop_
_atom_site.group_PDB 
_atom_site.id 
_atom_site.type_symbol 
_atom_site.label_atom_id 
_atom_site.label_alt_id 
_atom_site.label_comp_id 
_atom_site.label_asym_id 
_atom_site.label_entity_id 
_atom_site.label_seq_id 
_atom_site.pdbx_PDB_ins_code 
_atom_site.Cartn_x 
_atom_site.Cartn_y 
_atom_site.Cartn_z 
_atom_site.occupancy 
_atom_site.B_iso_or_equiv 
_atom_site.pdbx_formal_charge 
_atom_site.auth_seq_id 
_atom_site.auth_comp_id 
_atom_site.auth_asym_id 
_atom_site.auth_atom_id 
_atom_site.pdbx_PDB_model_num 
ATOM   1   N N   . ARG A 1 1  ? -5.631  13.428  -21.853 1.00 62.22 ? 1  ARG A N   1 
ATOM   2   C CA  . ARG A 1 1  ? -6.127  12.990  -20.520 1.00 60.42 ? 1  ARG A CA  1 
ATOM   3   C C   . ARG A 1 1  ? -5.863  11.510  -20.279 1.00 58.92 ? 1  ARG A C   1 
ATOM   4   O O   . ARG A 1 1  ? -4.796  11.125  -19.805 1.00 63.04 ? 1  ARG A O   1 
ATOM   5   C CB  . ARG A 1 1  ? -7.632  13.251  -20.399 1.00 65.04 ? 1  ARG A CB  1 
ATOM   6   C CG  . ARG A 1 1  ? -8.052  13.960  -19.116 1.00 68.12 ? 1  ARG A CG  1 
ATOM   7   C CD  . ARG A 1 1  ? -9.303  13.339  -18.513 1.00 71.02 ? 1  ARG A CD  1 
ATOM   8   N NE  . ARG A 1 1  ? -10.521 13.753  -19.208 1.00 78.86 ? 1  ARG A NE  1 
ATOM   9   C CZ  . ARG A 1 1  ? -11.740 13.720  -18.674 1.00 83.30 ? 1  ARG A CZ  1 
ATOM   10  N NH1 . ARG A 1 1  ? -11.914 13.291  -17.431 1.00 85.82 ? 1  ARG A NH1 1 
ATOM   11  N NH2 . ARG A 1 1  ? -12.786 14.115  -19.386 1.00 83.17 ? 1  ARG A NH2 1 
ATOM   12  N N   . LEU A 1 2  ? -6.851  10.695  -20.620 1.00 52.93 ? 2  LEU A N   1 
ATOM   13  C CA  . LEU A 1 2  ? -6.801  9.249   -20.432 1.00 54.88 ? 2  LEU A CA  1 
ATOM   14  C C   . LEU A 1 2  ? -5.454  8.530   -20.492 1.00 54.78 ? 2  LEU A C   1 
ATOM   15  O O   . LEU A 1 2  ? -5.141  7.737   -19.601 1.00 55.38 ? 2  LEU A O   1 
ATOM   16  C CB  . LEU A 1 2  ? -7.768  8.575   -21.392 1.00 49.35 ? 2  LEU A CB  1 
ATOM   17  C CG  . LEU A 1 2  ? -8.829  7.783   -20.634 1.00 51.62 ? 2  LEU A CG  1 
ATOM   18  C CD1 . LEU A 1 2  ? -9.513  8.713   -19.644 1.00 50.86 ? 2  LEU A CD1 1 
ATOM   19  C CD2 . LEU A 1 2  ? -9.829  7.165   -21.594 1.00 54.61 ? 2  LEU A CD2 1 
ATOM   20  N N   . LEU A 1 3  ? -4.662  8.783   -21.526 1.00 52.54 ? 3  LEU A N   1 
ATOM   21  C CA  . LEU A 1 3  ? -3.368  8.120   -21.659 1.00 49.30 ? 3  LEU A CA  1 
ATOM   22  C C   . LEU A 1 3  ? -2.361  8.690   -20.672 1.00 47.18 ? 3  LEU A C   1 
ATOM   23  O O   . LEU A 1 3  ? -1.559  7.957   -20.079 1.00 43.66 ? 3  LEU A O   1 
ATOM   24  C CB  . LEU A 1 3  ? -2.831  8.282   -23.077 1.00 49.33 ? 3  LEU A CB  1 
ATOM   25  C CG  . LEU A 1 3  ? -2.654  7.028   -23.934 1.00 54.61 ? 3  LEU A CG  1 
ATOM   26  C CD1 . LEU A 1 3  ? -2.941  5.763   -23.130 1.00 53.92 ? 3  LEU A CD1 1 
ATOM   27  C CD2 . LEU A 1 3  ? -3.571  7.143   -25.136 1.00 56.35 ? 3  LEU A CD2 1 
ATOM   28  N N   . GLN A 1 4  ? -2.402  10.009  -20.518 1.00 44.21 ? 4  GLN A N   1 
ATOM   29  C CA  . GLN A 1 4  ? -1.514  10.705  -19.606 1.00 45.16 ? 4  GLN A CA  1 
ATOM   30  C C   . GLN A 1 4  ? -1.948  10.438  -18.157 1.00 44.78 ? 4  GLN A C   1 
ATOM   31  O O   . GLN A 1 4  ? -1.162  10.599  -17.223 1.00 42.78 ? 4  GLN A O   1 
ATOM   32  C CB  . GLN A 1 4  ? -1.516  12.208  -19.932 1.00 45.40 ? 4  GLN A CB  1 
ATOM   33  C CG  . GLN A 1 4  ? -1.571  13.125  -18.737 1.00 55.58 ? 4  GLN A CG  1 
ATOM   34  C CD  . GLN A 1 4  ? -1.972  14.526  -19.121 1.00 67.14 ? 4  GLN A CD  1 
ATOM   35  O OE1 . GLN A 1 4  ? -1.126  15.356  -19.449 1.00 68.45 ? 4  GLN A OE1 1 
ATOM   36  N NE2 . GLN A 1 4  ? -3.272  14.798  -19.093 1.00 72.71 ? 4  GLN A NE2 1 
ATOM   37  N N   . ARG A 1 5  ? -3.193  10.002  -17.974 1.00 42.65 ? 5  ARG A N   1 
ATOM   38  C CA  . ARG A 1 5  ? -3.706  9.717   -16.639 1.00 39.42 ? 5  ARG A CA  1 
ATOM   39  C C   . ARG A 1 5  ? -3.440  8.279   -16.224 1.00 37.43 ? 5  ARG A C   1 
ATOM   40  O O   . ARG A 1 5  ? -3.322  7.988   -15.033 1.00 37.42 ? 5  ARG A O   1 
ATOM   41  C CB  . ARG A 1 5  ? -5.204  10.014  -16.556 1.00 39.81 ? 5  ARG A CB  1 
ATOM   42  C CG  . ARG A 1 5  ? -5.523  11.405  -16.029 1.00 36.95 ? 5  ARG A CG  1 
ATOM   43  C CD  . ARG A 1 5  ? -6.988  11.763  -16.263 1.00 39.57 ? 5  ARG A CD  1 
ATOM   44  N NE  . ARG A 1 5  ? -7.858  11.296  -15.184 1.00 38.44 ? 5  ARG A NE  1 
ATOM   45  C CZ  . ARG A 1 5  ? -9.187  11.215  -15.260 1.00 37.99 ? 5  ARG A CZ  1 
ATOM   46  N NH1 . ARG A 1 5  ? -9.820  11.563  -16.370 1.00 41.73 ? 5  ARG A NH1 1 
ATOM   47  N NH2 . ARG A 1 5  ? -9.889  10.779  -14.221 1.00 43.35 ? 5  ARG A NH2 1 
ATOM   48  N N   . ILE A 1 6  ? -3.358  7.379   -17.209 1.00 33.84 ? 6  ILE A N   1 
ATOM   49  C CA  . ILE A 1 6  ? -3.087  5.974   -16.935 1.00 36.80 ? 6  ILE A CA  1 
ATOM   50  C C   . ILE A 1 6  ? -1.597  5.825   -16.653 1.00 37.28 ? 6  ILE A C   1 
ATOM   51  O O   . ILE A 1 6  ? -1.193  5.018   -15.817 1.00 37.13 ? 6  ILE A O   1 
ATOM   52  C CB  . ILE A 1 6  ? -3.493  5.041   -18.124 1.00 35.93 ? 6  ILE A CB  1 
ATOM   53  C CG1 . ILE A 1 6  ? -3.361  3.578   -17.692 1.00 42.48 ? 6  ILE A CG1 1 
ATOM   54  C CG2 . ILE A 1 6  ? -2.615  5.284   -19.333 1.00 40.62 ? 6  ILE A CG2 1 
ATOM   55  C CD1 . ILE A 1 6  ? -4.050  2.604   -18.596 1.00 47.66 ? 6  ILE A CD1 1 
ATOM   56  N N   . LYS A 1 7  ? -0.783  6.621   -17.339 1.00 36.64 ? 7  LYS A N   1 
ATOM   57  C CA  . LYS A 1 7  ? 0.655   6.584   -17.146 1.00 37.84 ? 7  LYS A CA  1 
ATOM   58  C C   . LYS A 1 7  ? 0.975   7.074   -15.735 1.00 35.27 ? 7  LYS A C   1 
ATOM   59  O O   . LYS A 1 7  ? 1.744   6.450   -15.007 1.00 31.00 ? 7  LYS A O   1 
ATOM   60  C CB  . LYS A 1 7  ? 1.353   7.475   -18.175 1.00 42.71 ? 7  LYS A CB  1 
ATOM   61  C CG  . LYS A 1 7  ? 2.779   7.058   -18.497 1.00 44.76 ? 7  LYS A CG  1 
ATOM   62  C CD  . LYS A 1 7  ? 3.650   7.074   -17.256 1.00 48.22 ? 7  LYS A CD  1 
ATOM   63  C CE  . LYS A 1 7  ? 5.120   7.102   -17.615 1.00 49.54 ? 7  LYS A CE  1 
ATOM   64  N NZ  . LYS A 1 7  ? 5.664   8.487   -17.627 1.00 55.17 ? 7  LYS A NZ  1 
ATOM   65  N N   . GLN A 1 8  ? 0.366   8.194   -15.369 1.00 31.72 ? 8  GLN A N   1 
ATOM   66  C CA  . GLN A 1 8  ? 0.548   8.811   -14.066 1.00 32.12 ? 8  GLN A CA  1 
ATOM   67  C C   . GLN A 1 8  ? 0.085   7.871   -12.939 1.00 33.13 ? 8  GLN A C   1 
ATOM   68  O O   . GLN A 1 8  ? 0.654   7.867   -11.841 1.00 30.63 ? 8  GLN A O   1 
ATOM   69  C CB  . GLN A 1 8  ? -0.235  10.127  -14.039 1.00 35.70 ? 8  GLN A CB  1 
ATOM   70  C CG  . GLN A 1 8  ? -0.768  10.540  -12.682 1.00 50.40 ? 8  GLN A CG  1 
ATOM   71  C CD  . GLN A 1 8  ? -1.497  11.868  -12.727 1.00 60.12 ? 8  GLN A CD  1 
ATOM   72  O OE1 . GLN A 1 8  ? -2.679  11.928  -13.071 1.00 64.96 ? 8  GLN A OE1 1 
ATOM   73  N NE2 . GLN A 1 8  ? -0.793  12.942  -12.382 1.00 61.91 ? 8  GLN A NE2 1 
ATOM   74  N N   . GLN A 1 9  ? -0.938  7.066   -13.226 1.00 31.08 ? 9  GLN A N   1 
ATOM   75  C CA  . GLN A 1 9  ? -1.477  6.123   -12.255 1.00 30.03 ? 9  GLN A CA  1 
ATOM   76  C C   . GLN A 1 9  ? -0.538  4.931   -12.122 1.00 32.54 ? 9  GLN A C   1 
ATOM   77  O O   . GLN A 1 9  ? -0.347  4.392   -11.028 1.00 32.34 ? 9  GLN A O   1 
ATOM   78  C CB  . GLN A 1 9  ? -2.872  5.654   -12.695 1.00 26.92 ? 9  GLN A CB  1 
ATOM   79  C CG  . GLN A 1 9  ? -3.536  4.642   -11.760 1.00 36.40 ? 9  GLN A CG  1 
ATOM   80  C CD  . GLN A 1 9  ? -4.166  5.289   -10.529 1.00 40.61 ? 9  GLN A CD  1 
ATOM   81  O OE1 . GLN A 1 9  ? -4.042  6.502   -10.312 1.00 40.09 ? 9  GLN A OE1 1 
ATOM   82  N NE2 . GLN A 1 9  ? -4.846  4.481   -9.718  1.00 35.42 ? 9  GLN A NE2 1 
ATOM   83  N N   . GLU A 1 10 ? 0.050   4.526   -13.245 1.00 30.51 ? 10 GLU A N   1 
ATOM   84  C CA  . GLU A 1 10 ? 0.985   3.408   -13.277 1.00 30.43 ? 10 GLU A CA  1 
ATOM   85  C C   . GLU A 1 10 ? 2.258   3.755   -12.502 1.00 25.72 ? 10 GLU A C   1 
ATOM   86  O O   . GLU A 1 10 ? 2.815   2.908   -11.802 1.00 23.93 ? 10 GLU A O   1 
ATOM   87  C CB  . GLU A 1 10 ? 1.329   3.052   -14.726 1.00 31.37 ? 10 GLU A CB  1 
ATOM   88  C CG  . GLU A 1 10 ? 0.169   2.425   -15.494 1.00 40.47 ? 10 GLU A CG  1 
ATOM   89  C CD  . GLU A 1 10 ? 0.451   2.220   -16.983 1.00 41.74 ? 10 GLU A CD  1 
ATOM   90  O OE1 . GLU A 1 10 ? 1.319   2.931   -17.547 1.00 36.66 ? 10 GLU A OE1 1 
ATOM   91  O OE2 . GLU A 1 10 ? -0.203  1.343   -17.587 1.00 35.37 ? 10 GLU A OE2 1 
ATOM   92  N N   . ASP A 1 11 ? 2.711   4.997   -12.633 1.00 25.09 ? 11 ASP A N   1 
ATOM   93  C CA  . ASP A 1 11 ? 3.903   5.456   -11.933 1.00 28.86 ? 11 ASP A CA  1 
ATOM   94  C C   . ASP A 1 11 ? 3.581   5.492   -10.446 1.00 30.36 ? 11 ASP A C   1 
ATOM   95  O O   . ASP A 1 11 ? 4.328   4.975   -9.616  1.00 27.20 ? 11 ASP A O   1 
ATOM   96  C CB  . ASP A 1 11 ? 4.292   6.869   -12.379 1.00 28.81 ? 11 ASP A CB  1 
ATOM   97  C CG  . ASP A 1 11 ? 4.791   6.907   -13.808 1.00 35.84 ? 11 ASP A CG  1 
ATOM   98  O OD1 . ASP A 1 11 ? 5.106   5.831   -14.365 1.00 34.15 ? 11 ASP A OD1 1 
ATOM   99  O OD2 . ASP A 1 11 ? 4.860   8.023   -14.368 1.00 37.63 ? 11 ASP A OD2 1 
ATOM   100 N N   . LYS A 1 12 ? 2.442   6.107   -10.134 1.00 29.25 ? 12 LYS A N   1 
ATOM   101 C CA  . LYS A 1 12 ? 1.977   6.236   -8.771  1.00 28.56 ? 12 LYS A CA  1 
ATOM   102 C C   . LYS A 1 12 ? 1.893   4.885   -8.081  1.00 27.38 ? 12 LYS A C   1 
ATOM   103 O O   . LYS A 1 12 ? 2.352   4.731   -6.950  1.00 27.15 ? 12 LYS A O   1 
ATOM   104 C CB  . LYS A 1 12 ? 0.603   6.907   -8.750  1.00 34.37 ? 12 LYS A CB  1 
ATOM   105 C CG  . LYS A 1 12 ? 0.509   8.061   -7.774  1.00 45.31 ? 12 LYS A CG  1 
ATOM   106 C CD  . LYS A 1 12 ? -0.692  7.917   -6.856  1.00 51.48 ? 12 LYS A CD  1 
ATOM   107 C CE  . LYS A 1 12 ? -1.332  9.277   -6.586  1.00 58.13 ? 12 LYS A CE  1 
ATOM   108 N NZ  . LYS A 1 12 ? -0.465  10.167  -5.747  1.00 63.09 ? 12 LYS A NZ  1 
ATOM   109 N N   . LEU A 1 13 ? 1.309   3.903   -8.763  1.00 23.72 ? 13 LEU A N   1 
ATOM   110 C CA  . LEU A 1 13 ? 1.166   2.566   -8.200  1.00 24.06 ? 13 LEU A CA  1 
ATOM   111 C C   . LEU A 1 13 ? 2.505   1.866   -8.008  1.00 27.16 ? 13 LEU A C   1 
ATOM   112 O O   . LEU A 1 13 ? 2.655   1.032   -7.114  1.00 29.62 ? 13 LEU A O   1 
ATOM   113 C CB  . LEU A 1 13 ? 0.262   1.698   -9.079  1.00 14.29 ? 13 LEU A CB  1 
ATOM   114 C CG  . LEU A 1 13 ? -0.137  0.345   -8.480  1.00 25.46 ? 13 LEU A CG  1 
ATOM   115 C CD1 . LEU A 1 13 ? -0.617  0.522   -7.041  1.00 22.49 ? 13 LEU A CD1 1 
ATOM   116 C CD2 . LEU A 1 13 ? -1.230  -0.284  -9.329  1.00 26.74 ? 13 LEU A CD2 1 
ATOM   117 N N   . GLU A 1 14 ? 3.477   2.192   -8.854  1.00 29.10 ? 14 GLU A N   1 
ATOM   118 C CA  . GLU A 1 14 ? 4.791   1.585   -8.734  1.00 31.25 ? 14 GLU A CA  1 
ATOM   119 C C   . GLU A 1 14 ? 5.503   2.158   -7.508  1.00 29.51 ? 14 GLU A C   1 
ATOM   120 O O   . GLU A 1 14 ? 6.253   1.458   -6.821  1.00 30.87 ? 14 GLU A O   1 
ATOM   121 C CB  . GLU A 1 14 ? 5.635   1.848   -9.980  1.00 34.82 ? 14 GLU A CB  1 
ATOM   122 C CG  . GLU A 1 14 ? 6.658   0.753   -10.238 1.00 47.64 ? 14 GLU A CG  1 
ATOM   123 C CD  . GLU A 1 14 ? 6.029   -0.633  -10.219 1.00 55.73 ? 14 GLU A CD  1 
ATOM   124 O OE1 . GLU A 1 14 ? 4.943   -0.784  -10.813 1.00 59.70 ? 14 GLU A OE1 1 
ATOM   125 O OE2 . GLU A 1 14 ? 6.613   -1.561  -9.614  1.00 62.70 ? 14 GLU A OE2 1 
ATOM   126 N N   . GLU A 1 15 ? 5.265   3.439   -7.247  1.00 24.11 ? 15 GLU A N   1 
ATOM   127 C CA  . GLU A 1 15 ? 5.845   4.130   -6.102  1.00 27.06 ? 15 GLU A CA  1 
ATOM   128 C C   . GLU A 1 15 ? 5.212   3.598   -4.832  1.00 24.47 ? 15 GLU A C   1 
ATOM   129 O O   . GLU A 1 15 ? 5.870   3.476   -3.799  1.00 25.14 ? 15 GLU A O   1 
ATOM   130 C CB  . GLU A 1 15 ? 5.561   5.622   -6.189  1.00 32.87 ? 15 GLU A CB  1 
ATOM   131 C CG  . GLU A 1 15 ? 6.642   6.422   -6.852  1.00 50.73 ? 15 GLU A CG  1 
ATOM   132 C CD  . GLU A 1 15 ? 6.111   7.726   -7.395  1.00 59.45 ? 15 GLU A CD  1 
ATOM   133 O OE1 . GLU A 1 15 ? 5.651   8.558   -6.581  1.00 62.80 ? 15 GLU A OE1 1 
ATOM   134 O OE2 . GLU A 1 15 ? 6.150   7.914   -8.629  1.00 53.83 ? 15 GLU A OE2 1 
ATOM   135 N N   . THR A 1 16 ? 3.917   3.300   -4.920  1.00 19.94 ? 16 THR A N   1 
ATOM   136 C CA  . THR A 1 16 ? 3.149   2.790   -3.797  1.00 20.97 ? 16 THR A CA  1 
ATOM   137 C C   . THR A 1 16 ? 3.646   1.403   -3.417  1.00 22.53 ? 16 THR A C   1 
ATOM   138 O O   . THR A 1 16 ? 3.849   1.094   -2.241  1.00 21.48 ? 16 THR A O   1 
ATOM   139 C CB  . THR A 1 16 ? 1.641   2.724   -4.151  1.00 17.66 ? 16 THR A CB  1 
ATOM   140 O OG1 . THR A 1 16 ? 1.110   4.051   -4.247  1.00 20.20 ? 16 THR A OG1 1 
ATOM   141 C CG2 . THR A 1 16 ? 0.869   1.956   -3.087  1.00 11.68 ? 16 THR A CG2 1 
ATOM   142 N N   . LEU A 1 17 ? 3.858   0.572   -4.429  1.00 23.19 ? 17 LEU A N   1 
ATOM   143 C CA  . LEU A 1 17 ? 4.336   -0.785  -4.225  1.00 25.02 ? 17 LEU A CA  1 
ATOM   144 C C   . LEU A 1 17 ? 5.703   -0.782  -3.537  1.00 25.82 ? 17 LEU A C   1 
ATOM   145 O O   . LEU A 1 17 ? 6.017   -1.677  -2.741  1.00 29.03 ? 17 LEU A O   1 
ATOM   146 C CB  . LEU A 1 17 ? 4.409   -1.514  -5.572  1.00 20.16 ? 17 LEU A CB  1 
ATOM   147 C CG  . LEU A 1 17 ? 3.083   -2.117  -6.035  1.00 25.54 ? 17 LEU A CG  1 
ATOM   148 C CD1 . LEU A 1 17 ? 3.297   -2.764  -7.390  1.00 27.03 ? 17 LEU A CD1 1 
ATOM   149 C CD2 . LEU A 1 17 ? 2.577   -3.131  -5.014  1.00 26.52 ? 17 LEU A CD2 1 
ATOM   150 N N   . SER A 1 18 ? 6.514   0.225   -3.851  1.00 23.39 ? 18 SER A N   1 
ATOM   151 C CA  . SER A 1 18 ? 7.833   0.365   -3.252  1.00 24.70 ? 18 SER A CA  1 
ATOM   152 C C   . SER A 1 18 ? 7.659   0.643   -1.760  1.00 24.60 ? 18 SER A C   1 
ATOM   153 O O   . SER A 1 18 ? 8.404   0.126   -0.927  1.00 23.92 ? 18 SER A O   1 
ATOM   154 C CB  . SER A 1 18 ? 8.589   1.521   -3.907  1.00 25.30 ? 18 SER A CB  1 
ATOM   155 O OG  . SER A 1 18 ? 9.592   2.033   -3.046  1.00 42.17 ? 18 SER A OG  1 
ATOM   156 N N   . LYS A 1 19 ? 6.661   1.463   -1.435  1.00 21.92 ? 19 LYS A N   1 
ATOM   157 C CA  . LYS A 1 19 ? 6.364   1.813   -0.056  1.00 17.48 ? 19 LYS A CA  1 
ATOM   158 C C   . LYS A 1 19 ? 5.951   0.556   0.692   1.00 18.81 ? 19 LYS A C   1 
ATOM   159 O O   . LYS A 1 19 ? 6.377   0.323   1.825   1.00 18.81 ? 19 LYS A O   1 
ATOM   160 C CB  . LYS A 1 19 ? 5.232   2.852   0.002   1.00 21.05 ? 19 LYS A CB  1 
ATOM   161 C CG  . LYS A 1 19 ? 5.677   4.270   -0.321  1.00 19.44 ? 19 LYS A CG  1 
ATOM   162 C CD  . LYS A 1 19 ? 4.657   5.303   0.167   1.00 23.55 ? 19 LYS A CD  1 
ATOM   163 C CE  . LYS A 1 19 ? 4.938   6.696   -0.415  1.00 14.49 ? 19 LYS A CE  1 
ATOM   164 N NZ  . LYS A 1 19 ? 6.105   7.386   0.216   1.00 15.20 ? 19 LYS A NZ  1 
ATOM   165 N N   . ILE A 1 20 ? 5.104   -0.250  0.058   1.00 16.55 ? 20 ILE A N   1 
ATOM   166 C CA  . ILE A 1 20 ? 4.620   -1.496  0.648   1.00 20.41 ? 20 ILE A CA  1 
ATOM   167 C C   . ILE A 1 20 ? 5.787   -2.431  0.940   1.00 27.19 ? 20 ILE A C   1 
ATOM   168 O O   . ILE A 1 20 ? 5.846   -3.079  1.984   1.00 28.18 ? 20 ILE A O   1 
ATOM   169 C CB  . ILE A 1 20 ? 3.657   -2.222  -0.312  1.00 19.31 ? 20 ILE A CB  1 
ATOM   170 C CG1 . ILE A 1 20 ? 2.392   -1.388  -0.510  1.00 20.20 ? 20 ILE A CG1 1 
ATOM   171 C CG2 . ILE A 1 20 ? 3.341   -3.624  0.205   1.00 17.33 ? 20 ILE A CG2 1 
ATOM   172 C CD1 . ILE A 1 20 ? 1.638   -1.107  0.759   1.00 29.61 ? 20 ILE A CD1 1 
ATOM   173 N N   . TYR A 1 21 ? 6.714   -2.492  -0.005  1.00 26.54 ? 21 TYR A N   1 
ATOM   174 C CA  . TYR A 1 21 ? 7.889   -3.331  0.108   1.00 26.34 ? 21 TYR A CA  1 
ATOM   175 C C   . TYR A 1 21 ? 8.711   -2.973  1.352   1.00 22.42 ? 21 TYR A C   1 
ATOM   176 O O   . TYR A 1 21 ? 9.083   -3.845  2.140   1.00 21.12 ? 21 TYR A O   1 
ATOM   177 C CB  . TYR A 1 21 ? 8.725   -3.171  -1.163  1.00 28.26 ? 21 TYR A CB  1 
ATOM   178 C CG  . TYR A 1 21 ? 10.135  -3.670  -1.043  1.00 30.33 ? 21 TYR A CG  1 
ATOM   179 C CD1 . TYR A 1 21 ? 10.407  -5.037  -0.990  1.00 33.79 ? 21 TYR A CD1 1 
ATOM   180 C CD2 . TYR A 1 21 ? 11.205  -2.777  -0.984  1.00 28.20 ? 21 TYR A CD2 1 
ATOM   181 C CE1 . TYR A 1 21 ? 11.712  -5.508  -0.877  1.00 39.88 ? 21 TYR A CE1 1 
ATOM   182 C CE2 . TYR A 1 21 ? 12.516  -3.235  -0.870  1.00 33.33 ? 21 TYR A CE2 1 
ATOM   183 C CZ  . TYR A 1 21 ? 12.762  -4.601  -0.820  1.00 38.30 ? 21 TYR A CZ  1 
ATOM   184 O OH  . TYR A 1 21 ? 14.052  -5.064  -0.709  1.00 45.75 ? 21 TYR A OH  1 
ATOM   185 N N   . HIS A 1 22 ? 8.983   -1.680  1.517   1.00 16.28 ? 22 HIS A N   1 
ATOM   186 C CA  . HIS A 1 22 ? 9.750   -1.174  2.646   1.00 20.63 ? 22 HIS A CA  1 
ATOM   187 C C   . HIS A 1 22 ? 9.000   -1.416  3.946   1.00 22.44 ? 22 HIS A C   1 
ATOM   188 O O   . HIS A 1 22 ? 9.606   -1.642  4.992   1.00 26.74 ? 22 HIS A O   1 
ATOM   189 C CB  . HIS A 1 22 ? 10.017  0.324   2.474   1.00 13.38 ? 22 HIS A CB  1 
ATOM   190 C CG  . HIS A 1 22 ? 10.917  0.641   1.315   1.00 28.12 ? 22 HIS A CG  1 
ATOM   191 N ND1 . HIS A 1 22 ? 12.135  0.032   1.134   1.00 27.88 ? 22 HIS A ND1 1 
ATOM   192 C CD2 . HIS A 1 22 ? 10.772  1.517   0.290   1.00 26.81 ? 22 HIS A CD2 1 
ATOM   193 C CE1 . HIS A 1 22 ? 12.715  0.520   0.047   1.00 30.88 ? 22 HIS A CE1 1 
ATOM   194 N NE2 . HIS A 1 22 ? 11.909  1.424   -0.481  1.00 32.89 ? 22 HIS A NE2 1 
ATOM   195 N N   . LEU A 1 23 ? 7.673   -1.366  3.866   1.00 21.42 ? 23 LEU A N   1 
ATOM   196 C CA  . LEU A 1 23 ? 6.812   -1.582  5.016   1.00 23.52 ? 23 LEU A CA  1 
ATOM   197 C C   . LEU A 1 23 ? 6.934   -3.039  5.441   1.00 23.09 ? 23 LEU A C   1 
ATOM   198 O O   . LEU A 1 23 ? 7.105   -3.343  6.621   1.00 22.96 ? 23 LEU A O   1 
ATOM   199 C CB  . LEU A 1 23 ? 5.357   -1.254  4.650   1.00 22.76 ? 23 LEU A CB  1 
ATOM   200 C CG  . LEU A 1 23 ? 4.448   -0.502  5.629   1.00 20.31 ? 23 LEU A CG  1 
ATOM   201 C CD1 . LEU A 1 23 ? 5.241   0.473   6.490   1.00 15.62 ? 23 LEU A CD1 1 
ATOM   202 C CD2 . LEU A 1 23 ? 3.389   0.238   4.823   1.00 30.09 ? 23 LEU A CD2 1 
ATOM   203 N N   . GLU A 1 24 ? 6.844   -3.944  4.472   1.00 20.61 ? 24 GLU A N   1 
ATOM   204 C CA  . GLU A 1 24 ? 6.956   -5.368  4.745   1.00 25.60 ? 24 GLU A CA  1 
ATOM   205 C C   . GLU A 1 24 ? 8.303   -5.680  5.392   1.00 27.42 ? 24 GLU A C   1 
ATOM   206 O O   . GLU A 1 24 ? 8.403   -6.530  6.279   1.00 27.92 ? 24 GLU A O   1 
ATOM   207 C CB  . GLU A 1 24 ? 6.817   -6.165  3.450   1.00 22.74 ? 24 GLU A CB  1 
ATOM   208 C CG  . GLU A 1 24 ? 5.374   -6.449  3.054   1.00 35.65 ? 24 GLU A CG  1 
ATOM   209 C CD  . GLU A 1 24 ? 5.235   -6.898  1.602   1.00 39.38 ? 24 GLU A CD  1 
ATOM   210 O OE1 . GLU A 1 24 ? 6.232   -6.784  0.851   1.00 34.55 ? 24 GLU A OE1 1 
ATOM   211 O OE2 . GLU A 1 24 ? 4.134   -7.368  1.221   1.00 40.99 ? 24 GLU A OE2 1 
ATOM   212 N N   . ASN A 1 25 ? 9.334   -4.981  4.938   1.00 23.70 ? 25 ASN A N   1 
ATOM   213 C CA  . ASN A 1 25 ? 10.681  -5.173  5.453   1.00 28.93 ? 25 ASN A CA  1 
ATOM   214 C C   . ASN A 1 25 ? 10.815  -4.665  6.888   1.00 28.67 ? 25 ASN A C   1 
ATOM   215 O O   . ASN A 1 25 ? 11.454  -5.301  7.732   1.00 31.58 ? 25 ASN A O   1 
ATOM   216 C CB  . ASN A 1 25 ? 11.683  -4.448  4.553   1.00 28.47 ? 25 ASN A CB  1 
ATOM   217 C CG  . ASN A 1 25 ? 11.886  -5.150  3.224   1.00 37.30 ? 25 ASN A CG  1 
ATOM   218 O OD1 . ASN A 1 25 ? 11.557  -6.327  3.070   1.00 39.56 ? 25 ASN A OD1 1 
ATOM   219 N ND2 . ASN A 1 25 ? 12.435  -4.431  2.254   1.00 38.11 ? 25 ASN A ND2 1 
ATOM   220 N N   . GLU A 1 26 ? 10.195  -3.520  7.154   1.00 23.27 ? 26 GLU A N   1 
ATOM   221 C CA  . GLU A 1 26 ? 10.229  -2.900  8.468   1.00 23.36 ? 26 GLU A CA  1 
ATOM   222 C C   . GLU A 1 26 ? 9.504   -3.737  9.516   1.00 27.70 ? 26 GLU A C   1 
ATOM   223 O O   . GLU A 1 26 ? 9.979   -3.885  10.647  1.00 29.20 ? 26 GLU A O   1 
ATOM   224 C CB  . GLU A 1 26 ? 9.602   -1.511  8.399   1.00 22.07 ? 26 GLU A CB  1 
ATOM   225 C CG  . GLU A 1 26 ? 10.542  -0.453  7.861   1.00 31.84 ? 26 GLU A CG  1 
ATOM   226 C CD  . GLU A 1 26 ? 11.768  -0.263  8.737   1.00 38.24 ? 26 GLU A CD  1 
ATOM   227 O OE1 . GLU A 1 26 ? 11.651  -0.416  9.975   1.00 39.82 ? 26 GLU A OE1 1 
ATOM   228 O OE2 . GLU A 1 26 ? 12.849  0.043   8.185   1.00 45.27 ? 26 GLU A OE2 1 
ATOM   229 N N   . ILE A 1 27 ? 8.355   -4.288  9.129   1.00 26.94 ? 27 ILE A N   1 
ATOM   230 C CA  . ILE A 1 27 ? 7.544   -5.111  10.012  1.00 32.04 ? 27 ILE A CA  1 
ATOM   231 C C   . ILE A 1 27 ? 8.177   -6.475  10.206  1.00 35.79 ? 27 ILE A C   1 
ATOM   232 O O   . ILE A 1 27 ? 7.915   -7.146  11.202  1.00 39.60 ? 27 ILE A O   1 
ATOM   233 C CB  . ILE A 1 27 ? 6.138   -5.324  9.436   1.00 33.47 ? 27 ILE A CB  1 
ATOM   234 C CG1 . ILE A 1 27 ? 5.482   -3.977  9.151   1.00 44.75 ? 27 ILE A CG1 1 
ATOM   235 C CG2 . ILE A 1 27 ? 5.289   -6.121  10.408  1.00 31.14 ? 27 ILE A CG2 1 
ATOM   236 C CD1 . ILE A 1 27 ? 4.414   -4.054  8.078   1.00 50.64 ? 27 ILE A CD1 1 
ATOM   237 N N   . ALA A 1 28 ? 8.999   -6.890  9.245   1.00 38.76 ? 28 ALA A N   1 
ATOM   238 C CA  . ALA A 1 28 ? 9.676   -8.182  9.314   1.00 35.42 ? 28 ALA A CA  1 
ATOM   239 C C   . ALA A 1 28 ? 10.889  -8.080  10.232  1.00 38.07 ? 28 ALA A C   1 
ATOM   240 O O   . ALA A 1 28 ? 11.343  -9.074  10.804  1.00 38.44 ? 28 ALA A O   1 
ATOM   241 C CB  . ALA A 1 28 ? 10.116  -8.627  7.929   1.00 30.26 ? 28 ALA A CB  1 
ATOM   242 N N   . ARG A 1 29 ? 11.405  -6.865  10.362  1.00 40.96 ? 29 ARG A N   1 
ATOM   243 C CA  . ARG A 1 29 ? 12.554  -6.609  11.208  1.00 43.18 ? 29 ARG A CA  1 
ATOM   244 C C   . ARG A 1 29 ? 12.070  -6.345  12.630  1.00 41.63 ? 29 ARG A C   1 
ATOM   245 O O   . ARG A 1 29 ? 12.546  -6.976  13.567  1.00 41.79 ? 29 ARG A O   1 
ATOM   246 C CB  . ARG A 1 29 ? 13.335  -5.403  10.686  1.00 46.90 ? 29 ARG A CB  1 
ATOM   247 C CG  . ARG A 1 29 ? 14.357  -4.859  11.664  1.00 58.28 ? 29 ARG A CG  1 
ATOM   248 C CD  . ARG A 1 29 ? 14.989  -3.578  11.146  1.00 70.03 ? 29 ARG A CD  1 
ATOM   249 N NE  . ARG A 1 29 ? 14.281  -2.392  11.620  1.00 76.18 ? 29 ARG A NE  1 
ATOM   250 C CZ  . ARG A 1 29 ? 14.202  -2.029  12.896  1.00 74.14 ? 29 ARG A CZ  1 
ATOM   251 N NH1 . ARG A 1 29 ? 14.789  -2.765  13.830  1.00 73.87 ? 29 ARG A NH1 1 
ATOM   252 N NH2 . ARG A 1 29 ? 13.531  -0.937  13.235  1.00 75.03 ? 29 ARG A NH2 1 
ATOM   253 N N   . VAL A 1 30 ? 11.114  -5.425  12.780  1.00 41.18 ? 30 VAL A N   1 
ATOM   254 C CA  . VAL A 1 30 ? 10.565  -5.076  14.089  1.00 43.53 ? 30 VAL A CA  1 
ATOM   255 C C   . VAL A 1 30 ? 10.067  -6.341  14.770  1.00 49.31 ? 30 VAL A C   1 
ATOM   256 O O   . VAL A 1 30 ? 10.389  -6.611  15.928  1.00 54.97 ? 30 VAL A O   1 
ATOM   257 C CB  . VAL A 1 30 ? 9.372   -4.075  13.966  1.00 35.56 ? 30 VAL A CB  1 
ATOM   258 C CG1 . VAL A 1 30 ? 8.348   -4.297  15.088  1.00 37.10 ? 30 VAL A CG1 1 
ATOM   259 C CG2 . VAL A 1 30 ? 9.895   -2.651  14.027  1.00 34.90 ? 30 VAL A CG2 1 
ATOM   260 N N   . LYS A 1 31 ? 9.272   -7.107  14.040  1.00 52.73 ? 31 LYS A N   1 
ATOM   261 C CA  . LYS A 1 31 ? 8.720   -8.344  14.552  1.00 58.55 ? 31 LYS A CA  1 
ATOM   262 C C   . LYS A 1 31 ? 9.736   -9.426  14.270  1.00 61.35 ? 31 LYS A C   1 
ATOM   263 O O   . LYS A 1 31 ? 10.491  -9.335  13.307  1.00 62.77 ? 31 LYS A O   1 
ATOM   264 C CB  . LYS A 1 31 ? 7.388   -8.633  13.855  1.00 59.31 ? 31 LYS A CB  1 
ATOM   265 C CG  . LYS A 1 31 ? 7.255   -9.998  13.208  1.00 52.47 ? 31 LYS A CG  1 
ATOM   266 C CD  . LYS A 1 31 ? 5.818   -10.249 12.789  1.00 50.94 ? 31 LYS A CD  1 
ATOM   267 C CE  . LYS A 1 31 ? 5.717   -11.547 12.015  1.00 53.05 ? 31 LYS A CE  1 
ATOM   268 N NZ  . LYS A 1 31 ? 6.778   -11.689 10.971  1.00 55.04 ? 31 LYS A NZ  1 
ATOM   269 N N   . LYS A 1 32 ? 9.750   -10.456 15.100  1.00 64.57 ? 32 LYS A N   1 
ATOM   270 C CA  . LYS A 1 32 ? 10.707  -11.527 14.929  1.00 65.77 ? 32 LYS A CA  1 
ATOM   271 C C   . LYS A 1 32 ? 12.076  -10.862 14.991  1.00 64.45 ? 32 LYS A C   1 
ATOM   272 O O   . LYS A 1 32 ? 12.925  -10.926 14.091  1.00 59.42 ? 32 LYS A O   1 
ATOM   273 C CB  . LYS A 1 32 ? 10.434  -12.269 13.623  1.00 68.22 ? 32 LYS A CB  1 
ATOM   274 C CG  . LYS A 1 32 ? 9.130   -13.081 13.701  1.00 66.37 ? 32 LYS A CG  1 
ATOM   275 C CD  . LYS A 1 32 ? 8.824   -13.573 15.129  1.00 60.54 ? 32 LYS A CD  1 
ATOM   276 C CE  . LYS A 1 32 ? 7.901   -12.618 15.891  1.00 61.35 ? 32 LYS A CE  1 
ATOM   277 N NZ  . LYS A 1 32 ? 6.731   -13.344 16.456  1.00 59.34 ? 32 LYS A NZ  1 
ATOM   278 N N   . LEU A 1 33 ? 12.180  -10.169 16.117  1.00 63.21 ? 33 LEU A N   1 
ATOM   279 C CA  . LEU A 1 33 ? 13.289  -9.401  16.650  1.00 58.92 ? 33 LEU A CA  1 
ATOM   280 C C   . LEU A 1 33 ? 12.617  -9.439  18.026  1.00 59.89 ? 33 LEU A C   1 
ATOM   281 O O   . LEU A 1 33 ? 12.890  -8.643  18.928  1.00 58.24 ? 33 LEU A O   1 
ATOM   282 C CB  . LEU A 1 33 ? 13.314  -7.979  16.099  1.00 52.22 ? 33 LEU A CB  1 
ATOM   283 C CG  . LEU A 1 33 ? 14.059  -6.968  16.983  1.00 50.32 ? 33 LEU A CG  1 
ATOM   284 C CD1 . LEU A 1 33 ? 15.149  -6.276  16.172  1.00 49.71 ? 33 LEU A CD1 1 
ATOM   285 C CD2 . LEU A 1 33 ? 13.075  -5.951  17.562  1.00 43.22 ? 33 LEU A CD2 1 
ATOM   286 N N   . LEU A 1 34 ? 11.689  -10.395 18.113  1.00 61.11 ? 34 LEU A N   1 
ATOM   287 C CA  . LEU A 1 34 ? 10.874  -10.683 19.286  1.00 62.70 ? 34 LEU A CA  1 
ATOM   288 C C   . LEU A 1 34 ? 10.081  -11.969 19.019  1.00 65.93 ? 34 LEU A C   1 
ATOM   289 O O   . LEU A 1 34 ? 8.864   -11.998 19.176  1.00 67.29 ? 34 LEU A O   1 
ATOM   290 C CB  . LEU A 1 34 ? 9.895   -9.531  19.582  1.00 59.21 ? 34 LEU A CB  1 
ATOM   291 C CG  . LEU A 1 34 ? 9.272   -8.613  18.507  1.00 57.06 ? 34 LEU A CG  1 
ATOM   292 C CD1 . LEU A 1 34 ? 8.229   -9.359  17.686  1.00 57.10 ? 34 LEU A CD1 1 
ATOM   293 C CD2 . LEU A 1 34 ? 8.622   -7.425  19.212  1.00 55.45 ? 34 LEU A CD2 1 
ATOM   294 N N   . GLY A 1 35 ? 10.770  -13.029 18.605  1.00 67.18 ? 35 GLY A N   1 
ATOM   295 C CA  . GLY A 1 35 ? 10.080  -14.278 18.334  1.00 71.02 ? 35 GLY A CA  1 
ATOM   296 C C   . GLY A 1 35 ? 10.955  -15.343 17.708  1.00 73.72 ? 35 GLY A C   1 
ATOM   297 O O   . GLY A 1 35 ? 10.406  -16.324 17.156  1.00 77.04 ? 35 GLY A O   1 
ATOM   298 N N   . ARG B 1 1  ? -16.827 4.152   -20.437 1.00 50.36 ? 1  ARG B N   1 
ATOM   299 C CA  . ARG B 1 1  ? -16.325 3.166   -19.442 1.00 45.77 ? 1  ARG B CA  1 
ATOM   300 C C   . ARG B 1 1  ? -14.943 3.529   -18.904 1.00 44.02 ? 1  ARG B C   1 
ATOM   301 O O   . ARG B 1 1  ? -14.764 3.700   -17.698 1.00 43.98 ? 1  ARG B O   1 
ATOM   302 C CB  . ARG B 1 1  ? -16.296 1.765   -20.064 1.00 48.14 ? 1  ARG B CB  1 
ATOM   303 C CG  . ARG B 1 1  ? -16.127 0.624   -19.068 1.00 53.97 ? 1  ARG B CG  1 
ATOM   304 C CD  . ARG B 1 1  ? -14.921 -0.234  -19.433 1.00 61.11 ? 1  ARG B CD  1 
ATOM   305 N NE  . ARG B 1 1  ? -15.221 -1.209  -20.481 1.00 72.38 ? 1  ARG B NE  1 
ATOM   306 C CZ  . ARG B 1 1  ? -14.300 -1.825  -21.217 1.00 77.24 ? 1  ARG B CZ  1 
ATOM   307 N NH1 . ARG B 1 1  ? -13.013 -1.565  -21.023 1.00 83.55 ? 1  ARG B NH1 1 
ATOM   308 N NH2 . ARG B 1 1  ? -14.663 -2.702  -22.146 1.00 78.59 ? 1  ARG B NH2 1 
ATOM   309 N N   . LEU B 1 2  ? -13.981 3.672   -19.812 1.00 39.26 ? 2  LEU B N   1 
ATOM   310 C CA  . LEU B 1 2  ? -12.605 3.986   -19.455 1.00 35.42 ? 2  LEU B CA  1 
ATOM   311 C C   . LEU B 1 2  ? -12.360 5.238   -18.638 1.00 34.91 ? 2  LEU B C   1 
ATOM   312 O O   . LEU B 1 2  ? -11.522 5.238   -17.753 1.00 34.01 ? 2  LEU B O   1 
ATOM   313 C CB  . LEU B 1 2  ? -11.755 4.042   -20.715 1.00 32.40 ? 2  LEU B CB  1 
ATOM   314 C CG  . LEU B 1 2  ? -11.102 2.708   -21.125 1.00 38.30 ? 2  LEU B CG  1 
ATOM   315 C CD1 . LEU B 1 2  ? -12.057 1.540   -20.784 1.00 34.74 ? 2  LEU B CD1 1 
ATOM   316 C CD2 . LEU B 1 2  ? -10.892 2.715   -22.649 1.00 44.02 ? 2  LEU B CD2 1 
ATOM   317 N N   . LEU B 1 3  ? -13.083 6.313   -18.934 1.00 34.33 ? 3  LEU B N   1 
ATOM   318 C CA  . LEU B 1 3  ? -12.923 7.568   -18.198 1.00 38.04 ? 3  LEU B CA  1 
ATOM   319 C C   . LEU B 1 3  ? -13.321 7.400   -16.728 1.00 36.32 ? 3  LEU B C   1 
ATOM   320 O O   . LEU B 1 3  ? -12.660 7.919   -15.822 1.00 33.64 ? 3  LEU B O   1 
ATOM   321 C CB  . LEU B 1 3  ? -13.794 8.667   -18.823 1.00 46.70 ? 3  LEU B CB  1 
ATOM   322 C CG  . LEU B 1 3  ? -13.110 9.703   -19.717 1.00 54.87 ? 3  LEU B CG  1 
ATOM   323 C CD1 . LEU B 1 3  ? -12.073 10.460  -18.907 1.00 54.24 ? 3  LEU B CD1 1 
ATOM   324 C CD2 . LEU B 1 3  ? -12.464 9.016   -20.907 1.00 57.67 ? 3  LEU B CD2 1 
ATOM   325 N N   . GLN B 1 4  ? -14.408 6.665   -16.506 1.00 31.24 ? 4  GLN B N   1 
ATOM   326 C CA  . GLN B 1 4  ? -14.950 6.411   -15.175 1.00 36.61 ? 4  GLN B CA  1 
ATOM   327 C C   . GLN B 1 4  ? -14.085 5.443   -14.366 1.00 36.99 ? 4  GLN B C   1 
ATOM   328 O O   . GLN B 1 4  ? -13.849 5.654   -13.175 1.00 42.05 ? 4  GLN B O   1 
ATOM   329 C CB  . GLN B 1 4  ? -16.359 5.869   -15.299 1.00 31.57 ? 4  GLN B CB  1 
ATOM   330 N N   . ARG B 1 5  ? -13.642 4.374   -15.027 1.00 37.68 ? 5  ARG B N   1 
ATOM   331 C CA  . ARG B 1 5  ? -12.780 3.341   -14.442 1.00 34.06 ? 5  ARG B CA  1 
ATOM   332 C C   . ARG B 1 5  ? -11.489 3.982   -13.923 1.00 29.91 ? 5  ARG B C   1 
ATOM   333 O O   . ARG B 1 5  ? -10.994 3.646   -12.843 1.00 32.81 ? 5  ARG B O   1 
ATOM   334 C CB  . ARG B 1 5  ? -12.395 2.334   -15.517 1.00 27.76 ? 5  ARG B CB  1 
ATOM   335 C CG  . ARG B 1 5  ? -13.162 1.042   -15.594 1.00 30.28 ? 5  ARG B CG  1 
ATOM   336 C CD  . ARG B 1 5  ? -12.444 0.204   -16.651 1.00 43.08 ? 5  ARG B CD  1 
ATOM   337 N NE  . ARG B 1 5  ? -13.081 -1.078  -16.938 1.00 52.34 ? 5  ARG B NE  1 
ATOM   338 C CZ  . ARG B 1 5  ? -12.422 -2.179  -17.261 1.00 57.45 ? 5  ARG B CZ  1 
ATOM   339 N NH1 . ARG B 1 5  ? -11.095 -2.178  -17.359 1.00 56.75 ? 5  ARG B NH1 1 
ATOM   340 N NH2 . ARG B 1 5  ? -13.085 -3.306  -17.498 1.00 67.11 ? 5  ARG B NH2 1 
ATOM   341 N N   . ILE B 1 6  ? -10.936 4.881   -14.735 1.00 23.51 ? 6  ILE B N   1 
ATOM   342 C CA  . ILE B 1 6  ? -9.706  5.591   -14.418 1.00 22.11 ? 6  ILE B CA  1 
ATOM   343 C C   . ILE B 1 6  ? -9.903  6.536   -13.238 1.00 26.65 ? 6  ILE B C   1 
ATOM   344 O O   . ILE B 1 6  ? -9.013  6.681   -12.400 1.00 33.14 ? 6  ILE B O   1 
ATOM   345 C CB  . ILE B 1 6  ? -9.228  6.414   -15.629 1.00 24.14 ? 6  ILE B CB  1 
ATOM   346 C CG1 . ILE B 1 6  ? -8.655  5.478   -16.698 1.00 35.26 ? 6  ILE B CG1 1 
ATOM   347 C CG2 . ILE B 1 6  ? -8.219  7.460   -15.187 1.00 25.04 ? 6  ILE B CG2 1 
ATOM   348 C CD1 . ILE B 1 6  ? -7.178  5.209   -16.571 1.00 42.46 ? 6  ILE B CD1 1 
ATOM   349 N N   . LYS B 1 7  ? -11.064 7.185   -13.184 1.00 23.72 ? 7  LYS B N   1 
ATOM   350 C CA  . LYS B 1 7  ? -11.379 8.111   -12.106 1.00 25.07 ? 7  LYS B CA  1 
ATOM   351 C C   . LYS B 1 7  ? -11.525 7.316   -10.815 1.00 27.83 ? 7  LYS B C   1 
ATOM   352 O O   . LYS B 1 7  ? -11.101 7.755   -9.747  1.00 26.39 ? 7  LYS B O   1 
ATOM   353 C CB  . LYS B 1 7  ? -12.678 8.862   -12.403 1.00 29.07 ? 7  LYS B CB  1 
ATOM   354 C CG  . LYS B 1 7  ? -13.281 9.548   -11.187 1.00 32.91 ? 7  LYS B CG  1 
ATOM   355 C CD  . LYS B 1 7  ? -12.658 10.926  -10.958 1.00 45.08 ? 7  LYS B CD  1 
ATOM   356 C CE  . LYS B 1 7  ? -11.266 10.841  -10.334 1.00 45.26 ? 7  LYS B CE  1 
ATOM   357 N NZ  . LYS B 1 7  ? -10.864 12.124  -9.696  1.00 46.39 ? 7  LYS B NZ  1 
ATOM   358 N N   . GLN B 1 8  ? -12.131 6.139   -10.939 1.00 26.36 ? 8  GLN B N   1 
ATOM   359 C CA  . GLN B 1 8  ? -12.347 5.240   -9.821  1.00 29.86 ? 8  GLN B CA  1 
ATOM   360 C C   . GLN B 1 8  ? -11.010 4.682   -9.324  1.00 29.21 ? 8  GLN B C   1 
ATOM   361 O O   . GLN B 1 8  ? -10.800 4.528   -8.121  1.00 26.97 ? 8  GLN B O   1 
ATOM   362 C CB  . GLN B 1 8  ? -13.267 4.097   -10.257 1.00 32.90 ? 8  GLN B CB  1 
ATOM   363 C CG  . GLN B 1 8  ? -13.475 3.023   -9.203  1.00 53.10 ? 8  GLN B CG  1 
ATOM   364 C CD  . GLN B 1 8  ? -13.249 1.618   -9.744  1.00 66.00 ? 8  GLN B CD  1 
ATOM   365 O OE1 . GLN B 1 8  ? -14.049 1.111   -10.531 1.00 72.55 ? 8  GLN B OE1 1 
ATOM   366 N NE2 . GLN B 1 8  ? -12.154 0.991   -9.320  1.00 67.14 ? 8  GLN B NE2 1 
ATOM   367 N N   . GLN B 1 9  ? -10.109 4.384   -10.256 1.00 23.57 ? 9  GLN B N   1 
ATOM   368 C CA  . GLN B 1 9  ? -8.805  3.850   -9.908  1.00 21.88 ? 9  GLN B CA  1 
ATOM   369 C C   . GLN B 1 9  ? -7.965  4.910   -9.213  1.00 21.67 ? 9  GLN B C   1 
ATOM   370 O O   . GLN B 1 9  ? -7.162  4.599   -8.340  1.00 25.76 ? 9  GLN B O   1 
ATOM   371 C CB  . GLN B 1 9  ? -8.076  3.371   -11.162 1.00 25.78 ? 9  GLN B CB  1 
ATOM   372 C CG  . GLN B 1 9  ? -8.458  1.973   -11.599 1.00 37.18 ? 9  GLN B CG  1 
ATOM   373 C CD  . GLN B 1 9  ? -8.317  0.965   -10.474 1.00 44.80 ? 9  GLN B CD  1 
ATOM   374 O OE1 . GLN B 1 9  ? -7.212  0.740   -9.960  1.00 42.56 ? 9  GLN B OE1 1 
ATOM   375 N NE2 . GLN B 1 9  ? -9.436  0.355   -10.076 1.00 33.23 ? 9  GLN B NE2 1 
ATOM   376 N N   . GLU B 1 10 ? -8.153  6.164   -9.608  1.00 19.19 ? 10 GLU B N   1 
ATOM   377 C CA  . GLU B 1 10 ? -7.411  7.269   -9.011  1.00 25.20 ? 10 GLU B CA  1 
ATOM   378 C C   . GLU B 1 10 ? -7.901  7.535   -7.596  1.00 26.04 ? 10 GLU B C   1 
ATOM   379 O O   . GLU B 1 10 ? -7.126  7.932   -6.726  1.00 26.28 ? 10 GLU B O   1 
ATOM   380 C CB  . GLU B 1 10 ? -7.571  8.541   -9.839  1.00 25.46 ? 10 GLU B CB  1 
ATOM   381 C CG  . GLU B 1 10 ? -6.777  8.541   -11.122 1.00 29.95 ? 10 GLU B CG  1 
ATOM   382 C CD  . GLU B 1 10 ? -7.310  9.539   -12.134 1.00 31.89 ? 10 GLU B CD  1 
ATOM   383 O OE1 . GLU B 1 10 ? -8.364  10.166  -11.867 1.00 25.37 ? 10 GLU B OE1 1 
ATOM   384 O OE2 . GLU B 1 10 ? -6.669  9.696   -13.194 1.00 31.19 ? 10 GLU B OE2 1 
ATOM   385 N N   . ASP B 1 11 ? -9.196  7.324   -7.379  1.00 29.14 ? 11 ASP B N   1 
ATOM   386 C CA  . ASP B 1 11 ? -9.789  7.527   -6.065  1.00 28.23 ? 11 ASP B CA  1 
ATOM   387 C C   . ASP B 1 11 ? -9.341  6.399   -5.146  1.00 28.11 ? 11 ASP B C   1 
ATOM   388 O O   . ASP B 1 11 ? -8.992  6.628   -3.989  1.00 30.06 ? 11 ASP B O   1 
ATOM   389 C CB  . ASP B 1 11 ? -11.316 7.532   -6.162  1.00 25.28 ? 11 ASP B CB  1 
ATOM   390 C CG  . ASP B 1 11 ? -11.865 8.831   -6.725  1.00 28.64 ? 11 ASP B CG  1 
ATOM   391 O OD1 . ASP B 1 11 ? -11.096 9.813   -6.843  1.00 27.17 ? 11 ASP B OD1 1 
ATOM   392 O OD2 . ASP B 1 11 ? -13.067 8.864   -7.052  1.00 32.54 ? 11 ASP B OD2 1 
ATOM   393 N N   . LYS B 1 12 ? -9.347  5.182   -5.680  1.00 22.55 ? 12 LYS B N   1 
ATOM   394 C CA  . LYS B 1 12 ? -8.954  4.009   -4.921  1.00 24.48 ? 12 LYS B CA  1 
ATOM   395 C C   . LYS B 1 12 ? -7.483  4.063   -4.528  1.00 25.89 ? 12 LYS B C   1 
ATOM   396 O O   . LYS B 1 12 ? -7.118  3.670   -3.422  1.00 27.67 ? 12 LYS B O   1 
ATOM   397 C CB  . LYS B 1 12 ? -9.235  2.737   -5.727  1.00 25.02 ? 12 LYS B CB  1 
ATOM   398 C CG  . LYS B 1 12 ? -8.937  1.453   -4.972  1.00 37.36 ? 12 LYS B CG  1 
ATOM   399 C CD  . LYS B 1 12 ? -10.120 1.041   -4.106  1.00 49.69 ? 12 LYS B CD  1 
ATOM   400 C CE  . LYS B 1 12 ? -9.815  1.211   -2.621  1.00 50.16 ? 12 LYS B CE  1 
ATOM   401 N NZ  . LYS B 1 12 ? -10.410 0.120   -1.795  1.00 47.58 ? 12 LYS B NZ  1 
ATOM   402 N N   . LEU B 1 13 ? -6.643  4.556   -5.429  1.00 22.94 ? 13 LEU B N   1 
ATOM   403 C CA  . LEU B 1 13 ? -5.219  4.644   -5.157  1.00 23.98 ? 13 LEU B CA  1 
ATOM   404 C C   . LEU B 1 13 ? -4.919  5.668   -4.061  1.00 25.44 ? 13 LEU B C   1 
ATOM   405 O O   . LEU B 1 13 ? -4.003  5.479   -3.252  1.00 29.51 ? 13 LEU B O   1 
ATOM   406 C CB  . LEU B 1 13 ? -4.456  5.002   -6.439  1.00 20.23 ? 13 LEU B CB  1 
ATOM   407 C CG  . LEU B 1 13 ? -2.929  5.093   -6.340  1.00 29.29 ? 13 LEU B CG  1 
ATOM   408 C CD1 . LEU B 1 13 ? -2.396  3.990   -5.433  1.00 28.41 ? 13 LEU B CD1 1 
ATOM   409 C CD2 . LEU B 1 13 ? -2.316  4.982   -7.719  1.00 21.49 ? 13 LEU B CD2 1 
ATOM   410 N N   . GLU B 1 14 ? -5.687  6.751   -4.036  1.00 23.33 ? 14 GLU B N   1 
ATOM   411 C CA  . GLU B 1 14 ? -5.497  7.793   -3.035  1.00 25.70 ? 14 GLU B CA  1 
ATOM   412 C C   . GLU B 1 14 ? -5.889  7.269   -1.652  1.00 25.86 ? 14 GLU B C   1 
ATOM   413 O O   . GLU B 1 14 ? -5.261  7.596   -0.641  1.00 29.51 ? 14 GLU B O   1 
ATOM   414 C CB  . GLU B 1 14 ? -6.339  9.020   -3.389  1.00 25.23 ? 14 GLU B CB  1 
ATOM   415 C CG  . GLU B 1 14 ? -5.650  9.990   -4.337  1.00 48.41 ? 14 GLU B CG  1 
ATOM   416 C CD  . GLU B 1 14 ? -4.281  10.425  -3.832  1.00 59.01 ? 14 GLU B CD  1 
ATOM   417 O OE1 . GLU B 1 14 ? -4.224  11.169  -2.828  1.00 66.02 ? 14 GLU B OE1 1 
ATOM   418 O OE2 . GLU B 1 14 ? -3.267  10.018  -4.440  1.00 61.59 ? 14 GLU B OE2 1 
ATOM   419 N N   . GLU B 1 15 ? -6.940  6.453   -1.615  1.00 23.50 ? 15 GLU B N   1 
ATOM   420 C CA  . GLU B 1 15 ? -7.406  5.880   -0.366  1.00 25.78 ? 15 GLU B CA  1 
ATOM   421 C C   . GLU B 1 15 ? -6.428  4.796   0.062   1.00 26.03 ? 15 GLU B C   1 
ATOM   422 O O   . GLU B 1 15 ? -6.240  4.539   1.254   1.00 28.00 ? 15 GLU B O   1 
ATOM   423 C CB  . GLU B 1 15 ? -8.804  5.291   -0.543  1.00 27.42 ? 15 GLU B CB  1 
ATOM   424 C CG  . GLU B 1 15 ? -9.863  6.344   -0.853  1.00 48.20 ? 15 GLU B CG  1 
ATOM   425 C CD  . GLU B 1 15 ? -11.151 5.744   -1.411  1.00 54.99 ? 15 GLU B CD  1 
ATOM   426 O OE1 . GLU B 1 15 ? -11.136 4.557   -1.800  1.00 57.78 ? 15 GLU B OE1 1 
ATOM   427 O OE2 . GLU B 1 15 ? -12.175 6.463   -1.457  1.00 57.79 ? 15 GLU B OE2 1 
ATOM   428 N N   . THR B 1 16 ? -5.803  4.165   -0.923  1.00 22.60 ? 16 THR B N   1 
ATOM   429 C CA  . THR B 1 16 ? -4.830  3.116   -0.680  1.00 23.42 ? 16 THR B CA  1 
ATOM   430 C C   . THR B 1 16 ? -3.578  3.732   -0.055  1.00 25.01 ? 16 THR B C   1 
ATOM   431 O O   . THR B 1 16 ? -2.970  3.151   0.846   1.00 21.41 ? 16 THR B O   1 
ATOM   432 C CB  . THR B 1 16 ? -4.441  2.408   -2.000  1.00 26.54 ? 16 THR B CB  1 
ATOM   433 O OG1 . THR B 1 16 ? -5.566  1.674   -2.503  1.00 26.40 ? 16 THR B OG1 1 
ATOM   434 C CG2 . THR B 1 16 ? -3.264  1.454   -1.775  1.00 23.66 ? 16 THR B CG2 1 
ATOM   435 N N   . LEU B 1 17 ? -3.205  4.916   -0.538  1.00 18.63 ? 17 LEU B N   1 
ATOM   436 C CA  . LEU B 1 17 ? -2.030  5.621   -0.041  1.00 19.40 ? 17 LEU B CA  1 
ATOM   437 C C   . LEU B 1 17 ? -2.286  6.074   1.383   1.00 23.88 ? 17 LEU B C   1 
ATOM   438 O O   . LEU B 1 17 ? -1.398  6.055   2.235   1.00 24.28 ? 17 LEU B O   1 
ATOM   439 C CB  . LEU B 1 17 ? -1.722  6.832   -0.922  1.00 15.60 ? 17 LEU B CB  1 
ATOM   440 C CG  . LEU B 1 17 ? -0.844  6.517   -2.134  1.00 26.76 ? 17 LEU B CG  1 
ATOM   441 C CD1 . LEU B 1 17 ? -0.878  7.686   -3.111  1.00 27.22 ? 17 LEU B CD1 1 
ATOM   442 C CD2 . LEU B 1 17 ? 0.577   6.232   -1.662  1.00 28.05 ? 17 LEU B CD2 1 
ATOM   443 N N   . SER B 1 18 ? -3.519  6.487   1.635   1.00 22.20 ? 18 SER B N   1 
ATOM   444 C CA  . SER B 1 18 ? -3.906  6.932   2.952   1.00 22.84 ? 18 SER B CA  1 
ATOM   445 C C   . SER B 1 18 ? -3.655  5.791   3.950   1.00 20.15 ? 18 SER B C   1 
ATOM   446 O O   . SER B 1 18 ? -3.105  6.002   5.033   1.00 20.63 ? 18 SER B O   1 
ATOM   447 C CB  . SER B 1 18 ? -5.380  7.328   2.935   1.00 21.82 ? 18 SER B CB  1 
ATOM   448 O OG  . SER B 1 18 ? -5.667  8.219   3.990   1.00 39.07 ? 18 SER B OG  1 
ATOM   449 N N   . LYS B 1 19 ? -4.054  4.583   3.563   1.00 19.69 ? 19 LYS B N   1 
ATOM   450 C CA  . LYS B 1 19 ? -3.875  3.382   4.377   1.00 25.75 ? 19 LYS B CA  1 
ATOM   451 C C   . LYS B 1 19 ? -2.400  3.173   4.697   1.00 26.39 ? 19 LYS B C   1 
ATOM   452 O O   . LYS B 1 19 ? -2.038  2.909   5.844   1.00 28.40 ? 19 LYS B O   1 
ATOM   453 C CB  . LYS B 1 19 ? -4.393  2.146   3.630   1.00 29.38 ? 19 LYS B CB  1 
ATOM   454 C CG  . LYS B 1 19 ? -5.882  1.888   3.770   1.00 40.00 ? 19 LYS B CG  1 
ATOM   455 C CD  . LYS B 1 19 ? -6.323  0.716   2.893   1.00 44.79 ? 19 LYS B CD  1 
ATOM   456 C CE  . LYS B 1 19 ? -7.750  0.911   2.413   1.00 48.16 ? 19 LYS B CE  1 
ATOM   457 N NZ  . LYS B 1 19 ? -8.701  0.805   3.551   1.00 43.17 ? 19 LYS B NZ  1 
ATOM   458 N N   . ILE B 1 20 ? -1.562  3.273   3.666   1.00 24.11 ? 20 ILE B N   1 
ATOM   459 C CA  . ILE B 1 20 ? -0.122  3.094   3.799   1.00 22.86 ? 20 ILE B CA  1 
ATOM   460 C C   . ILE B 1 20 ? 0.482   4.133   4.738   1.00 22.30 ? 20 ILE B C   1 
ATOM   461 O O   . ILE B 1 20 ? 1.379   3.817   5.524   1.00 24.95 ? 20 ILE B O   1 
ATOM   462 C CB  . ILE B 1 20 ? 0.579   3.183   2.417   1.00 13.11 ? 20 ILE B CB  1 
ATOM   463 C CG1 . ILE B 1 20 ? 0.399   1.863   1.672   1.00 13.45 ? 20 ILE B CG1 1 
ATOM   464 C CG2 . ILE B 1 20 ? 2.062   3.491   2.570   1.00 11.22 ? 20 ILE B CG2 1 
ATOM   465 C CD1 . ILE B 1 20 ? 0.019   2.036   0.234   1.00 18.76 ? 20 ILE B CD1 1 
ATOM   466 N N   . TYR B 1 21 ? -0.007  5.370   4.656   1.00 20.17 ? 21 TYR B N   1 
ATOM   467 C CA  . TYR B 1 21 ? 0.485   6.446   5.513   1.00 22.13 ? 21 TYR B CA  1 
ATOM   468 C C   . TYR B 1 21 ? 0.216   6.074   6.959   1.00 22.39 ? 21 TYR B C   1 
ATOM   469 O O   . TYR B 1 21 ? 1.083   6.223   7.825   1.00 21.56 ? 21 TYR B O   1 
ATOM   470 C CB  . TYR B 1 21 ? -0.223  7.762   5.184   1.00 18.47 ? 21 TYR B CB  1 
ATOM   471 C CG  . TYR B 1 21 ? 0.156   8.331   3.840   1.00 16.68 ? 21 TYR B CG  1 
ATOM   472 C CD1 . TYR B 1 21 ? 1.287   7.877   3.154   1.00 22.08 ? 21 TYR B CD1 1 
ATOM   473 C CD2 . TYR B 1 21 ? -0.628  9.312   3.240   1.00 20.38 ? 21 TYR B CD2 1 
ATOM   474 C CE1 . TYR B 1 21 ? 1.630   8.393   1.907   1.00 26.02 ? 21 TYR B CE1 1 
ATOM   475 C CE2 . TYR B 1 21 ? -0.293  9.838   1.990   1.00 24.13 ? 21 TYR B CE2 1 
ATOM   476 C CZ  . TYR B 1 21 ? 0.837   9.372   1.329   1.00 28.77 ? 21 TYR B CZ  1 
ATOM   477 O OH  . TYR B 1 21 ? 1.160   9.886   0.095   1.00 26.58 ? 21 TYR B OH  1 
ATOM   478 N N   . HIS B 1 22 ? -0.992  5.578   7.207   1.00 20.09 ? 22 HIS B N   1 
ATOM   479 C CA  . HIS B 1 22 ? -1.393  5.181   8.540   1.00 22.60 ? 22 HIS B CA  1 
ATOM   480 C C   . HIS B 1 22 ? -0.496  4.073   9.069   1.00 23.19 ? 22 HIS B C   1 
ATOM   481 O O   . HIS B 1 22 ? -0.009  4.146   10.194  1.00 25.15 ? 22 HIS B O   1 
ATOM   482 C CB  . HIS B 1 22 ? -2.847  4.709   8.539   1.00 21.46 ? 22 HIS B CB  1 
ATOM   483 C CG  . HIS B 1 22 ? -3.269  4.091   9.833   1.00 23.23 ? 22 HIS B CG  1 
ATOM   484 N ND1 . HIS B 1 22 ? -3.593  2.753   9.950   1.00 25.53 ? 22 HIS B ND1 1 
ATOM   485 C CD2 . HIS B 1 22 ? -3.390  4.614   11.075  1.00 19.59 ? 22 HIS B CD2 1 
ATOM   486 C CE1 . HIS B 1 22 ? -3.895  2.484   11.208  1.00 22.74 ? 22 HIS B CE1 1 
ATOM   487 N NE2 . HIS B 1 22 ? -3.780  3.599   11.910  1.00 23.74 ? 22 HIS B NE2 1 
ATOM   488 N N   . LEU B 1 23 ? -0.282  3.043   8.257   1.00 18.64 ? 23 LEU B N   1 
ATOM   489 C CA  . LEU B 1 23 ? 0.557   1.919   8.648   1.00 19.46 ? 23 LEU B CA  1 
ATOM   490 C C   . LEU B 1 23 ? 1.992   2.369   8.913   1.00 20.71 ? 23 LEU B C   1 
ATOM   491 O O   . LEU B 1 23 ? 2.636   1.894   9.850   1.00 21.87 ? 23 LEU B O   1 
ATOM   492 C CB  . LEU B 1 23 ? 0.542   0.842   7.558   1.00 20.42 ? 23 LEU B CB  1 
ATOM   493 C CG  . LEU B 1 23 ? -0.747  0.040   7.341   1.00 22.83 ? 23 LEU B CG  1 
ATOM   494 C CD1 . LEU B 1 23 ? -0.533  -1.042  6.278   1.00 22.44 ? 23 LEU B CD1 1 
ATOM   495 C CD2 . LEU B 1 23 ? -1.160  -0.584  8.657   1.00 29.36 ? 23 LEU B CD2 1 
ATOM   496 N N   . GLU B 1 24 ? 2.489   3.282   8.081   1.00 17.66 ? 24 GLU B N   1 
ATOM   497 C CA  . GLU B 1 24 ? 3.843   3.805   8.228   1.00 20.64 ? 24 GLU B CA  1 
ATOM   498 C C   . GLU B 1 24 ? 3.944   4.502   9.578   1.00 19.95 ? 24 GLU B C   1 
ATOM   499 O O   . GLU B 1 24 ? 4.986   4.501   10.231  1.00 21.32 ? 24 GLU B O   1 
ATOM   500 C CB  . GLU B 1 24 ? 4.145   4.799   7.104   1.00 11.49 ? 24 GLU B CB  1 
ATOM   501 C CG  . GLU B 1 24 ? 4.286   4.156   5.720   1.00 15.73 ? 24 GLU B CG  1 
ATOM   502 C CD  . GLU B 1 24 ? 4.872   5.107   4.681   1.00 16.56 ? 24 GLU B CD  1 
ATOM   503 O OE1 . GLU B 1 24 ? 4.605   6.321   4.778   1.00 15.79 ? 24 GLU B OE1 1 
ATOM   504 O OE2 . GLU B 1 24 ? 5.592   4.642   3.770   1.00 15.03 ? 24 GLU B OE2 1 
ATOM   505 N N   . ASN B 1 25 ? 2.833   5.097   9.991   1.00 20.46 ? 25 ASN B N   1 
ATOM   506 C CA  . ASN B 1 25 ? 2.769   5.800   11.249  1.00 21.41 ? 25 ASN B CA  1 
ATOM   507 C C   . ASN B 1 25 ? 2.699   4.803   12.400  1.00 22.51 ? 25 ASN B C   1 
ATOM   508 O O   . ASN B 1 25 ? 3.253   5.042   13.471  1.00 18.99 ? 25 ASN B O   1 
ATOM   509 C CB  . ASN B 1 25 ? 1.545   6.709   11.265  1.00 27.25 ? 25 ASN B CB  1 
ATOM   510 C CG  . ASN B 1 25 ? 1.897   8.143   10.951  1.00 41.57 ? 25 ASN B CG  1 
ATOM   511 O OD1 . ASN B 1 25 ? 2.300   8.903   11.834  1.00 52.51 ? 25 ASN B OD1 1 
ATOM   512 N ND2 . ASN B 1 25 ? 1.756   8.530   9.686   1.00 42.93 ? 25 ASN B ND2 1 
ATOM   513 N N   . GLU B 1 26 ? 2.001   3.695   12.161  1.00 19.70 ? 26 GLU B N   1 
ATOM   514 C CA  . GLU B 1 26 ? 1.844   2.629   13.136  1.00 21.77 ? 26 GLU B CA  1 
ATOM   515 C C   . GLU B 1 26 ? 3.213   2.016   13.379  1.00 28.09 ? 26 GLU B C   1 
ATOM   516 O O   . GLU B 1 26 ? 3.609   1.787   14.524  1.00 27.80 ? 26 GLU B O   1 
ATOM   517 C CB  . GLU B 1 26 ? 0.907   1.552   12.591  1.00 22.94 ? 26 GLU B CB  1 
ATOM   518 C CG  . GLU B 1 26 ? -0.553  1.922   12.649  1.00 30.00 ? 26 GLU B CG  1 
ATOM   519 C CD  . GLU B 1 26 ? -0.975  2.340   14.032  1.00 33.50 ? 26 GLU B CD  1 
ATOM   520 O OE1 . GLU B 1 26 ? -1.148  1.445   14.886  1.00 37.08 ? 26 GLU B OE1 1 
ATOM   521 O OE2 . GLU B 1 26 ? -1.118  3.563   14.263  1.00 42.27 ? 26 GLU B OE2 1 
ATOM   522 N N   . ILE B 1 27 ? 3.920   1.763   12.278  1.00 26.07 ? 27 ILE B N   1 
ATOM   523 C CA  . ILE B 1 27 ? 5.257   1.179   12.289  1.00 23.79 ? 27 ILE B CA  1 
ATOM   524 C C   . ILE B 1 27 ? 6.241   2.104   13.004  1.00 25.82 ? 27 ILE B C   1 
ATOM   525 O O   . ILE B 1 27 ? 7.139   1.636   13.695  1.00 25.43 ? 27 ILE B O   1 
ATOM   526 C CB  . ILE B 1 27 ? 5.755   0.921   10.836  1.00 24.08 ? 27 ILE B CB  1 
ATOM   527 C CG1 . ILE B 1 27 ? 5.579   -0.560  10.466  1.00 29.99 ? 27 ILE B CG1 1 
ATOM   528 C CG2 . ILE B 1 27 ? 7.205   1.324   10.695  1.00 22.39 ? 27 ILE B CG2 1 
ATOM   529 C CD1 . ILE B 1 27 ? 6.416   -1.525  11.290  1.00 31.59 ? 27 ILE B CD1 1 
ATOM   530 N N   . ALA B 1 28 ? 6.078   3.411   12.818  1.00 22.52 ? 28 ALA B N   1 
ATOM   531 C CA  . ALA B 1 28 ? 6.937   4.407   13.457  1.00 24.99 ? 28 ALA B CA  1 
ATOM   532 C C   . ALA B 1 28 ? 6.769   4.398   14.979  1.00 31.55 ? 28 ALA B C   1 
ATOM   533 O O   . ALA B 1 28 ? 7.758   4.462   15.717  1.00 33.81 ? 28 ALA B O   1 
ATOM   534 C CB  . ALA B 1 28 ? 6.616   5.791   12.917  1.00 20.24 ? 28 ALA B CB  1 
ATOM   535 N N   . ARG B 1 29 ? 5.513   4.336   15.449  1.00 31.51 ? 29 ARG B N   1 
ATOM   536 C CA  . ARG B 1 29 ? 5.229   4.314   16.888  1.00 32.69 ? 29 ARG B CA  1 
ATOM   537 C C   . ARG B 1 29 ? 5.738   3.032   17.516  1.00 32.36 ? 29 ARG B C   1 
ATOM   538 O O   . ARG B 1 29 ? 6.266   3.040   18.630  1.00 37.17 ? 29 ARG B O   1 
ATOM   539 C CB  . ARG B 1 29 ? 3.729   4.390   17.217  1.00 35.55 ? 29 ARG B CB  1 
ATOM   540 C CG  . ARG B 1 29 ? 2.791   4.696   16.095  1.00 55.50 ? 29 ARG B CG  1 
ATOM   541 C CD  . ARG B 1 29 ? 1.954   5.909   16.456  1.00 57.54 ? 29 ARG B CD  1 
ATOM   542 N NE  . ARG B 1 29 ? 0.583   5.546   16.822  1.00 62.26 ? 29 ARG B NE  1 
ATOM   543 C CZ  . ARG B 1 29 ? -0.473  6.338   16.681  1.00 62.48 ? 29 ARG B CZ  1 
ATOM   544 N NH1 . ARG B 1 29 ? -0.356  7.569   16.194  1.00 63.96 ? 29 ARG B NH1 1 
ATOM   545 N NH2 . ARG B 1 29 ? -1.664  5.884   17.044  1.00 62.27 ? 29 ARG B NH2 1 
ATOM   546 N N   . VAL B 1 30 ? 5.540   1.922   16.810  1.00 29.71 ? 30 VAL B N   1 
ATOM   547 C CA  . VAL B 1 30 ? 5.965   0.611   17.283  1.00 32.76 ? 30 VAL B CA  1 
ATOM   548 C C   . VAL B 1 30 ? 7.484   0.569   17.422  1.00 36.44 ? 30 VAL B C   1 
ATOM   549 O O   . VAL B 1 30 ? 8.019   -0.131  18.281  1.00 40.16 ? 30 VAL B O   1 
ATOM   550 C CB  . VAL B 1 30 ? 5.538   -0.508  16.306  1.00 32.29 ? 30 VAL B CB  1 
ATOM   551 C CG1 . VAL B 1 30 ? 6.422   -1.739  16.497  1.00 34.80 ? 30 VAL B CG1 1 
ATOM   552 C CG2 . VAL B 1 30 ? 4.072   -0.866  16.533  1.00 33.46 ? 30 VAL B CG2 1 
ATOM   553 N N   . LYS B 1 31 ? 8.166   1.310   16.563  1.00 37.67 ? 31 LYS B N   1 
ATOM   554 C CA  . LYS B 1 31 ? 9.611   1.353   16.590  1.00 38.52 ? 31 LYS B CA  1 
ATOM   555 C C   . LYS B 1 31 ? 10.022  2.315   17.678  1.00 42.87 ? 31 LYS B C   1 
ATOM   556 O O   . LYS B 1 31 ? 11.036  2.122   18.333  1.00 48.61 ? 31 LYS B O   1 
ATOM   557 C CB  . LYS B 1 31 ? 10.159  1.820   15.241  1.00 35.43 ? 31 LYS B CB  1 
ATOM   558 C CG  . LYS B 1 31 ? 10.306  0.717   14.204  1.00 33.58 ? 31 LYS B CG  1 
ATOM   559 C CD  . LYS B 1 31 ? 10.547  1.304   12.813  1.00 33.24 ? 31 LYS B CD  1 
ATOM   560 C CE  . LYS B 1 31 ? 11.906  1.998   12.708  1.00 36.16 ? 31 LYS B CE  1 
ATOM   561 N NZ  . LYS B 1 31 ? 12.685  1.586   11.498  1.00 38.76 ? 31 LYS B NZ  1 
ATOM   562 N N   . LYS B 1 32 ? 9.224   3.355   17.871  1.00 47.08 ? 32 LYS B N   1 
ATOM   563 C CA  . LYS B 1 32 ? 9.502   4.347   18.899  1.00 51.45 ? 32 LYS B CA  1 
ATOM   564 C C   . LYS B 1 32 ? 9.343   3.630   20.240  1.00 55.24 ? 32 LYS B C   1 
ATOM   565 O O   . LYS B 1 32 ? 10.070  3.885   21.205  1.00 56.90 ? 32 LYS B O   1 
ATOM   566 C CB  . LYS B 1 32 ? 8.504   5.500   18.788  1.00 51.79 ? 32 LYS B CB  1 
ATOM   567 C CG  . LYS B 1 32 ? 9.123   6.865   18.973  1.00 53.75 ? 32 LYS B CG  1 
ATOM   568 C CD  . LYS B 1 32 ? 8.146   7.960   18.570  1.00 62.14 ? 32 LYS B CD  1 
ATOM   569 C CE  . LYS B 1 32 ? 7.835   7.913   17.076  1.00 67.80 ? 32 LYS B CE  1 
ATOM   570 N NZ  . LYS B 1 32 ? 6.370   8.074   16.802  1.00 62.55 ? 32 LYS B NZ  1 
ATOM   571 N N   . LEU B 1 33 ? 8.378   2.719   20.268  1.00 55.22 ? 33 LEU B N   1 
ATOM   572 C CA  . LEU B 1 33 ? 8.072   1.907   21.430  1.00 53.54 ? 33 LEU B CA  1 
ATOM   573 C C   . LEU B 1 33 ? 9.316   1.081   21.759  1.00 56.78 ? 33 LEU B C   1 
ATOM   574 O O   . LEU B 1 33 ? 9.893   1.210   22.840  1.00 59.44 ? 33 LEU B O   1 
ATOM   575 C CB  . LEU B 1 33 ? 6.895   0.992   21.085  1.00 53.18 ? 33 LEU B CB  1 
ATOM   576 C CG  . LEU B 1 33 ? 6.233   0.163   22.173  1.00 54.38 ? 33 LEU B CG  1 
ATOM   577 C CD1 . LEU B 1 33 ? 4.857   -0.267  21.696  1.00 51.35 ? 33 LEU B CD1 1 
ATOM   578 C CD2 . LEU B 1 33 ? 7.095   -1.043  22.484  1.00 62.26 ? 33 LEU B CD2 1 
ATOM   579 N N   . LEU B 1 34 ? 9.721   0.246   20.806  1.00 56.27 ? 34 LEU B N   1 
ATOM   580 C CA  . LEU B 1 34 ? 10.889  -0.619  20.941  1.00 55.23 ? 34 LEU B CA  1 
ATOM   581 C C   . LEU B 1 34 ? 12.151  0.159   21.297  1.00 57.87 ? 34 LEU B C   1 
ATOM   582 O O   . LEU B 1 34 ? 13.134  -0.425  21.756  1.00 61.22 ? 34 LEU B O   1 
ATOM   583 C CB  . LEU B 1 34 ? 11.132  -1.386  19.644  1.00 51.23 ? 34 LEU B CB  1 
ATOM   584 C CG  . LEU B 1 34 ? 10.214  -2.574  19.364  1.00 52.33 ? 34 LEU B CG  1 
ATOM   585 C CD1 . LEU B 1 34 ? 10.309  -2.919  17.890  1.00 58.27 ? 34 LEU B CD1 1 
ATOM   586 C CD2 . LEU B 1 34 ? 10.611  -3.769  20.215  1.00 55.80 ? 34 LEU B CD2 1 
ATOM   587 N N   . GLY B 1 35 ? 12.135  1.467   21.056  1.00 62.38 ? 35 GLY B N   1 
ATOM   588 C CA  . GLY B 1 35 ? 13.281  2.291   21.394  1.00 68.66 ? 35 GLY B CA  1 
ATOM   589 C C   . GLY B 1 35 ? 14.167  2.786   20.270  1.00 72.67 ? 35 GLY B C   1 
ATOM   590 O O   . GLY B 1 35 ? 15.179  3.436   20.530  1.00 73.82 ? 35 GLY B O   1 
ATOM   591 N N   . GLU B 1 36 ? 13.804  2.490   19.027  1.00 78.25 ? 36 GLU B N   1 
ATOM   592 C CA  . GLU B 1 36 ? 14.602  2.928   17.882  1.00 82.50 ? 36 GLU B CA  1 
ATOM   593 C C   . GLU B 1 36 ? 13.904  4.024   17.076  1.00 85.54 ? 36 GLU B C   1 
ATOM   594 O O   . GLU B 1 36 ? 14.534  4.551   16.134  1.00 87.95 ? 36 GLU B O   1 
ATOM   595 C CB  . GLU B 1 36 ? 14.902  1.743   16.964  1.00 81.58 ? 36 GLU B CB  1 
ATOM   596 C CG  . GLU B 1 36 ? 13.757  0.756   16.853  1.00 79.82 ? 36 GLU B CG  1 
ATOM   597 C CD  . GLU B 1 36 ? 14.238  -0.678  16.799  1.00 80.53 ? 36 GLU B CD  1 
ATOM   598 O OE1 . GLU B 1 36 ? 14.512  -1.262  17.872  1.00 83.18 ? 36 GLU B OE1 1 
ATOM   599 O OE2 . GLU B 1 36 ? 14.344  -1.223  15.685  1.00 75.68 ? 36 GLU B OE2 1 
ATOM   600 N N   . ARG C 1 1  ? -2.475  -1.059  -25.467 1.00 53.63 ? 1  ARG C N   1 
ATOM   601 C CA  . ARG C 1 1  ? -3.897  -1.195  -25.046 1.00 53.64 ? 1  ARG C CA  1 
ATOM   602 C C   . ARG C 1 1  ? -4.255  -0.360  -23.813 1.00 51.04 ? 1  ARG C C   1 
ATOM   603 O O   . ARG C 1 1  ? -3.802  -0.635  -22.703 1.00 57.13 ? 1  ARG C O   1 
ATOM   604 C CB  . ARG C 1 1  ? -4.219  -2.670  -24.771 1.00 56.09 ? 1  ARG C CB  1 
ATOM   605 C CG  . ARG C 1 1  ? -5.709  -2.991  -24.767 1.00 58.95 ? 1  ARG C CG  1 
ATOM   606 C CD  . ARG C 1 1  ? -5.950  -4.488  -24.938 1.00 62.91 ? 1  ARG C CD  1 
ATOM   607 N NE  . ARG C 1 1  ? -7.345  -4.868  -24.710 1.00 74.62 ? 1  ARG C NE  1 
ATOM   608 C CZ  . ARG C 1 1  ? -7.786  -6.124  -24.695 1.00 78.75 ? 1  ARG C CZ  1 
ATOM   609 N NH1 . ARG C 1 1  ? -6.941  -7.127  -24.896 1.00 82.48 ? 1  ARG C NH1 1 
ATOM   610 N NH2 . ARG C 1 1  ? -9.073  -6.379  -24.485 1.00 77.93 ? 1  ARG C NH2 1 
ATOM   611 N N   . LEU C 1 2  ? -5.083  0.661   -24.022 1.00 47.72 ? 2  LEU C N   1 
ATOM   612 C CA  . LEU C 1 2  ? -5.536  1.526   -22.942 1.00 44.53 ? 2  LEU C CA  1 
ATOM   613 C C   . LEU C 1 2  ? -6.497  0.685   -22.115 1.00 45.77 ? 2  LEU C C   1 
ATOM   614 O O   . LEU C 1 2  ? -6.727  0.938   -20.928 1.00 50.84 ? 2  LEU C O   1 
ATOM   615 C CB  . LEU C 1 2  ? -6.277  2.732   -23.521 1.00 42.74 ? 2  LEU C CB  1 
ATOM   616 C CG  . LEU C 1 2  ? -6.425  4.003   -22.690 1.00 48.36 ? 2  LEU C CG  1 
ATOM   617 C CD1 . LEU C 1 2  ? -6.006  5.173   -23.546 1.00 48.68 ? 2  LEU C CD1 1 
ATOM   618 C CD2 . LEU C 1 2  ? -7.869  4.183   -22.220 1.00 49.95 ? 2  LEU C CD2 1 
ATOM   619 N N   . LEU C 1 3  ? -7.057  -0.326  -22.769 1.00 44.16 ? 3  LEU C N   1 
ATOM   620 C CA  . LEU C 1 3  ? -8.005  -1.235  -22.151 1.00 44.63 ? 3  LEU C CA  1 
ATOM   621 C C   . LEU C 1 3  ? -7.308  -2.254  -21.253 1.00 46.45 ? 3  LEU C C   1 
ATOM   622 O O   . LEU C 1 3  ? -7.722  -2.474  -20.111 1.00 47.70 ? 3  LEU C O   1 
ATOM   623 C CB  . LEU C 1 3  ? -8.787  -1.960  -23.242 1.00 46.15 ? 3  LEU C CB  1 
ATOM   624 C CG  . LEU C 1 3  ? -10.315 -1.948  -23.182 1.00 48.64 ? 3  LEU C CG  1 
ATOM   625 C CD1 . LEU C 1 3  ? -10.826 -0.560  -22.832 1.00 43.75 ? 3  LEU C CD1 1 
ATOM   626 C CD2 . LEU C 1 3  ? -10.865 -2.399  -24.528 1.00 48.64 ? 3  LEU C CD2 1 
ATOM   627 N N   . GLN C 1 4  ? -6.259  -2.884  -21.777 1.00 42.69 ? 4  GLN C N   1 
ATOM   628 C CA  . GLN C 1 4  ? -5.491  -3.881  -21.032 1.00 44.71 ? 4  GLN C CA  1 
ATOM   629 C C   . GLN C 1 4  ? -4.653  -3.235  -19.927 1.00 43.97 ? 4  GLN C C   1 
ATOM   630 O O   . GLN C 1 4  ? -4.477  -3.807  -18.847 1.00 49.49 ? 4  GLN C O   1 
ATOM   631 C CB  . GLN C 1 4  ? -4.579  -4.672  -21.982 1.00 42.85 ? 4  GLN C CB  1 
ATOM   632 N N   . ARG C 1 5  ? -4.136  -2.041  -20.196 1.00 39.74 ? 5  ARG C N   1 
ATOM   633 C CA  . ARG C 1 5  ? -3.326  -1.332  -19.221 1.00 38.60 ? 5  ARG C CA  1 
ATOM   634 C C   . ARG C 1 5  ? -4.148  -1.013  -17.974 1.00 41.27 ? 5  ARG C C   1 
ATOM   635 O O   . ARG C 1 5  ? -3.647  -1.101  -16.852 1.00 42.84 ? 5  ARG C O   1 
ATOM   636 C CB  . ARG C 1 5  ? -2.798  -0.032  -19.821 1.00 37.66 ? 5  ARG C CB  1 
ATOM   637 C CG  . ARG C 1 5  ? -1.591  -0.177  -20.719 1.00 40.87 ? 5  ARG C CG  1 
ATOM   638 C CD  . ARG C 1 5  ? -1.333  1.145   -21.440 1.00 46.62 ? 5  ARG C CD  1 
ATOM   639 N NE  . ARG C 1 5  ? -0.636  2.098   -20.577 1.00 48.80 ? 5  ARG C NE  1 
ATOM   640 C CZ  . ARG C 1 5  ? -0.281  3.343   -20.926 1.00 48.36 ? 5  ARG C CZ  1 
ATOM   641 N NH1 . ARG C 1 5  ? -0.540  3.813   -22.136 1.00 48.28 ? 5  ARG C NH1 1 
ATOM   642 N NH2 . ARG C 1 5  ? 0.354   4.104   -20.050 1.00 47.22 ? 5  ARG C NH2 1 
ATOM   643 N N   . ILE C 1 6  ? -5.411  -0.647  -18.182 1.00 37.19 ? 6  ILE C N   1 
ATOM   644 C CA  . ILE C 1 6  ? -6.312  -0.297  -17.091 1.00 40.03 ? 6  ILE C CA  1 
ATOM   645 C C   . ILE C 1 6  ? -6.740  -1.514  -16.272 1.00 37.26 ? 6  ILE C C   1 
ATOM   646 O O   . ILE C 1 6  ? -6.823  -1.447  -15.045 1.00 40.43 ? 6  ILE C O   1 
ATOM   647 C CB  . ILE C 1 6  ? -7.566  0.451   -17.632 1.00 41.24 ? 6  ILE C CB  1 
ATOM   648 C CG1 . ILE C 1 6  ? -7.702  1.807   -16.929 1.00 50.98 ? 6  ILE C CG1 1 
ATOM   649 C CG2 . ILE C 1 6  ? -8.818  -0.385  -17.450 1.00 38.75 ? 6  ILE C CG2 1 
ATOM   650 C CD1 . ILE C 1 6  ? -8.275  1.746   -15.521 1.00 56.17 ? 6  ILE C CD1 1 
ATOM   651 N N   . LYS C 1 7  ? -7.021  -2.618  -16.958 1.00 35.36 ? 7  LYS C N   1 
ATOM   652 C CA  . LYS C 1 7  ? -7.415  -3.853  -16.294 1.00 34.73 ? 7  LYS C CA  1 
ATOM   653 C C   . LYS C 1 7  ? -6.218  -4.338  -15.489 1.00 32.38 ? 7  LYS C C   1 
ATOM   654 O O   . LYS C 1 7  ? -6.361  -4.939  -14.428 1.00 31.46 ? 7  LYS C O   1 
ATOM   655 C CB  . LYS C 1 7  ? -7.788  -4.910  -17.328 1.00 32.39 ? 7  LYS C CB  1 
ATOM   656 C CG  . LYS C 1 7  ? -9.066  -5.644  -17.003 1.00 39.76 ? 7  LYS C CG  1 
ATOM   657 C CD  . LYS C 1 7  ? -8.806  -6.790  -16.040 1.00 43.51 ? 7  LYS C CD  1 
ATOM   658 C CE  . LYS C 1 7  ? -8.624  -8.102  -16.785 1.00 53.02 ? 7  LYS C CE  1 
ATOM   659 N NZ  . LYS C 1 7  ? -8.177  -9.194  -15.884 1.00 44.58 ? 7  LYS C NZ  1 
ATOM   660 N N   . GLN C 1 8  ? -5.038  -4.067  -16.032 1.00 29.49 ? 8  GLN C N   1 
ATOM   661 C CA  . GLN C 1 8  ? -3.768  -4.426  -15.432 1.00 31.63 ? 8  GLN C CA  1 
ATOM   662 C C   . GLN C 1 8  ? -3.589  -3.654  -14.123 1.00 32.38 ? 8  GLN C C   1 
ATOM   663 O O   . GLN C 1 8  ? -3.233  -4.216  -13.086 1.00 27.15 ? 8  GLN C O   1 
ATOM   664 C CB  . GLN C 1 8  ? -2.656  -4.053  -16.404 1.00 37.55 ? 8  GLN C CB  1 
ATOM   665 C CG  . GLN C 1 8  ? -1.322  -4.702  -16.154 1.00 53.29 ? 8  GLN C CG  1 
ATOM   666 C CD  . GLN C 1 8  ? -0.421  -4.636  -17.373 1.00 65.99 ? 8  GLN C CD  1 
ATOM   667 O OE1 . GLN C 1 8  ? -0.104  -3.551  -17.876 1.00 68.91 ? 8  GLN C OE1 1 
ATOM   668 N NE2 . GLN C 1 8  ? -0.006  -5.800  -17.862 1.00 69.82 ? 8  GLN C NE2 1 
ATOM   669 N N   . GLN C 1 9  ? -3.837  -2.352  -14.206 1.00 30.31 ? 9  GLN C N   1 
ATOM   670 C CA  . GLN C 1 9  ? -3.731  -1.439  -13.084 1.00 28.14 ? 9  GLN C CA  1 
ATOM   671 C C   . GLN C 1 9  ? -4.730  -1.821  -12.002 1.00 27.32 ? 9  GLN C C   1 
ATOM   672 O O   . GLN C 1 9  ? -4.409  -1.824  -10.813 1.00 28.39 ? 9  GLN C O   1 
ATOM   673 C CB  . GLN C 1 9  ? -4.011  -0.020  -13.569 1.00 32.97 ? 9  GLN C CB  1 
ATOM   674 C CG  . GLN C 1 9  ? -2.769  0.802   -13.789 1.00 44.16 ? 9  GLN C CG  1 
ATOM   675 C CD  . GLN C 1 9  ? -2.021  1.040   -12.497 1.00 48.78 ? 9  GLN C CD  1 
ATOM   676 O OE1 . GLN C 1 9  ? -2.533  1.689   -11.577 1.00 47.83 ? 9  GLN C OE1 1 
ATOM   677 N NE2 . GLN C 1 9  ? -0.803  0.513   -12.413 1.00 44.65 ? 9  GLN C NE2 1 
ATOM   678 N N   . GLU C 1 10 ? -5.947  -2.137  -12.431 1.00 20.10 ? 10 GLU C N   1 
ATOM   679 C CA  . GLU C 1 10 ? -7.018  -2.533  -11.530 1.00 20.50 ? 10 GLU C CA  1 
ATOM   680 C C   . GLU C 1 10 ? -6.637  -3.775  -10.751 1.00 23.48 ? 10 GLU C C   1 
ATOM   681 O O   . GLU C 1 10 ? -6.813  -3.837  -9.536  1.00 28.34 ? 10 GLU C O   1 
ATOM   682 C CB  . GLU C 1 10 ? -8.289  -2.809  -12.321 1.00 23.87 ? 10 GLU C CB  1 
ATOM   683 C CG  . GLU C 1 10 ? -9.025  -1.543  -12.700 1.00 34.00 ? 10 GLU C CG  1 
ATOM   684 C CD  . GLU C 1 10 ? -10.053 -1.749  -13.796 1.00 36.99 ? 10 GLU C CD  1 
ATOM   685 O OE1 . GLU C 1 10 ? -10.074 -2.840  -14.410 1.00 35.90 ? 10 GLU C OE1 1 
ATOM   686 O OE2 . GLU C 1 10 ? -10.843 -0.812  -14.039 1.00 31.92 ? 10 GLU C OE2 1 
ATOM   687 N N   . ASP C 1 11 ? -6.121  -4.768  -11.468 1.00 20.31 ? 11 ASP C N   1 
ATOM   688 C CA  . ASP C 1 11 ? -5.710  -6.019  -10.857 1.00 23.49 ? 11 ASP C CA  1 
ATOM   689 C C   . ASP C 1 11 ? -4.564  -5.749  -9.889  1.00 23.84 ? 11 ASP C C   1 
ATOM   690 O O   . ASP C 1 11 ? -4.566  -6.227  -8.753  1.00 26.66 ? 11 ASP C O   1 
ATOM   691 C CB  . ASP C 1 11 ? -5.263  -7.019  -11.929 1.00 23.92 ? 11 ASP C CB  1 
ATOM   692 C CG  . ASP C 1 11 ? -6.413  -7.480  -12.808 1.00 32.86 ? 11 ASP C CG  1 
ATOM   693 O OD1 . ASP C 1 11 ? -7.586  -7.134  -12.525 1.00 32.04 ? 11 ASP C OD1 1 
ATOM   694 O OD2 . ASP C 1 11 ? -6.137  -8.193  -13.795 1.00 34.62 ? 11 ASP C OD2 1 
ATOM   695 N N   . LYS C 1 12 ? -3.592  -4.971  -10.355 1.00 20.93 ? 12 LYS C N   1 
ATOM   696 C CA  . LYS C 1 12 ? -2.441  -4.619  -9.543  1.00 19.49 ? 12 LYS C CA  1 
ATOM   697 C C   . LYS C 1 12 ? -2.894  -3.968  -8.243  1.00 21.43 ? 12 LYS C C   1 
ATOM   698 O O   . LYS C 1 12 ? -2.459  -4.351  -7.158  1.00 19.52 ? 12 LYS C O   1 
ATOM   699 C CB  . LYS C 1 12 ? -1.542  -3.652  -10.305 1.00 21.35 ? 12 LYS C CB  1 
ATOM   700 C CG  . LYS C 1 12 ? -0.175  -3.510  -9.704  1.00 32.25 ? 12 LYS C CG  1 
ATOM   701 C CD  . LYS C 1 12 ? 0.880   -3.545  -10.793 1.00 38.36 ? 12 LYS C CD  1 
ATOM   702 C CE  . LYS C 1 12 ? 1.645   -2.232  -10.844 1.00 46.28 ? 12 LYS C CE  1 
ATOM   703 N NZ  . LYS C 1 12 ? 3.095   -2.405  -11.148 1.00 47.14 ? 12 LYS C NZ  1 
ATOM   704 N N   . LEU C 1 13 ? -3.769  -2.979  -8.364  1.00 18.27 ? 13 LEU C N   1 
ATOM   705 C CA  . LEU C 1 13 ? -4.293  -2.263  -7.215  1.00 19.93 ? 13 LEU C CA  1 
ATOM   706 C C   . LEU C 1 13 ? -5.005  -3.184  -6.227  1.00 24.26 ? 13 LEU C C   1 
ATOM   707 O O   . LEU C 1 13 ? -4.903  -3.008  -5.010  1.00 24.77 ? 13 LEU C O   1 
ATOM   708 C CB  . LEU C 1 13 ? -5.252  -1.169  -7.679  1.00 18.65 ? 13 LEU C CB  1 
ATOM   709 C CG  . LEU C 1 13 ? -5.090  0.213   -7.043  1.00 29.99 ? 13 LEU C CG  1 
ATOM   710 C CD1 . LEU C 1 13 ? -6.442  0.907   -7.027  1.00 30.00 ? 13 LEU C CD1 1 
ATOM   711 C CD2 . LEU C 1 13 ? -4.535  0.093   -5.618  1.00 24.82 ? 13 LEU C CD2 1 
ATOM   712 N N   . GLU C 1 14 ? -5.744  -4.160  -6.753  1.00 20.75 ? 14 GLU C N   1 
ATOM   713 C CA  . GLU C 1 14 ? -6.470  -5.101  -5.910  1.00 23.59 ? 14 GLU C CA  1 
ATOM   714 C C   . GLU C 1 14 ? -5.487  -5.926  -5.076  1.00 20.47 ? 14 GLU C C   1 
ATOM   715 O O   . GLU C 1 14 ? -5.670  -6.118  -3.870  1.00 19.82 ? 14 GLU C O   1 
ATOM   716 C CB  . GLU C 1 14 ? -7.330  -6.034  -6.771  1.00 18.72 ? 14 GLU C CB  1 
ATOM   717 C CG  . GLU C 1 14 ? -8.732  -5.517  -7.027  1.00 38.24 ? 14 GLU C CG  1 
ATOM   718 C CD  . GLU C 1 14 ? -9.491  -5.202  -5.740  1.00 49.91 ? 14 GLU C CD  1 
ATOM   719 O OE1 . GLU C 1 14 ? -9.356  -4.066  -5.224  1.00 53.64 ? 14 GLU C OE1 1 
ATOM   720 O OE2 . GLU C 1 14 ? -10.225 -6.091  -5.248  1.00 49.34 ? 14 GLU C OE2 1 
ATOM   721 N N   . GLU C 1 15 ? -4.444  -6.414  -5.737  1.00 13.96 ? 15 GLU C N   1 
ATOM   722 C CA  . GLU C 1 15 ? -3.431  -7.208  -5.069  1.00 21.11 ? 15 GLU C CA  1 
ATOM   723 C C   . GLU C 1 15 ? -2.684  -6.358  -4.038  1.00 19.02 ? 15 GLU C C   1 
ATOM   724 O O   . GLU C 1 15 ? -2.306  -6.850  -2.975  1.00 22.75 ? 15 GLU C O   1 
ATOM   725 C CB  . GLU C 1 15 ? -2.449  -7.781  -6.089  1.00 14.05 ? 15 GLU C CB  1 
ATOM   726 C CG  . GLU C 1 15 ? -1.271  -8.533  -5.472  1.00 31.02 ? 15 GLU C CG  1 
ATOM   727 C CD  . GLU C 1 15 ? -1.678  -9.471  -4.334  1.00 41.09 ? 15 GLU C CD  1 
ATOM   728 O OE1 . GLU C 1 15 ? -2.596  -10.303 -4.527  1.00 36.91 ? 15 GLU C OE1 1 
ATOM   729 O OE2 . GLU C 1 15 ? -1.073  -9.372  -3.240  1.00 35.89 ? 15 GLU C OE2 1 
ATOM   730 N N   . THR C 1 16 ? -2.488  -5.083  -4.360  1.00 19.03 ? 16 THR C N   1 
ATOM   731 C CA  . THR C 1 16 ? -1.801  -4.157  -3.475  1.00 15.23 ? 16 THR C CA  1 
ATOM   732 C C   . THR C 1 16 ? -2.624  -3.982  -2.205  1.00 20.18 ? 16 THR C C   1 
ATOM   733 O O   . THR C 1 16 ? -2.087  -3.956  -1.097  1.00 18.97 ? 16 THR C O   1 
ATOM   734 C CB  . THR C 1 16 ? -1.619  -2.778  -4.146  1.00 18.00 ? 16 THR C CB  1 
ATOM   735 O OG1 . THR C 1 16 ? -0.755  -2.917  -5.286  1.00 22.37 ? 16 THR C OG1 1 
ATOM   736 C CG2 . THR C 1 16 ? -1.007  -1.773  -3.169  1.00 14.84 ? 16 THR C CG2 1 
ATOM   737 N N   . LEU C 1 17 ? -3.935  -3.880  -2.375  1.00 16.33 ? 17 LEU C N   1 
ATOM   738 C CA  . LEU C 1 17 ? -4.847  -3.725  -1.258  1.00 18.96 ? 17 LEU C CA  1 
ATOM   739 C C   . LEU C 1 17 ? -4.906  -4.991  -0.399  1.00 22.26 ? 17 LEU C C   1 
ATOM   740 O O   . LEU C 1 17 ? -5.185  -4.929  0.802   1.00 22.54 ? 17 LEU C O   1 
ATOM   741 C CB  . LEU C 1 17 ? -6.237  -3.377  -1.776  1.00 15.96 ? 17 LEU C CB  1 
ATOM   742 C CG  . LEU C 1 17 ? -6.404  -1.904  -2.148  1.00 28.60 ? 17 LEU C CG  1 
ATOM   743 C CD1 . LEU C 1 17 ? -7.728  -1.716  -2.867  1.00 27.26 ? 17 LEU C CD1 1 
ATOM   744 C CD2 . LEU C 1 17 ? -6.333  -1.049  -0.885  1.00 28.48 ? 17 LEU C CD2 1 
ATOM   745 N N   . SER C 1 18 ? -4.648  -6.137  -1.028  1.00 18.13 ? 18 SER C N   1 
ATOM   746 C CA  . SER C 1 18 ? -4.645  -7.417  -0.342  1.00 16.84 ? 18 SER C CA  1 
ATOM   747 C C   . SER C 1 18 ? -3.377  -7.483  0.524   1.00 18.98 ? 18 SER C C   1 
ATOM   748 O O   . SER C 1 18 ? -3.386  -7.985  1.657   1.00 14.04 ? 18 SER C O   1 
ATOM   749 C CB  . SER C 1 18 ? -4.661  -8.540  -1.372  1.00 15.51 ? 18 SER C CB  1 
ATOM   750 O OG  . SER C 1 18 ? -4.418  -9.787  -0.767  1.00 13.18 ? 18 SER C OG  1 
ATOM   751 N N   . LYS C 1 19 ? -2.291  -6.943  -0.026  1.00 17.71 ? 19 LYS C N   1 
ATOM   752 C CA  . LYS C 1 19 ? -1.009  -6.880  0.658   1.00 19.24 ? 19 LYS C CA  1 
ATOM   753 C C   . LYS C 1 19 ? -1.168  -5.993  1.893   1.00 20.52 ? 19 LYS C C   1 
ATOM   754 O O   . LYS C 1 19 ? -0.752  -6.358  2.996   1.00 25.19 ? 19 LYS C O   1 
ATOM   755 C CB  . LYS C 1 19 ? 0.051   -6.277  -0.270  1.00 17.79 ? 19 LYS C CB  1 
ATOM   756 C CG  . LYS C 1 19 ? 0.812   -7.296  -1.088  1.00 31.49 ? 19 LYS C CG  1 
ATOM   757 C CD  . LYS C 1 19 ? 1.826   -6.621  -2.001  1.00 38.89 ? 19 LYS C CD  1 
ATOM   758 C CE  . LYS C 1 19 ? 2.590   -7.645  -2.831  1.00 38.53 ? 19 LYS C CE  1 
ATOM   759 N NZ  . LYS C 1 19 ? 1.691   -8.541  -3.625  1.00 41.97 ? 19 LYS C NZ  1 
ATOM   760 N N   . ILE C 1 20 ? -1.785  -4.829  1.692   1.00 19.93 ? 20 ILE C N   1 
ATOM   761 C CA  . ILE C 1 20 ? -2.006  -3.871  2.764   1.00 20.04 ? 20 ILE C CA  1 
ATOM   762 C C   . ILE C 1 20 ? -2.882  -4.452  3.865   1.00 22.96 ? 20 ILE C C   1 
ATOM   763 O O   . ILE C 1 20 ? -2.645  -4.208  5.048   1.00 28.18 ? 20 ILE C O   1 
ATOM   764 C CB  . ILE C 1 20 ? -2.672  -2.591  2.230   1.00 20.04 ? 20 ILE C CB  1 
ATOM   765 C CG1 . ILE C 1 20 ? -1.668  -1.809  1.385   1.00 18.27 ? 20 ILE C CG1 1 
ATOM   766 C CG2 . ILE C 1 20 ? -3.189  -1.734  3.383   1.00 13.16 ? 20 ILE C CG2 1 
ATOM   767 C CD1 . ILE C 1 20 ? -2.311  -0.842  0.416   1.00 29.48 ? 20 ILE C CD1 1 
ATOM   768 N N   . TYR C 1 21 ? -3.898  -5.217  3.473   1.00 24.54 ? 21 TYR C N   1 
ATOM   769 C CA  . TYR C 1 21 ? -4.807  -5.834  4.432   1.00 22.46 ? 21 TYR C CA  1 
ATOM   770 C C   . TYR C 1 21 ? -3.993  -6.719  5.368   1.00 21.38 ? 21 TYR C C   1 
ATOM   771 O O   . TYR C 1 21 ? -4.146  -6.670  6.588   1.00 17.97 ? 21 TYR C O   1 
ATOM   772 C CB  . TYR C 1 21 ? -5.859  -6.675  3.701   1.00 18.91 ? 21 TYR C CB  1 
ATOM   773 C CG  . TYR C 1 21 ? -6.359  -7.892  4.464   1.00 16.95 ? 21 TYR C CG  1 
ATOM   774 C CD1 . TYR C 1 21 ? -5.709  -9.132  4.354   1.00 10.25 ? 21 TYR C CD1 1 
ATOM   775 C CD2 . TYR C 1 21 ? -7.502  -7.815  5.275   1.00 13.20 ? 21 TYR C CD2 1 
ATOM   776 C CE1 . TYR C 1 21 ? -6.192  -10.269 5.035   1.00 13.16 ? 21 TYR C CE1 1 
ATOM   777 C CE2 . TYR C 1 21 ? -7.993  -8.937  5.956   1.00 11.65 ? 21 TYR C CE2 1 
ATOM   778 C CZ  . TYR C 1 21 ? -7.337  -10.165 5.831   1.00 17.07 ? 21 TYR C CZ  1 
ATOM   779 O OH  . TYR C 1 21 ? -7.845  -11.277 6.477   1.00 20.02 ? 21 TYR C OH  1 
ATOM   780 N N   . HIS C 1 22 ? -3.128  -7.522  4.766   1.00 22.38 ? 22 HIS C N   1 
ATOM   781 C CA  . HIS C 1 22 ? -2.289  -8.428  5.517   1.00 22.88 ? 22 HIS C CA  1 
ATOM   782 C C   . HIS C 1 22 ? -1.336  -7.687  6.440   1.00 22.90 ? 22 HIS C C   1 
ATOM   783 O O   . HIS C 1 22 ? -1.099  -8.113  7.568   1.00 26.35 ? 22 HIS C O   1 
ATOM   784 C CB  . HIS C 1 22 ? -1.480  -9.302  4.567   1.00 21.56 ? 22 HIS C CB  1 
ATOM   785 C CG  . HIS C 1 22 ? -0.535  -10.207 5.274   1.00 31.33 ? 22 HIS C CG  1 
ATOM   786 N ND1 . HIS C 1 22 ? -0.961  -11.212 6.113   1.00 29.15 ? 22 HIS C ND1 1 
ATOM   787 C CD2 . HIS C 1 22 ? 0.820   -10.231 5.322   1.00 26.40 ? 22 HIS C CD2 1 
ATOM   788 C CE1 . HIS C 1 22 ? 0.084   -11.814 6.651   1.00 33.84 ? 22 HIS C CE1 1 
ATOM   789 N NE2 . HIS C 1 22 ? 1.181   -11.235 6.182   1.00 32.72 ? 22 HIS C NE2 1 
ATOM   790 N N   . LEU C 1 23 ? -0.766  -6.595  5.950   1.00 21.59 ? 23 LEU C N   1 
ATOM   791 C CA  . LEU C 1 23 ? 0.161   -5.803  6.734   1.00 18.09 ? 23 LEU C CA  1 
ATOM   792 C C   . LEU C 1 23 ? -0.554  -5.146  7.918   1.00 22.60 ? 23 LEU C C   1 
ATOM   793 O O   . LEU C 1 23 ? 0.025   -4.981  8.996   1.00 24.81 ? 23 LEU C O   1 
ATOM   794 C CB  . LEU C 1 23 ? 0.811   -4.740  5.853   1.00 20.36 ? 23 LEU C CB  1 
ATOM   795 C CG  . LEU C 1 23 ? 1.882   -5.265  4.894   1.00 20.29 ? 23 LEU C CG  1 
ATOM   796 C CD1 . LEU C 1 23 ? 2.507   -4.105  4.142   1.00 19.95 ? 23 LEU C CD1 1 
ATOM   797 C CD2 . LEU C 1 23 ? 2.928   -6.036  5.676   1.00 24.58 ? 23 LEU C CD2 1 
ATOM   798 N N   . GLU C 1 24 ? -1.813  -4.770  7.711   1.00 17.11 ? 24 GLU C N   1 
ATOM   799 C CA  . GLU C 1 24 ? -2.602  -4.152  8.767   1.00 17.67 ? 24 GLU C CA  1 
ATOM   800 C C   . GLU C 1 24 ? -2.678  -5.143  9.922   1.00 19.44 ? 24 GLU C C   1 
ATOM   801 O O   . GLU C 1 24 ? -2.495  -4.787  11.088  1.00 14.54 ? 24 GLU C O   1 
ATOM   802 C CB  . GLU C 1 24 ? -4.015  -3.856  8.266   1.00 17.24 ? 24 GLU C CB  1 
ATOM   803 C CG  . GLU C 1 24 ? -4.339  -2.384  8.110   1.00 29.64 ? 24 GLU C CG  1 
ATOM   804 C CD  . GLU C 1 24 ? -5.333  -2.120  6.981   1.00 35.57 ? 24 GLU C CD  1 
ATOM   805 O OE1 . GLU C 1 24 ? -6.112  -3.041  6.650   1.00 35.18 ? 24 GLU C OE1 1 
ATOM   806 O OE2 . GLU C 1 24 ? -5.328  -1.002  6.417   1.00 38.90 ? 24 GLU C OE2 1 
ATOM   807 N N   . ASN C 1 25 ? -2.941  -6.394  9.573   1.00 16.48 ? 25 ASN C N   1 
ATOM   808 C CA  . ASN C 1 25 ? -3.051  -7.470  10.543  1.00 21.60 ? 25 ASN C CA  1 
ATOM   809 C C   . ASN C 1 25 ? -1.715  -7.728  11.254  1.00 22.36 ? 25 ASN C C   1 
ATOM   810 O O   . ASN C 1 25 ? -1.674  -7.892  12.471  1.00 25.36 ? 25 ASN C O   1 
ATOM   811 C CB  . ASN C 1 25 ? -3.528  -8.754  9.849   1.00 18.42 ? 25 ASN C CB  1 
ATOM   812 C CG  . ASN C 1 25 ? -4.931  -8.619  9.244   1.00 25.64 ? 25 ASN C CG  1 
ATOM   813 O OD1 . ASN C 1 25 ? -5.748  -7.811  9.691   1.00 20.82 ? 25 ASN C OD1 1 
ATOM   814 N ND2 . ASN C 1 25 ? -5.213  -9.429  8.226   1.00 23.27 ? 25 ASN C ND2 1 
ATOM   815 N N   . GLU C 1 26 ? -0.625  -7.747  10.488  1.00 21.67 ? 26 GLU C N   1 
ATOM   816 C CA  . GLU C 1 26 ? 0.700   -7.986  11.050  1.00 24.31 ? 26 GLU C CA  1 
ATOM   817 C C   . GLU C 1 26 ? 1.106   -6.936  12.084  1.00 27.74 ? 26 GLU C C   1 
ATOM   818 O O   . GLU C 1 26 ? 1.562   -7.277  13.183  1.00 25.65 ? 26 GLU C O   1 
ATOM   819 C CB  . GLU C 1 26 ? 1.751   -8.035  9.932   1.00 23.82 ? 26 GLU C CB  1 
ATOM   820 C CG  . GLU C 1 26 ? 1.719   -9.312  9.117   1.00 32.95 ? 26 GLU C CG  1 
ATOM   821 C CD  . GLU C 1 26 ? 2.273   -10.507 9.867   1.00 43.11 ? 26 GLU C CD  1 
ATOM   822 O OE1 . GLU C 1 26 ? 3.508   -10.590 10.042  1.00 52.90 ? 26 GLU C OE1 1 
ATOM   823 O OE2 . GLU C 1 26 ? 1.471   -11.370 10.279  1.00 50.93 ? 26 GLU C OE2 1 
ATOM   824 N N   . ILE C 1 27 ? 0.936   -5.663  11.726  1.00 20.87 ? 27 ILE C N   1 
ATOM   825 C CA  . ILE C 1 27 ? 1.285   -4.550  12.599  1.00 20.69 ? 27 ILE C CA  1 
ATOM   826 C C   . ILE C 1 27 ? 0.378   -4.506  13.820  1.00 24.92 ? 27 ILE C C   1 
ATOM   827 O O   . ILE C 1 27 ? 0.814   -4.116  14.905  1.00 27.07 ? 27 ILE C O   1 
ATOM   828 C CB  . ILE C 1 27 ? 1.181   -3.195  11.854  1.00 17.42 ? 27 ILE C CB  1 
ATOM   829 C CG1 . ILE C 1 27 ? 2.184   -3.154  10.699  1.00 22.49 ? 27 ILE C CG1 1 
ATOM   830 C CG2 . ILE C 1 27 ? 1.454   -2.047  12.811  1.00 13.97 ? 27 ILE C CG2 1 
ATOM   831 C CD1 . ILE C 1 27 ? 1.895   -2.081  9.669   1.00 25.00 ? 27 ILE C CD1 1 
ATOM   832 N N   . ALA C 1 28 ? -0.882  -4.897  13.643  1.00 25.21 ? 28 ALA C N   1 
ATOM   833 C CA  . ALA C 1 28 ? -1.835  -4.902  14.749  1.00 27.48 ? 28 ALA C CA  1 
ATOM   834 C C   . ALA C 1 28 ? -1.438  -5.981  15.748  1.00 27.14 ? 28 ALA C C   1 
ATOM   835 O O   . ALA C 1 28 ? -1.595  -5.820  16.957  1.00 24.61 ? 28 ALA C O   1 
ATOM   836 C CB  . ALA C 1 28 ? -3.243  -5.159  14.234  1.00 21.13 ? 28 ALA C CB  1 
ATOM   837 N N   . ARG C 1 29 ? -0.920  -7.086  15.226  1.00 23.33 ? 29 ARG C N   1 
ATOM   838 C CA  . ARG C 1 29 ? -0.484  -8.195  16.055  1.00 25.50 ? 29 ARG C CA  1 
ATOM   839 C C   . ARG C 1 29 ? 0.774   -7.788  16.810  1.00 27.34 ? 29 ARG C C   1 
ATOM   840 O O   . ARG C 1 29 ? 0.907   -8.054  18.007  1.00 29.51 ? 29 ARG C O   1 
ATOM   841 C CB  . ARG C 1 29 ? -0.192  -9.419  15.188  1.00 31.98 ? 29 ARG C CB  1 
ATOM   842 C CG  . ARG C 1 29 ? -0.281  -10.726 15.955  1.00 42.60 ? 29 ARG C CG  1 
ATOM   843 C CD  . ARG C 1 29 ? 0.139   -11.927 15.116  1.00 54.13 ? 29 ARG C CD  1 
ATOM   844 N NE  . ARG C 1 29 ? 1.502   -11.812 14.599  1.00 66.12 ? 29 ARG C NE  1 
ATOM   845 C CZ  . ARG C 1 29 ? 2.605   -11.891 15.341  1.00 68.61 ? 29 ARG C CZ  1 
ATOM   846 N NH1 . ARG C 1 29 ? 2.522   -12.086 16.652  1.00 68.23 ? 29 ARG C NH1 1 
ATOM   847 N NH2 . ARG C 1 29 ? 3.796   -11.773 14.768  1.00 68.07 ? 29 ARG C NH2 1 
ATOM   848 N N   . VAL C 1 30 ? 1.695   -7.148  16.101  1.00 25.07 ? 30 VAL C N   1 
ATOM   849 C CA  . VAL C 1 30 ? 2.939   -6.684  16.687  1.00 27.71 ? 30 VAL C CA  1 
ATOM   850 C C   . VAL C 1 30 ? 2.620   -5.653  17.769  1.00 30.68 ? 30 VAL C C   1 
ATOM   851 O O   . VAL C 1 30 ? 3.241   -5.626  18.833  1.00 28.97 ? 30 VAL C O   1 
ATOM   852 C CB  . VAL C 1 30 ? 3.837   -6.049  15.596  1.00 23.35 ? 30 VAL C CB  1 
ATOM   853 C CG1 . VAL C 1 30 ? 4.528   -4.798  16.126  1.00 26.11 ? 30 VAL C CG1 1 
ATOM   854 C CG2 . VAL C 1 30 ? 4.849   -7.061  15.111  1.00 32.88 ? 30 VAL C CG2 1 
ATOM   855 N N   . LYS C 1 31 ? 1.637   -4.805  17.490  1.00 30.05 ? 31 LYS C N   1 
ATOM   856 C CA  . LYS C 1 31 ? 1.236   -3.775  18.425  1.00 31.59 ? 31 LYS C CA  1 
ATOM   857 C C   . LYS C 1 31 ? 0.641   -4.379  19.693  1.00 33.88 ? 31 LYS C C   1 
ATOM   858 O O   . LYS C 1 31 ? 0.947   -3.938  20.800  1.00 37.61 ? 31 LYS C O   1 
ATOM   859 C CB  . LYS C 1 31 ? 0.231   -2.834  17.762  1.00 31.42 ? 31 LYS C CB  1 
ATOM   860 C CG  . LYS C 1 31 ? 0.838   -1.518  17.310  1.00 35.61 ? 31 LYS C CG  1 
ATOM   861 C CD  . LYS C 1 31 ? 0.040   -0.334  17.827  1.00 42.37 ? 31 LYS C CD  1 
ATOM   862 C CE  . LYS C 1 31 ? -1.390  -0.377  17.319  1.00 42.40 ? 31 LYS C CE  1 
ATOM   863 N NZ  . LYS C 1 31 ? -2.071  0.938   17.464  1.00 42.64 ? 31 LYS C NZ  1 
ATOM   864 N N   . LYS C 1 32 ? -0.207  -5.392  19.536  1.00 38.95 ? 32 LYS C N   1 
ATOM   865 C CA  . LYS C 1 32 ? -0.831  -6.052  20.680  1.00 43.85 ? 32 LYS C CA  1 
ATOM   866 C C   . LYS C 1 32 ? 0.245   -6.738  21.524  1.00 45.37 ? 32 LYS C C   1 
ATOM   867 O O   . LYS C 1 32 ? 0.209   -6.718  22.758  1.00 47.72 ? 32 LYS C O   1 
ATOM   868 C CB  . LYS C 1 32 ? -1.858  -7.085  20.200  1.00 42.81 ? 32 LYS C CB  1 
ATOM   869 C CG  . LYS C 1 32 ? -3.180  -7.063  20.958  1.00 49.45 ? 32 LYS C CG  1 
ATOM   870 C CD  . LYS C 1 32 ? -4.104  -8.190  20.511  1.00 58.46 ? 32 LYS C CD  1 
ATOM   871 C CE  . LYS C 1 32 ? -4.625  -8.981  21.704  1.00 61.81 ? 32 LYS C CE  1 
ATOM   872 N NZ  . LYS C 1 32 ? -5.949  -9.611  21.436  1.00 57.54 ? 32 LYS C NZ  1 
ATOM   873 N N   . LEU C 1 33 ? 1.216   -7.331  20.837  1.00 41.73 ? 33 LEU C N   1 
ATOM   874 C CA  . LEU C 1 33 ? 2.322   -8.021  21.478  1.00 39.32 ? 33 LEU C CA  1 
ATOM   875 C C   . LEU C 1 33 ? 3.103   -7.058  22.366  1.00 40.78 ? 33 LEU C C   1 
ATOM   876 O O   . LEU C 1 33 ? 3.394   -7.358  23.525  1.00 41.44 ? 33 LEU C O   1 
ATOM   877 C CB  . LEU C 1 33 ? 3.253   -8.605  20.414  1.00 42.21 ? 33 LEU C CB  1 
ATOM   878 C CG  . LEU C 1 33 ? 3.844   -10.000 20.644  1.00 46.41 ? 33 LEU C CG  1 
ATOM   879 C CD1 . LEU C 1 33 ? 3.762   -10.380 22.121  1.00 52.92 ? 33 LEU C CD1 1 
ATOM   880 C CD2 . LEU C 1 33 ? 3.090   -11.012 19.784  1.00 53.70 ? 33 LEU C CD2 1 
ATOM   881 N N   . LEU C 1 34 ? 3.443   -5.898  21.816  1.00 41.13 ? 34 LEU C N   1 
ATOM   882 C CA  . LEU C 1 34 ? 4.192   -4.886  22.546  1.00 45.20 ? 34 LEU C CA  1 
ATOM   883 C C   . LEU C 1 34 ? 3.384   -4.346  23.727  1.00 44.01 ? 34 LEU C C   1 
ATOM   884 O O   . LEU C 1 34 ? 3.953   -3.866  24.708  1.00 46.97 ? 34 LEU C O   1 
ATOM   885 C CB  . LEU C 1 34 ? 4.582   -3.742  21.605  1.00 45.43 ? 34 LEU C CB  1 
ATOM   886 C CG  . LEU C 1 34 ? 5.907   -3.944  20.859  1.00 53.73 ? 34 LEU C CG  1 
ATOM   887 C CD1 . LEU C 1 34 ? 5.926   -5.315  20.188  1.00 53.96 ? 34 LEU C CD1 1 
ATOM   888 C CD2 . LEU C 1 34 ? 6.093   -2.839  19.832  1.00 60.34 ? 34 LEU C CD2 1 
ATOM   889 N N   . GLY C 1 35 ? 2.059   -4.435  23.628  1.00 43.33 ? 35 GLY C N   1 
ATOM   890 C CA  . GLY C 1 35 ? 1.201   -3.972  24.700  1.00 47.18 ? 35 GLY C CA  1 
ATOM   891 C C   . GLY C 1 35 ? 0.831   -2.501  24.684  1.00 50.79 ? 35 GLY C C   1 
ATOM   892 O O   . GLY C 1 35 ? -0.108  -2.142  25.424  1.00 57.51 ? 35 GLY C O   1 
HETATM 893 O O   . HOH D 2 .  ? 6.863   2.302   3.497   1.00 14.20 ? 38 HOH A O   1 
HETATM 894 O O   . HOH D 2 .  ? 7.038   8.286   -3.758  1.00 33.28 ? 39 HOH A O   1 
HETATM 895 O O   . HOH D 2 .  ? 5.888   -4.596  -3.573  1.00 42.36 ? 40 HOH A O   1 
HETATM 896 O O   . HOH D 2 .  ? -4.043  9.688   -13.103 1.00 31.43 ? 41 HOH A O   1 
HETATM 897 O O   . HOH D 2 .  ? -3.351  8.953   -10.246 1.00 29.92 ? 42 HOH A O   1 
HETATM 898 O O   . HOH D 2 .  ? 12.304  -0.777  4.877   1.00 40.80 ? 43 HOH A O   1 
HETATM 899 O O   . HOH D 2 .  ? 13.460  -1.789  2.928   1.00 35.01 ? 44 HOH A O   1 
HETATM 900 O O   . HOH D 2 .  ? 13.495  1.549   5.296   1.00 47.69 ? 45 HOH A O   1 
HETATM 901 O O   . HOH D 2 .  ? 0.027   12.177  -3.952  1.00 57.35 ? 46 HOH A O   1 
HETATM 902 O O   . HOH D 2 .  ? 7.233   5.679   -10.006 1.00 51.30 ? 47 HOH A O   1 
HETATM 903 O O   . HOH D 2 .  ? 2.482   9.251   -4.716  1.00 45.91 ? 48 HOH A O   1 
HETATM 904 O O   . HOH D 2 .  ? 14.229  -6.425  7.111   1.00 40.51 ? 49 HOH A O   1 
HETATM 905 O O   . HOH D 2 .  ? 12.302  -8.883  4.329   1.00 60.74 ? 50 HOH A O   1 
HETATM 906 O O   . HOH D 2 .  ? 6.778   -3.789  -7.417  1.00 56.98 ? 51 HOH A O   1 
HETATM 907 O O   . HOH D 2 .  ? 4.118   2.990   -17.031 1.00 34.93 ? 52 HOH A O   1 
HETATM 908 O O   . HOH D 2 .  ? 14.453  -9.293  9.046   1.00 49.05 ? 53 HOH A O   1 
HETATM 909 O O   . HOH D 2 .  ? 8.904   -7.107  0.401   1.00 42.60 ? 54 HOH A O   1 
HETATM 910 O O   . HOH D 2 .  ? 11.239  -11.580 10.246  1.00 59.63 ? 55 HOH A O   1 
HETATM 911 O O   . HOH D 2 .  ? 5.270   4.587   -18.758 1.00 40.68 ? 56 HOH A O   1 
HETATM 912 O O   . HOH D 2 .  ? 15.501  -3.808  7.538   1.00 48.15 ? 57 HOH A O   1 
HETATM 913 O O   . HOH D 2 .  ? -0.949  -0.997  -16.929 1.00 37.55 ? 58 HOH A O   1 
HETATM 914 O O   . HOH D 2 .  ? 5.323   -5.853  -7.549  1.00 48.30 ? 59 HOH A O   1 
HETATM 915 O O   . HOH D 2 .  ? 16.466  -10.972 7.754   1.00 51.22 ? 60 HOH A O   1 
HETATM 916 O O   . HOH D 2 .  ? 11.213  -0.835  -4.206  1.00 49.82 ? 61 HOH A O   1 
HETATM 917 O O   . HOH D 2 .  ? 10.540  -15.396 13.556  1.00 58.34 ? 62 HOH A O   1 
HETATM 918 O O   . HOH D 2 .  ? 4.333   10.457  -9.674  1.00 49.19 ? 63 HOH A O   1 
HETATM 919 O O   . HOH D 2 .  ? 2.135   0.074   -19.494 1.00 69.32 ? 64 HOH A O   1 
HETATM 920 O O   . HOH D 2 .  ? 5.887   -9.283  -1.123  1.00 59.83 ? 65 HOH A O   1 
HETATM 921 O O   . HOH D 2 .  ? 2.009   0.499   -12.191 1.00 37.96 ? 66 HOH A O   1 
HETATM 922 O O   . HOH E 2 .  ? 7.640   5.994   2.617   1.00 12.05 ? 37 HOH B O   1 
HETATM 923 O O   . HOH E 2 .  ? 3.766   8.316   6.525   1.00 9.67  ? 38 HOH B O   1 
HETATM 924 O O   . HOH E 2 .  ? -16.671 6.713   -18.272 1.00 35.68 ? 39 HOH B O   1 
HETATM 925 O O   . HOH E 2 .  ? 15.174  1.561   9.956   1.00 37.69 ? 40 HOH B O   1 
HETATM 926 O O   . HOH E 2 .  ? 3.521   10.221  8.172   1.00 49.29 ? 41 HOH B O   1 
HETATM 927 O O   . HOH E 2 .  ? 5.047   8.139   9.424   1.00 37.63 ? 42 HOH B O   1 
HETATM 928 O O   . HOH E 2 .  ? -3.972  9.990   0.009   1.00 36.82 ? 43 HOH B O   1 
HETATM 929 O O   . HOH E 2 .  ? -6.639  5.044   5.779   1.00 31.71 ? 44 HOH B O   1 
HETATM 930 O O   . HOH E 2 .  ? -4.025  8.160   6.832   1.00 32.10 ? 45 HOH B O   1 
HETATM 931 O O   . HOH E 2 .  ? 14.391  6.466   14.401  1.00 49.90 ? 46 HOH B O   1 
HETATM 932 O O   . HOH E 2 .  ? -6.464  3.118   7.420   1.00 38.81 ? 47 HOH B O   1 
HETATM 933 O O   . HOH E 2 .  ? -2.394  8.476   8.707   1.00 41.26 ? 48 HOH B O   1 
HETATM 934 O O   . HOH E 2 .  ? -2.574  7.443   11.440  1.00 31.40 ? 49 HOH B O   1 
HETATM 935 O O   . HOH E 2 .  ? -10.758 9.260   -2.719  1.00 44.87 ? 50 HOH B O   1 
HETATM 936 O O   . HOH E 2 .  ? -14.239 10.953  -8.380  1.00 59.52 ? 51 HOH B O   1 
HETATM 937 O O   . HOH E 2 .  ? 15.251  1.951   13.628  1.00 39.68 ? 52 HOH B O   1 
HETATM 938 O O   . HOH E 2 .  ? 17.781  1.089   13.795  1.00 41.74 ? 53 HOH B O   1 
HETATM 939 O O   . HOH E 2 .  ? -6.060  6.928   8.491   1.00 39.90 ? 54 HOH B O   1 
HETATM 940 O O   . HOH E 2 .  ? -5.112  10.966  -8.259  1.00 45.41 ? 55 HOH B O   1 
HETATM 941 O O   . HOH E 2 .  ? -4.601  8.703   -7.353  1.00 47.09 ? 56 HOH B O   1 
HETATM 942 O O   . HOH E 2 .  ? -14.862 -3.627  -15.410 1.00 49.26 ? 57 HOH B O   1 
HETATM 943 O O   . HOH E 2 .  ? -4.764  -0.202  10.463  1.00 43.68 ? 58 HOH B O   1 
HETATM 944 O O   . HOH E 2 .  ? -8.228  4.423   3.485   1.00 52.60 ? 59 HOH B O   1 
HETATM 945 O O   . HOH E 2 .  ? -13.318 -6.100  -15.146 1.00 48.17 ? 60 HOH B O   1 
HETATM 946 O O   . HOH E 2 .  ? -12.072 0.999   -12.288 1.00 42.45 ? 61 HOH B O   1 
HETATM 947 O O   . HOH E 2 .  ? 9.722   6.047   15.239  1.00 39.62 ? 62 HOH B O   1 
HETATM 948 O O   . HOH E 2 .  ? -8.477  11.065  -2.911  1.00 49.39 ? 63 HOH B O   1 
HETATM 949 O O   . HOH E 2 .  ? -5.171  1.891   -10.699 1.00 51.09 ? 64 HOH B O   1 
HETATM 950 O O   . HOH F 2 .  ? -3.439  -11.498 7.135   1.00 22.01 ? 38 HOH C O   1 
HETATM 951 O O   . HOH F 2 .  ? -2.532  -12.584 3.745   1.00 29.79 ? 39 HOH C O   1 
HETATM 952 O O   . HOH F 2 .  ? -5.784  -13.139 6.372   1.00 22.73 ? 40 HOH C O   1 
HETATM 953 O O   . HOH F 2 .  ? -7.001  -3.093  1.902   1.00 36.28 ? 41 HOH C O   1 
HETATM 954 O O   . HOH F 2 .  ? -8.287  -6.622  -2.415  1.00 27.46 ? 42 HOH C O   1 
HETATM 955 O O   . HOH F 2 .  ? -4.882  -9.400  -8.804  1.00 27.12 ? 43 HOH C O   1 
HETATM 956 O O   . HOH F 2 .  ? -0.382  -1.281  -14.152 1.00 40.20 ? 44 HOH C O   1 
HETATM 957 O O   . HOH F 2 .  ? -0.687  -10.939 11.335  1.00 55.17 ? 45 HOH C O   1 
HETATM 958 O O   . HOH F 2 .  ? -8.817  -6.958  8.904   1.00 40.89 ? 46 HOH C O   1 
HETATM 959 O O   . HOH F 2 .  ? -2.090  -6.685  -13.071 1.00 44.84 ? 47 HOH C O   1 
HETATM 960 O O   . HOH F 2 .  ? -8.823  -2.054  -8.400  1.00 37.05 ? 48 HOH C O   1 
HETATM 961 O O   . HOH F 2 .  ? -4.435  1.464   6.842   1.00 42.81 ? 49 HOH C O   1 
HETATM 962 O O   . HOH F 2 .  ? -3.843  -8.243  -14.821 1.00 55.55 ? 50 HOH C O   1 
HETATM 963 O O   . HOH F 2 .  ? 2.154   -14.349 10.704  1.00 55.52 ? 51 HOH C O   1 
HETATM 964 O O   . HOH F 2 .  ? -1.153  2.438   -24.528 1.00 41.61 ? 52 HOH C O   1 
HETATM 965 O O   . HOH F 2 .  ? -11.301 -8.258  -6.120  1.00 56.17 ? 53 HOH C O   1 
HETATM 966 O O   . HOH F 2 .  ? -10.191 -5.474  -13.893 1.00 39.34 ? 54 HOH C O   1 
HETATM 967 O O   . HOH F 2 .  ? -0.097  -3.593  -20.739 1.00 62.98 ? 55 HOH C O   1 
HETATM 968 O O   . HOH F 2 .  ? -3.386  -3.940  17.660  1.00 36.90 ? 56 HOH C O   1 
HETATM 969 O O   . HOH F 2 .  ? -7.670  -3.083  4.459   1.00 38.87 ? 57 HOH C O   1 
HETATM 970 O O   . HOH F 2 .  ? -7.572  0.505   6.548   1.00 60.59 ? 58 HOH C O   1 
# 
loop_
_pdbx_poly_seq_scheme.asym_id 
_pdbx_poly_seq_scheme.entity_id 
_pdbx_poly_seq_scheme.seq_id 
_pdbx_poly_seq_scheme.mon_id 
_pdbx_poly_seq_scheme.ndb_seq_num 
_pdbx_poly_seq_scheme.pdb_seq_num 
_pdbx_poly_seq_scheme.auth_seq_num 
_pdbx_poly_seq_scheme.pdb_mon_id 
_pdbx_poly_seq_scheme.auth_mon_id 
_pdbx_poly_seq_scheme.pdb_strand_id 
_pdbx_poly_seq_scheme.pdb_ins_code 
_pdbx_poly_seq_scheme.hetero 
A 1 1  ARG 1  1  1  ARG ARG A . n 
A 1 2  LEU 2  2  2  LEU LEU A . n 
A 1 3  LEU 3  3  3  LEU LEU A . n 
A 1 4  GLN 4  4  4  GLN GLN A . n 
A 1 5  ARG 5  5  5  ARG ARG A . n 
A 1 6  ILE 6  6  6  ILE ILE A . n 
A 1 7  LYS 7  7  7  LYS LYS A . n 
A 1 8  GLN 8  8  8  GLN GLN A . n 
A 1 9  GLN 9  9  9  GLN GLN A . n 
A 1 10 GLU 10 10 10 GLU GLU A . n 
A 1 11 ASP 11 11 11 ASP ASP A . n 
A 1 12 LYS 12 12 12 LYS LYS A . n 
A 1 13 LEU 13 13 13 LEU LEU A . n 
A 1 14 GLU 14 14 14 GLU GLU A . n 
A 1 15 GLU 15 15 15 GLU GLU A . n 
A 1 16 THR 16 16 16 THR THR A . n 
A 1 17 LEU 17 17 17 LEU LEU A . n 
A 1 18 SER 18 18 18 SER SER A . n 
A 1 19 LYS 19 19 19 LYS LYS A . n 
A 1 20 ILE 20 20 20 ILE ILE A . n 
A 1 21 TYR 21 21 21 TYR TYR A . n 
A 1 22 HIS 22 22 22 HIS HIS A . n 
A 1 23 LEU 23 23 23 LEU LEU A . n 
A 1 24 GLU 24 24 24 GLU GLU A . n 
A 1 25 ASN 25 25 25 ASN ASN A . n 
A 1 26 GLU 26 26 26 GLU GLU A . n 
A 1 27 ILE 27 27 27 ILE ILE A . n 
A 1 28 ALA 28 28 28 ALA ALA A . n 
A 1 29 ARG 29 29 29 ARG ARG A . n 
A 1 30 VAL 30 30 30 VAL VAL A . n 
A 1 31 LYS 31 31 31 LYS LYS A . n 
A 1 32 LYS 32 32 32 LYS LYS A . n 
A 1 33 LEU 33 33 33 LEU LEU A . n 
A 1 34 LEU 34 34 34 LEU LEU A . n 
A 1 35 GLY 35 35 35 GLY GLY A . n 
A 1 36 GLU 36 36 ?  ?   ?   A . n 
A 1 37 ARG 37 37 ?  ?   ?   A . n 
B 1 1  ARG 1  1  1  ARG ARG B . n 
B 1 2  LEU 2  2  2  LEU LEU B . n 
B 1 3  LEU 3  3  3  LEU LEU B . n 
B 1 4  GLN 4  4  4  GLN ALA B . n 
B 1 5  ARG 5  5  5  ARG ARG B . n 
B 1 6  ILE 6  6  6  ILE ILE B . n 
B 1 7  LYS 7  7  7  LYS LYS B . n 
B 1 8  GLN 8  8  8  GLN GLN B . n 
B 1 9  GLN 9  9  9  GLN GLN B . n 
B 1 10 GLU 10 10 10 GLU GLU B . n 
B 1 11 ASP 11 11 11 ASP ASP B . n 
B 1 12 LYS 12 12 12 LYS LYS B . n 
B 1 13 LEU 13 13 13 LEU LEU B . n 
B 1 14 GLU 14 14 14 GLU GLU B . n 
B 1 15 GLU 15 15 15 GLU GLU B . n 
B 1 16 THR 16 16 16 THR THR B . n 
B 1 17 LEU 17 17 17 LEU LEU B . n 
B 1 18 SER 18 18 18 SER SER B . n 
B 1 19 LYS 19 19 19 LYS LYS B . n 
B 1 20 ILE 20 20 20 ILE ILE B . n 
B 1 21 TYR 21 21 21 TYR TYR B . n 
B 1 22 HIS 22 22 22 HIS HIS B . n 
B 1 23 LEU 23 23 23 LEU LEU B . n 
B 1 24 GLU 24 24 24 GLU GLU B . n 
B 1 25 ASN 25 25 25 ASN ASN B . n 
B 1 26 GLU 26 26 26 GLU GLU B . n 
B 1 27 ILE 27 27 27 ILE ILE B . n 
B 1 28 ALA 28 28 28 ALA ALA B . n 
B 1 29 ARG 29 29 29 ARG ARG B . n 
B 1 30 VAL 30 30 30 VAL VAL B . n 
B 1 31 LYS 31 31 31 LYS LYS B . n 
B 1 32 LYS 32 32 32 LYS LYS B . n 
B 1 33 LEU 33 33 33 LEU LEU B . n 
B 1 34 LEU 34 34 34 LEU LEU B . n 
B 1 35 GLY 35 35 35 GLY GLY B . n 
B 1 36 GLU 36 36 36 GLU GLU B . n 
B 1 37 ARG 37 37 ?  ?   ?   B . n 
C 1 1  ARG 1  1  1  ARG ARG C . n 
C 1 2  LEU 2  2  2  LEU LEU C . n 
C 1 3  LEU 3  3  3  LEU LEU C . n 
C 1 4  GLN 4  4  4  GLN ALA C . n 
C 1 5  ARG 5  5  5  ARG ARG C . n 
C 1 6  ILE 6  6  6  ILE ILE C . n 
C 1 7  LYS 7  7  7  LYS LYS C . n 
C 1 8  GLN 8  8  8  GLN GLN C . n 
C 1 9  GLN 9  9  9  GLN GLN C . n 
C 1 10 GLU 10 10 10 GLU GLU C . n 
C 1 11 ASP 11 11 11 ASP ASP C . n 
C 1 12 LYS 12 12 12 LYS LYS C . n 
C 1 13 LEU 13 13 13 LEU LEU C . n 
C 1 14 GLU 14 14 14 GLU GLU C . n 
C 1 15 GLU 15 15 15 GLU GLU C . n 
C 1 16 THR 16 16 16 THR THR C . n 
C 1 17 LEU 17 17 17 LEU LEU C . n 
C 1 18 SER 18 18 18 SER SER C . n 
C 1 19 LYS 19 19 19 LYS LYS C . n 
C 1 20 ILE 20 20 20 ILE ILE C . n 
C 1 21 TYR 21 21 21 TYR TYR C . n 
C 1 22 HIS 22 22 22 HIS HIS C . n 
C 1 23 LEU 23 23 23 LEU LEU C . n 
C 1 24 GLU 24 24 24 GLU GLU C . n 
C 1 25 ASN 25 25 25 ASN ASN C . n 
C 1 26 GLU 26 26 26 GLU GLU C . n 
C 1 27 ILE 27 27 27 ILE ILE C . n 
C 1 28 ALA 28 28 28 ALA ALA C . n 
C 1 29 ARG 29 29 29 ARG ARG C . n 
C 1 30 VAL 30 30 30 VAL VAL C . n 
C 1 31 LYS 31 31 31 LYS LYS C . n 
C 1 32 LYS 32 32 32 LYS LYS C . n 
C 1 33 LEU 33 33 33 LEU LEU C . n 
C 1 34 LEU 34 34 34 LEU LEU C . n 
C 1 35 GLY 35 35 35 GLY GLY C . n 
C 1 36 GLU 36 36 ?  ?   ?   C . n 
C 1 37 ARG 37 37 ?  ?   ?   C . n 
# 
loop_
_pdbx_nonpoly_scheme.asym_id 
_pdbx_nonpoly_scheme.entity_id 
_pdbx_nonpoly_scheme.mon_id 
_pdbx_nonpoly_scheme.ndb_seq_num 
_pdbx_nonpoly_scheme.pdb_seq_num 
_pdbx_nonpoly_scheme.auth_seq_num 
_pdbx_nonpoly_scheme.pdb_mon_id 
_pdbx_nonpoly_scheme.auth_mon_id 
_pdbx_nonpoly_scheme.pdb_strand_id 
_pdbx_nonpoly_scheme.pdb_ins_code 
D 2 HOH 1  38 1  HOH HOH A . 
D 2 HOH 2  39 13 HOH HOH A . 
D 2 HOH 3  40 16 HOH HOH A . 
D 2 HOH 4  41 18 HOH HOH A . 
D 2 HOH 5  42 20 HOH HOH A . 
D 2 HOH 6  43 27 HOH HOH A . 
D 2 HOH 7  44 30 HOH HOH A . 
D 2 HOH 8  45 31 HOH HOH A . 
D 2 HOH 9  46 33 HOH HOH A . 
D 2 HOH 10 47 34 HOH HOH A . 
D 2 HOH 11 48 36 HOH HOH A . 
D 2 HOH 12 49 39 HOH HOH A . 
D 2 HOH 13 50 40 HOH HOH A . 
D 2 HOH 14 51 42 HOH HOH A . 
D 2 HOH 15 52 48 HOH HOH A . 
D 2 HOH 16 53 52 HOH HOH A . 
D 2 HOH 17 54 53 HOH HOH A . 
D 2 HOH 18 55 55 HOH HOH A . 
D 2 HOH 19 56 57 HOH HOH A . 
D 2 HOH 20 57 61 HOH HOH A . 
D 2 HOH 21 58 62 HOH HOH A . 
D 2 HOH 22 59 63 HOH HOH A . 
D 2 HOH 23 60 65 HOH HOH A . 
D 2 HOH 24 61 67 HOH HOH A . 
D 2 HOH 25 62 68 HOH HOH A . 
D 2 HOH 26 63 72 HOH HOH A . 
D 2 HOH 27 64 73 HOH HOH A . 
D 2 HOH 28 65 76 HOH HOH A . 
D 2 HOH 29 66 78 HOH HOH A . 
E 2 HOH 1  37 2  HOH HOH B . 
E 2 HOH 2  38 4  HOH HOH B . 
E 2 HOH 3  39 7  HOH HOH B . 
E 2 HOH 4  40 8  HOH HOH B . 
E 2 HOH 5  41 10 HOH HOH B . 
E 2 HOH 6  42 12 HOH HOH B . 
E 2 HOH 7  43 15 HOH HOH B . 
E 2 HOH 8  44 19 HOH HOH B . 
E 2 HOH 9  45 21 HOH HOH B . 
E 2 HOH 10 46 23 HOH HOH B . 
E 2 HOH 11 47 25 HOH HOH B . 
E 2 HOH 12 48 26 HOH HOH B . 
E 2 HOH 13 49 28 HOH HOH B . 
E 2 HOH 14 50 37 HOH HOH B . 
E 2 HOH 15 51 44 HOH HOH B . 
E 2 HOH 16 52 45 HOH HOH B . 
E 2 HOH 17 53 46 HOH HOH B . 
E 2 HOH 18 54 47 HOH HOH B . 
E 2 HOH 19 55 49 HOH HOH B . 
E 2 HOH 20 56 58 HOH HOH B . 
E 2 HOH 21 57 59 HOH HOH B . 
E 2 HOH 22 58 60 HOH HOH B . 
E 2 HOH 23 59 64 HOH HOH B . 
E 2 HOH 24 60 66 HOH HOH B . 
E 2 HOH 25 61 70 HOH HOH B . 
E 2 HOH 26 62 71 HOH HOH B . 
E 2 HOH 27 63 74 HOH HOH B . 
E 2 HOH 28 64 77 HOH HOH B . 
F 2 HOH 1  38 3  HOH HOH C . 
F 2 HOH 2  39 5  HOH HOH C . 
F 2 HOH 3  40 6  HOH HOH C . 
F 2 HOH 4  41 9  HOH HOH C . 
F 2 HOH 5  42 11 HOH HOH C . 
F 2 HOH 6  43 14 HOH HOH C . 
F 2 HOH 7  44 17 HOH HOH C . 
F 2 HOH 8  45 22 HOH HOH C . 
F 2 HOH 9  46 24 HOH HOH C . 
F 2 HOH 10 47 29 HOH HOH C . 
F 2 HOH 11 48 32 HOH HOH C . 
F 2 HOH 12 49 35 HOH HOH C . 
F 2 HOH 13 50 38 HOH HOH C . 
F 2 HOH 14 51 41 HOH HOH C . 
F 2 HOH 15 52 43 HOH HOH C . 
F 2 HOH 16 53 50 HOH HOH C . 
F 2 HOH 17 54 51 HOH HOH C . 
F 2 HOH 18 55 54 HOH HOH C . 
F 2 HOH 19 56 56 HOH HOH C . 
F 2 HOH 20 57 69 HOH HOH C . 
F 2 HOH 21 58 75 HOH HOH C . 
# 
_pdbx_struct_assembly.id                   1 
_pdbx_struct_assembly.details              author_and_software_defined_assembly 
_pdbx_struct_assembly.method_details       PISA 
_pdbx_struct_assembly.oligomeric_details   trimeric 
_pdbx_struct_assembly.oligomeric_count     3 
# 
_pdbx_struct_assembly_gen.assembly_id       1 
_pdbx_struct_assembly_gen.oper_expression   1 
_pdbx_struct_assembly_gen.asym_id_list      A,B,C,D,E,F 
# 
loop_
_pdbx_struct_assembly_prop.biol_id 
_pdbx_struct_assembly_prop.type 
_pdbx_struct_assembly_prop.value 
_pdbx_struct_assembly_prop.details 
1 'ABSA (A^2)' 4390 ? 
1 MORE         -32  ? 
1 'SSA (A^2)'  6720 ? 
# 
_pdbx_struct_oper_list.id                   1 
_pdbx_struct_oper_list.type                 'identity operation' 
_pdbx_struct_oper_list.name                 1_555 
_pdbx_struct_oper_list.symmetry_operation   x,y,z 
_pdbx_struct_oper_list.matrix[1][1]         1.0000000000 
_pdbx_struct_oper_list.matrix[1][2]         0.0000000000 
_pdbx_struct_oper_list.matrix[1][3]         0.0000000000 
_pdbx_struct_oper_list.vector[1]            0.0000000000 
_pdbx_struct_oper_list.matrix[2][1]         0.0000000000 
_pdbx_struct_oper_list.matrix[2][2]         1.0000000000 
_pdbx_struct_oper_list.matrix[2][3]         0.0000000000 
_pdbx_struct_oper_list.vector[2]            0.0000000000 
_pdbx_struct_oper_list.matrix[3][1]         0.0000000000 
_pdbx_struct_oper_list.matrix[3][2]         0.0000000000 
_pdbx_struct_oper_list.matrix[3][3]         1.0000000000 
_pdbx_struct_oper_list.vector[3]            0.0000000000 
# 
loop_
_pdbx_audit_revision_history.ordinal 
_pdbx_audit_revision_history.data_content_type 
_pdbx_audit_revision_history.major_revision 
_pdbx_audit_revision_history.minor_revision 
_pdbx_audit_revision_history.revision_date 
1 'Structure model' 1 0 1999-03-19 
2 'Structure model' 1 1 2008-04-26 
3 'Structure model' 1 2 2011-07-13 
4 'Structure model' 1 3 2019-11-06 
5 'Structure model' 1 4 2023-08-09 
# 
_pdbx_audit_revision_details.ordinal             1 
_pdbx_audit_revision_details.revision_ordinal    1 
_pdbx_audit_revision_details.data_content_type   'Structure model' 
_pdbx_audit_revision_details.provider            repository 
_pdbx_audit_revision_details.type                'Initial release' 
_pdbx_audit_revision_details.description         ? 
_pdbx_audit_revision_details.details             ? 
# 
loop_
_pdbx_audit_revision_group.ordinal 
_pdbx_audit_revision_group.revision_ordinal 
_pdbx_audit_revision_group.data_content_type 
_pdbx_audit_revision_group.group 
1 2 'Structure model' 'Version format compliance' 
2 3 'Structure model' 'Version format compliance' 
3 4 'Structure model' 'Data collection'           
4 4 'Structure model' 'Database references'       
5 5 'Structure model' 'Data collection'           
6 5 'Structure model' 'Database references'       
7 5 'Structure model' 'Refinement description'    
# 
loop_
_pdbx_audit_revision_category.ordinal 
_pdbx_audit_revision_category.revision_ordinal 
_pdbx_audit_revision_category.data_content_type 
_pdbx_audit_revision_category.category 
1 4 'Structure model' citation                      
2 4 'Structure model' citation_author               
3 5 'Structure model' chem_comp_atom                
4 5 'Structure model' chem_comp_bond                
5 5 'Structure model' database_2                    
6 5 'Structure model' pdbx_initial_refinement_model 
# 
loop_
_pdbx_audit_revision_item.ordinal 
_pdbx_audit_revision_item.revision_ordinal 
_pdbx_audit_revision_item.data_content_type 
_pdbx_audit_revision_item.item 
1 4 'Structure model' '_citation.pdbx_database_id_DOI'      
2 4 'Structure model' '_citation.pdbx_database_id_PubMed'   
3 4 'Structure model' '_citation.title'                     
4 4 'Structure model' '_citation_author.name'               
5 5 'Structure model' '_database_2.pdbx_DOI'                
6 5 'Structure model' '_database_2.pdbx_database_accession' 
# 
loop_
_software.name 
_software.classification 
_software.version 
_software.citation_id 
_software.pdbx_ordinal 
AMoRE     phasing          .     ? 1 
X-PLOR    refinement       3.851 ? 2 
DENZO     'data reduction' .     ? 3 
SCALEPACK 'data scaling'   .     ? 4 
# 
_pdbx_validate_rmsd_angle.id                         1 
_pdbx_validate_rmsd_angle.PDB_model_num              1 
_pdbx_validate_rmsd_angle.auth_atom_id_1             N 
_pdbx_validate_rmsd_angle.auth_asym_id_1             A 
_pdbx_validate_rmsd_angle.auth_comp_id_1             LEU 
_pdbx_validate_rmsd_angle.auth_seq_id_1              33 
_pdbx_validate_rmsd_angle.PDB_ins_code_1             ? 
_pdbx_validate_rmsd_angle.label_alt_id_1             ? 
_pdbx_validate_rmsd_angle.auth_atom_id_2             CA 
_pdbx_validate_rmsd_angle.auth_asym_id_2             A 
_pdbx_validate_rmsd_angle.auth_comp_id_2             LEU 
_pdbx_validate_rmsd_angle.auth_seq_id_2              33 
_pdbx_validate_rmsd_angle.PDB_ins_code_2             ? 
_pdbx_validate_rmsd_angle.label_alt_id_2             ? 
_pdbx_validate_rmsd_angle.auth_atom_id_3             C 
_pdbx_validate_rmsd_angle.auth_asym_id_3             A 
_pdbx_validate_rmsd_angle.auth_comp_id_3             LEU 
_pdbx_validate_rmsd_angle.auth_seq_id_3              33 
_pdbx_validate_rmsd_angle.PDB_ins_code_3             ? 
_pdbx_validate_rmsd_angle.label_alt_id_3             ? 
_pdbx_validate_rmsd_angle.angle_value                88.94 
_pdbx_validate_rmsd_angle.angle_target_value         111.00 
_pdbx_validate_rmsd_angle.angle_deviation            -22.06 
_pdbx_validate_rmsd_angle.angle_standard_deviation   2.70 
_pdbx_validate_rmsd_angle.linker_flag                N 
# 
loop_
_pdbx_validate_torsion.id 
_pdbx_validate_torsion.PDB_model_num 
_pdbx_validate_torsion.auth_comp_id 
_pdbx_validate_torsion.auth_asym_id 
_pdbx_validate_torsion.auth_seq_id 
_pdbx_validate_torsion.PDB_ins_code 
_pdbx_validate_torsion.label_alt_id 
_pdbx_validate_torsion.phi 
_pdbx_validate_torsion.psi 
1 1 LEU A 33 ? ? -162.87 17.91 
2 1 LEU A 34 ? ? -172.48 51.60 
# 
loop_
_pdbx_unobs_or_zero_occ_atoms.id 
_pdbx_unobs_or_zero_occ_atoms.PDB_model_num 
_pdbx_unobs_or_zero_occ_atoms.polymer_flag 
_pdbx_unobs_or_zero_occ_atoms.occupancy_flag 
_pdbx_unobs_or_zero_occ_atoms.auth_asym_id 
_pdbx_unobs_or_zero_occ_atoms.auth_comp_id 
_pdbx_unobs_or_zero_occ_atoms.auth_seq_id 
_pdbx_unobs_or_zero_occ_atoms.PDB_ins_code 
_pdbx_unobs_or_zero_occ_atoms.auth_atom_id 
_pdbx_unobs_or_zero_occ_atoms.label_alt_id 
_pdbx_unobs_or_zero_occ_atoms.label_asym_id 
_pdbx_unobs_or_zero_occ_atoms.label_comp_id 
_pdbx_unobs_or_zero_occ_atoms.label_seq_id 
_pdbx_unobs_or_zero_occ_atoms.label_atom_id 
1 1 Y 1 B GLN 4 ? CG  ? B GLN 4 CG  
2 1 Y 1 B GLN 4 ? CD  ? B GLN 4 CD  
3 1 Y 1 B GLN 4 ? OE1 ? B GLN 4 OE1 
4 1 Y 1 B GLN 4 ? NE2 ? B GLN 4 NE2 
5 1 Y 1 C GLN 4 ? CG  ? C GLN 4 CG  
6 1 Y 1 C GLN 4 ? CD  ? C GLN 4 CD  
7 1 Y 1 C GLN 4 ? OE1 ? C GLN 4 OE1 
8 1 Y 1 C GLN 4 ? NE2 ? C GLN 4 NE2 
# 
loop_
_pdbx_unobs_or_zero_occ_residues.id 
_pdbx_unobs_or_zero_occ_residues.PDB_model_num 
_pdbx_unobs_or_zero_occ_residues.polymer_flag 
_pdbx_unobs_or_zero_occ_residues.occupancy_flag 
_pdbx_unobs_or_zero_occ_residues.auth_asym_id 
_pdbx_unobs_or_zero_occ_residues.auth_comp_id 
_pdbx_unobs_or_zero_occ_residues.auth_seq_id 
_pdbx_unobs_or_zero_occ_residues.PDB_ins_code 
_pdbx_unobs_or_zero_occ_residues.label_asym_id 
_pdbx_unobs_or_zero_occ_residues.label_comp_id 
_pdbx_unobs_or_zero_occ_residues.label_seq_id 
1 1 Y 1 A GLU 36 ? A GLU 36 
2 1 Y 1 A ARG 37 ? A ARG 37 
3 1 Y 1 B ARG 37 ? B ARG 37 
4 1 Y 1 C GLU 36 ? C GLU 36 
5 1 Y 1 C ARG 37 ? C ARG 37 
# 
loop_
_chem_comp_atom.comp_id 
_chem_comp_atom.atom_id 
_chem_comp_atom.type_symbol 
_chem_comp_atom.pdbx_aromatic_flag 
_chem_comp_atom.pdbx_stereo_config 
_chem_comp_atom.pdbx_ordinal 
ALA N    N N N 1   
ALA CA   C N S 2   
ALA C    C N N 3   
ALA O    O N N 4   
ALA CB   C N N 5   
ALA OXT  O N N 6   
ALA H    H N N 7   
ALA H2   H N N 8   
ALA HA   H N N 9   
ALA HB1  H N N 10  
ALA HB2  H N N 11  
ALA HB3  H N N 12  
ALA HXT  H N N 13  
ARG N    N N N 14  
ARG CA   C N S 15  
ARG C    C N N 16  
ARG O    O N N 17  
ARG CB   C N N 18  
ARG CG   C N N 19  
ARG CD   C N N 20  
ARG NE   N N N 21  
ARG CZ   C N N 22  
ARG NH1  N N N 23  
ARG NH2  N N N 24  
ARG OXT  O N N 25  
ARG H    H N N 26  
ARG H2   H N N 27  
ARG HA   H N N 28  
ARG HB2  H N N 29  
ARG HB3  H N N 30  
ARG HG2  H N N 31  
ARG HG3  H N N 32  
ARG HD2  H N N 33  
ARG HD3  H N N 34  
ARG HE   H N N 35  
ARG HH11 H N N 36  
ARG HH12 H N N 37  
ARG HH21 H N N 38  
ARG HH22 H N N 39  
ARG HXT  H N N 40  
ASN N    N N N 41  
ASN CA   C N S 42  
ASN C    C N N 43  
ASN O    O N N 44  
ASN CB   C N N 45  
ASN CG   C N N 46  
ASN OD1  O N N 47  
ASN ND2  N N N 48  
ASN OXT  O N N 49  
ASN H    H N N 50  
ASN H2   H N N 51  
ASN HA   H N N 52  
ASN HB2  H N N 53  
ASN HB3  H N N 54  
ASN HD21 H N N 55  
ASN HD22 H N N 56  
ASN HXT  H N N 57  
ASP N    N N N 58  
ASP CA   C N S 59  
ASP C    C N N 60  
ASP O    O N N 61  
ASP CB   C N N 62  
ASP CG   C N N 63  
ASP OD1  O N N 64  
ASP OD2  O N N 65  
ASP OXT  O N N 66  
ASP H    H N N 67  
ASP H2   H N N 68  
ASP HA   H N N 69  
ASP HB2  H N N 70  
ASP HB3  H N N 71  
ASP HD2  H N N 72  
ASP HXT  H N N 73  
GLN N    N N N 74  
GLN CA   C N S 75  
GLN C    C N N 76  
GLN O    O N N 77  
GLN CB   C N N 78  
GLN CG   C N N 79  
GLN CD   C N N 80  
GLN OE1  O N N 81  
GLN NE2  N N N 82  
GLN OXT  O N N 83  
GLN H    H N N 84  
GLN H2   H N N 85  
GLN HA   H N N 86  
GLN HB2  H N N 87  
GLN HB3  H N N 88  
GLN HG2  H N N 89  
GLN HG3  H N N 90  
GLN HE21 H N N 91  
GLN HE22 H N N 92  
GLN HXT  H N N 93  
GLU N    N N N 94  
GLU CA   C N S 95  
GLU C    C N N 96  
GLU O    O N N 97  
GLU CB   C N N 98  
GLU CG   C N N 99  
GLU CD   C N N 100 
GLU OE1  O N N 101 
GLU OE2  O N N 102 
GLU OXT  O N N 103 
GLU H    H N N 104 
GLU H2   H N N 105 
GLU HA   H N N 106 
GLU HB2  H N N 107 
GLU HB3  H N N 108 
GLU HG2  H N N 109 
GLU HG3  H N N 110 
GLU HE2  H N N 111 
GLU HXT  H N N 112 
GLY N    N N N 113 
GLY CA   C N N 114 
GLY C    C N N 115 
GLY O    O N N 116 
GLY OXT  O N N 117 
GLY H    H N N 118 
GLY H2   H N N 119 
GLY HA2  H N N 120 
GLY HA3  H N N 121 
GLY HXT  H N N 122 
HIS N    N N N 123 
HIS CA   C N S 124 
HIS C    C N N 125 
HIS O    O N N 126 
HIS CB   C N N 127 
HIS CG   C Y N 128 
HIS ND1  N Y N 129 
HIS CD2  C Y N 130 
HIS CE1  C Y N 131 
HIS NE2  N Y N 132 
HIS OXT  O N N 133 
HIS H    H N N 134 
HIS H2   H N N 135 
HIS HA   H N N 136 
HIS HB2  H N N 137 
HIS HB3  H N N 138 
HIS HD1  H N N 139 
HIS HD2  H N N 140 
HIS HE1  H N N 141 
HIS HE2  H N N 142 
HIS HXT  H N N 143 
HOH O    O N N 144 
HOH H1   H N N 145 
HOH H2   H N N 146 
ILE N    N N N 147 
ILE CA   C N S 148 
ILE C    C N N 149 
ILE O    O N N 150 
ILE CB   C N S 151 
ILE CG1  C N N 152 
ILE CG2  C N N 153 
ILE CD1  C N N 154 
ILE OXT  O N N 155 
ILE H    H N N 156 
ILE H2   H N N 157 
ILE HA   H N N 158 
ILE HB   H N N 159 
ILE HG12 H N N 160 
ILE HG13 H N N 161 
ILE HG21 H N N 162 
ILE HG22 H N N 163 
ILE HG23 H N N 164 
ILE HD11 H N N 165 
ILE HD12 H N N 166 
ILE HD13 H N N 167 
ILE HXT  H N N 168 
LEU N    N N N 169 
LEU CA   C N S 170 
LEU C    C N N 171 
LEU O    O N N 172 
LEU CB   C N N 173 
LEU CG   C N N 174 
LEU CD1  C N N 175 
LEU CD2  C N N 176 
LEU OXT  O N N 177 
LEU H    H N N 178 
LEU H2   H N N 179 
LEU HA   H N N 180 
LEU HB2  H N N 181 
LEU HB3  H N N 182 
LEU HG   H N N 183 
LEU HD11 H N N 184 
LEU HD12 H N N 185 
LEU HD13 H N N 186 
LEU HD21 H N N 187 
LEU HD22 H N N 188 
LEU HD23 H N N 189 
LEU HXT  H N N 190 
LYS N    N N N 191 
LYS CA   C N S 192 
LYS C    C N N 193 
LYS O    O N N 194 
LYS CB   C N N 195 
LYS CG   C N N 196 
LYS CD   C N N 197 
LYS CE   C N N 198 
LYS NZ   N N N 199 
LYS OXT  O N N 200 
LYS H    H N N 201 
LYS H2   H N N 202 
LYS HA   H N N 203 
LYS HB2  H N N 204 
LYS HB3  H N N 205 
LYS HG2  H N N 206 
LYS HG3  H N N 207 
LYS HD2  H N N 208 
LYS HD3  H N N 209 
LYS HE2  H N N 210 
LYS HE3  H N N 211 
LYS HZ1  H N N 212 
LYS HZ2  H N N 213 
LYS HZ3  H N N 214 
LYS HXT  H N N 215 
SER N    N N N 216 
SER CA   C N S 217 
SER C    C N N 218 
SER O    O N N 219 
SER CB   C N N 220 
SER OG   O N N 221 
SER OXT  O N N 222 
SER H    H N N 223 
SER H2   H N N 224 
SER HA   H N N 225 
SER HB2  H N N 226 
SER HB3  H N N 227 
SER HG   H N N 228 
SER HXT  H N N 229 
THR N    N N N 230 
THR CA   C N S 231 
THR C    C N N 232 
THR O    O N N 233 
THR CB   C N R 234 
THR OG1  O N N 235 
THR CG2  C N N 236 
THR OXT  O N N 237 
THR H    H N N 238 
THR H2   H N N 239 
THR HA   H N N 240 
THR HB   H N N 241 
THR HG1  H N N 242 
THR HG21 H N N 243 
THR HG22 H N N 244 
THR HG23 H N N 245 
THR HXT  H N N 246 
TYR N    N N N 247 
TYR CA   C N S 248 
TYR C    C N N 249 
TYR O    O N N 250 
TYR CB   C N N 251 
TYR CG   C Y N 252 
TYR CD1  C Y N 253 
TYR CD2  C Y N 254 
TYR CE1  C Y N 255 
TYR CE2  C Y N 256 
TYR CZ   C Y N 257 
TYR OH   O N N 258 
TYR OXT  O N N 259 
TYR H    H N N 260 
TYR H2   H N N 261 
TYR HA   H N N 262 
TYR HB2  H N N 263 
TYR HB3  H N N 264 
TYR HD1  H N N 265 
TYR HD2  H N N 266 
TYR HE1  H N N 267 
TYR HE2  H N N 268 
TYR HH   H N N 269 
TYR HXT  H N N 270 
VAL N    N N N 271 
VAL CA   C N S 272 
VAL C    C N N 273 
VAL O    O N N 274 
VAL CB   C N N 275 
VAL CG1  C N N 276 
VAL CG2  C N N 277 
VAL OXT  O N N 278 
VAL H    H N N 279 
VAL H2   H N N 280 
VAL HA   H N N 281 
VAL HB   H N N 282 
VAL HG11 H N N 283 
VAL HG12 H N N 284 
VAL HG13 H N N 285 
VAL HG21 H N N 286 
VAL HG22 H N N 287 
VAL HG23 H N N 288 
VAL HXT  H N N 289 
# 
loop_
_chem_comp_bond.comp_id 
_chem_comp_bond.atom_id_1 
_chem_comp_bond.atom_id_2 
_chem_comp_bond.value_order 
_chem_comp_bond.pdbx_aromatic_flag 
_chem_comp_bond.pdbx_stereo_config 
_chem_comp_bond.pdbx_ordinal 
ALA N   CA   sing N N 1   
ALA N   H    sing N N 2   
ALA N   H2   sing N N 3   
ALA CA  C    sing N N 4   
ALA CA  CB   sing N N 5   
ALA CA  HA   sing N N 6   
ALA C   O    doub N N 7   
ALA C   OXT  sing N N 8   
ALA CB  HB1  sing N N 9   
ALA CB  HB2  sing N N 10  
ALA CB  HB3  sing N N 11  
ALA OXT HXT  sing N N 12  
ARG N   CA   sing N N 13  
ARG N   H    sing N N 14  
ARG N   H2   sing N N 15  
ARG CA  C    sing N N 16  
ARG CA  CB   sing N N 17  
ARG CA  HA   sing N N 18  
ARG C   O    doub N N 19  
ARG C   OXT  sing N N 20  
ARG CB  CG   sing N N 21  
ARG CB  HB2  sing N N 22  
ARG CB  HB3  sing N N 23  
ARG CG  CD   sing N N 24  
ARG CG  HG2  sing N N 25  
ARG CG  HG3  sing N N 26  
ARG CD  NE   sing N N 27  
ARG CD  HD2  sing N N 28  
ARG CD  HD3  sing N N 29  
ARG NE  CZ   sing N N 30  
ARG NE  HE   sing N N 31  
ARG CZ  NH1  sing N N 32  
ARG CZ  NH2  doub N N 33  
ARG NH1 HH11 sing N N 34  
ARG NH1 HH12 sing N N 35  
ARG NH2 HH21 sing N N 36  
ARG NH2 HH22 sing N N 37  
ARG OXT HXT  sing N N 38  
ASN N   CA   sing N N 39  
ASN N   H    sing N N 40  
ASN N   H2   sing N N 41  
ASN CA  C    sing N N 42  
ASN CA  CB   sing N N 43  
ASN CA  HA   sing N N 44  
ASN C   O    doub N N 45  
ASN C   OXT  sing N N 46  
ASN CB  CG   sing N N 47  
ASN CB  HB2  sing N N 48  
ASN CB  HB3  sing N N 49  
ASN CG  OD1  doub N N 50  
ASN CG  ND2  sing N N 51  
ASN ND2 HD21 sing N N 52  
ASN ND2 HD22 sing N N 53  
ASN OXT HXT  sing N N 54  
ASP N   CA   sing N N 55  
ASP N   H    sing N N 56  
ASP N   H2   sing N N 57  
ASP CA  C    sing N N 58  
ASP CA  CB   sing N N 59  
ASP CA  HA   sing N N 60  
ASP C   O    doub N N 61  
ASP C   OXT  sing N N 62  
ASP CB  CG   sing N N 63  
ASP CB  HB2  sing N N 64  
ASP CB  HB3  sing N N 65  
ASP CG  OD1  doub N N 66  
ASP CG  OD2  sing N N 67  
ASP OD2 HD2  sing N N 68  
ASP OXT HXT  sing N N 69  
GLN N   CA   sing N N 70  
GLN N   H    sing N N 71  
GLN N   H2   sing N N 72  
GLN CA  C    sing N N 73  
GLN CA  CB   sing N N 74  
GLN CA  HA   sing N N 75  
GLN C   O    doub N N 76  
GLN C   OXT  sing N N 77  
GLN CB  CG   sing N N 78  
GLN CB  HB2  sing N N 79  
GLN CB  HB3  sing N N 80  
GLN CG  CD   sing N N 81  
GLN CG  HG2  sing N N 82  
GLN CG  HG3  sing N N 83  
GLN CD  OE1  doub N N 84  
GLN CD  NE2  sing N N 85  
GLN NE2 HE21 sing N N 86  
GLN NE2 HE22 sing N N 87  
GLN OXT HXT  sing N N 88  
GLU N   CA   sing N N 89  
GLU N   H    sing N N 90  
GLU N   H2   sing N N 91  
GLU CA  C    sing N N 92  
GLU CA  CB   sing N N 93  
GLU CA  HA   sing N N 94  
GLU C   O    doub N N 95  
GLU C   OXT  sing N N 96  
GLU CB  CG   sing N N 97  
GLU CB  HB2  sing N N 98  
GLU CB  HB3  sing N N 99  
GLU CG  CD   sing N N 100 
GLU CG  HG2  sing N N 101 
GLU CG  HG3  sing N N 102 
GLU CD  OE1  doub N N 103 
GLU CD  OE2  sing N N 104 
GLU OE2 HE2  sing N N 105 
GLU OXT HXT  sing N N 106 
GLY N   CA   sing N N 107 
GLY N   H    sing N N 108 
GLY N   H2   sing N N 109 
GLY CA  C    sing N N 110 
GLY CA  HA2  sing N N 111 
GLY CA  HA3  sing N N 112 
GLY C   O    doub N N 113 
GLY C   OXT  sing N N 114 
GLY OXT HXT  sing N N 115 
HIS N   CA   sing N N 116 
HIS N   H    sing N N 117 
HIS N   H2   sing N N 118 
HIS CA  C    sing N N 119 
HIS CA  CB   sing N N 120 
HIS CA  HA   sing N N 121 
HIS C   O    doub N N 122 
HIS C   OXT  sing N N 123 
HIS CB  CG   sing N N 124 
HIS CB  HB2  sing N N 125 
HIS CB  HB3  sing N N 126 
HIS CG  ND1  sing Y N 127 
HIS CG  CD2  doub Y N 128 
HIS ND1 CE1  doub Y N 129 
HIS ND1 HD1  sing N N 130 
HIS CD2 NE2  sing Y N 131 
HIS CD2 HD2  sing N N 132 
HIS CE1 NE2  sing Y N 133 
HIS CE1 HE1  sing N N 134 
HIS NE2 HE2  sing N N 135 
HIS OXT HXT  sing N N 136 
HOH O   H1   sing N N 137 
HOH O   H2   sing N N 138 
ILE N   CA   sing N N 139 
ILE N   H    sing N N 140 
ILE N   H2   sing N N 141 
ILE CA  C    sing N N 142 
ILE CA  CB   sing N N 143 
ILE CA  HA   sing N N 144 
ILE C   O    doub N N 145 
ILE C   OXT  sing N N 146 
ILE CB  CG1  sing N N 147 
ILE CB  CG2  sing N N 148 
ILE CB  HB   sing N N 149 
ILE CG1 CD1  sing N N 150 
ILE CG1 HG12 sing N N 151 
ILE CG1 HG13 sing N N 152 
ILE CG2 HG21 sing N N 153 
ILE CG2 HG22 sing N N 154 
ILE CG2 HG23 sing N N 155 
ILE CD1 HD11 sing N N 156 
ILE CD1 HD12 sing N N 157 
ILE CD1 HD13 sing N N 158 
ILE OXT HXT  sing N N 159 
LEU N   CA   sing N N 160 
LEU N   H    sing N N 161 
LEU N   H2   sing N N 162 
LEU CA  C    sing N N 163 
LEU CA  CB   sing N N 164 
LEU CA  HA   sing N N 165 
LEU C   O    doub N N 166 
LEU C   OXT  sing N N 167 
LEU CB  CG   sing N N 168 
LEU CB  HB2  sing N N 169 
LEU CB  HB3  sing N N 170 
LEU CG  CD1  sing N N 171 
LEU CG  CD2  sing N N 172 
LEU CG  HG   sing N N 173 
LEU CD1 HD11 sing N N 174 
LEU CD1 HD12 sing N N 175 
LEU CD1 HD13 sing N N 176 
LEU CD2 HD21 sing N N 177 
LEU CD2 HD22 sing N N 178 
LEU CD2 HD23 sing N N 179 
LEU OXT HXT  sing N N 180 
LYS N   CA   sing N N 181 
LYS N   H    sing N N 182 
LYS N   H2   sing N N 183 
LYS CA  C    sing N N 184 
LYS CA  CB   sing N N 185 
LYS CA  HA   sing N N 186 
LYS C   O    doub N N 187 
LYS C   OXT  sing N N 188 
LYS CB  CG   sing N N 189 
LYS CB  HB2  sing N N 190 
LYS CB  HB3  sing N N 191 
LYS CG  CD   sing N N 192 
LYS CG  HG2  sing N N 193 
LYS CG  HG3  sing N N 194 
LYS CD  CE   sing N N 195 
LYS CD  HD2  sing N N 196 
LYS CD  HD3  sing N N 197 
LYS CE  NZ   sing N N 198 
LYS CE  HE2  sing N N 199 
LYS CE  HE3  sing N N 200 
LYS NZ  HZ1  sing N N 201 
LYS NZ  HZ2  sing N N 202 
LYS NZ  HZ3  sing N N 203 
LYS OXT HXT  sing N N 204 
SER N   CA   sing N N 205 
SER N   H    sing N N 206 
SER N   H2   sing N N 207 
SER CA  C    sing N N 208 
SER CA  CB   sing N N 209 
SER CA  HA   sing N N 210 
SER C   O    doub N N 211 
SER C   OXT  sing N N 212 
SER CB  OG   sing N N 213 
SER CB  HB2  sing N N 214 
SER CB  HB3  sing N N 215 
SER OG  HG   sing N N 216 
SER OXT HXT  sing N N 217 
THR N   CA   sing N N 218 
THR N   H    sing N N 219 
THR N   H2   sing N N 220 
THR CA  C    sing N N 221 
THR CA  CB   sing N N 222 
THR CA  HA   sing N N 223 
THR C   O    doub N N 224 
THR C   OXT  sing N N 225 
THR CB  OG1  sing N N 226 
THR CB  CG2  sing N N 227 
THR CB  HB   sing N N 228 
THR OG1 HG1  sing N N 229 
THR CG2 HG21 sing N N 230 
THR CG2 HG22 sing N N 231 
THR CG2 HG23 sing N N 232 
THR OXT HXT  sing N N 233 
TYR N   CA   sing N N 234 
TYR N   H    sing N N 235 
TYR N   H2   sing N N 236 
TYR CA  C    sing N N 237 
TYR CA  CB   sing N N 238 
TYR CA  HA   sing N N 239 
TYR C   O    doub N N 240 
TYR C   OXT  sing N N 241 
TYR CB  CG   sing N N 242 
TYR CB  HB2  sing N N 243 
TYR CB  HB3  sing N N 244 
TYR CG  CD1  doub Y N 245 
TYR CG  CD2  sing Y N 246 
TYR CD1 CE1  sing Y N 247 
TYR CD1 HD1  sing N N 248 
TYR CD2 CE2  doub Y N 249 
TYR CD2 HD2  sing N N 250 
TYR CE1 CZ   doub Y N 251 
TYR CE1 HE1  sing N N 252 
TYR CE2 CZ   sing Y N 253 
TYR CE2 HE2  sing N N 254 
TYR CZ  OH   sing N N 255 
TYR OH  HH   sing N N 256 
TYR OXT HXT  sing N N 257 
VAL N   CA   sing N N 258 
VAL N   H    sing N N 259 
VAL N   H2   sing N N 260 
VAL CA  C    sing N N 261 
VAL CA  CB   sing N N 262 
VAL CA  HA   sing N N 263 
VAL C   O    doub N N 264 
VAL C   OXT  sing N N 265 
VAL CB  CG1  sing N N 266 
VAL CB  CG2  sing N N 267 
VAL CB  HB   sing N N 268 
VAL CG1 HG11 sing N N 269 
VAL CG1 HG12 sing N N 270 
VAL CG1 HG13 sing N N 271 
VAL CG2 HG21 sing N N 272 
VAL CG2 HG22 sing N N 273 
VAL CG2 HG23 sing N N 274 
VAL OXT HXT  sing N N 275 
# 
_pdbx_entity_nonpoly.entity_id   2 
_pdbx_entity_nonpoly.name        water 
_pdbx_entity_nonpoly.comp_id     HOH 
# 
_pdbx_initial_refinement_model.id               1 
_pdbx_initial_refinement_model.entity_id_list   ? 
_pdbx_initial_refinement_model.type             'experimental model' 
_pdbx_initial_refinement_model.source_name      PDB 
_pdbx_initial_refinement_model.accession_code   1GCM 
_pdbx_initial_refinement_model.details          'PDB ENTRY 1GCM' 
# 
